data_5AHS
#
_entry.id   5AHS
#
_cell.length_a   100.066
_cell.length_b   233.493
_cell.length_c   121.285
_cell.angle_alpha   90.00
_cell.angle_beta   90.00
_cell.angle_gamma   90.00
#
_symmetry.space_group_name_H-M   'P 21 21 2'
#
loop_
_entity.id
_entity.type
_entity.pdbx_description
1 polymer 'ACYL-COA DEHYDROGENASE'
2 non-polymer 'FLAVIN-ADENINE DINUCLEOTIDE'
3 non-polymer 'COENZYME A'
4 non-polymer 'SUCCINIC ACID'
5 non-polymer 'SULFATE ION'
6 water water
#
_entity_poly.entity_id   1
_entity_poly.type   'polypeptide(L)'
_entity_poly.pdbx_seq_one_letter_code
;MYELTPEQRTLQTQARELAQSVFASTAVQTDLTEQYPWDNVAQLRDAGFMGMMLPTSVGGRGLSTLDTVIVIEEMAKACA
TMGRITVDSNLGAIGAITKYGSEEQIKLAADLVLAGDKPAICISEPNAGSAASEMTTRADKNGDHYILNGEKYWITGGGV
SKLHLIFARVFDDGVEQGIGAFITVLDDHGPEGLKVGRRLYAMGVRGIPETHLEFHDLKIHKSMMITFPDGLKRGFAALM
SAYNAQRVGAGAVALGIAQCAFEEGVAYLKRREQFGRPLAEFQGLQWMVADMSVQLEAARLMLRSAAVSGETFPDINKAA
QAKIFAAETANKVTNDALQFFGSSGYGRHNPMERHVRDARMFTIAGGTAQILRTQVASKILDMKLPQTRDGYLKAAQNSK
R
;
_entity_poly.pdbx_strand_id   A,B,C,D,E,F
#
loop_
_chem_comp.id
_chem_comp.type
_chem_comp.name
_chem_comp.formula
COA non-polymer 'COENZYME A' 'C21 H36 N7 O16 P3 S'
FAD non-polymer 'FLAVIN-ADENINE DINUCLEOTIDE' 'C27 H33 N9 O15 P2'
SIN non-polymer 'SUCCINIC ACID' 'C4 H6 O4'
SO4 non-polymer 'SULFATE ION' 'O4 S -2'
#
# COMPACT_ATOMS: atom_id res chain seq x y z
N TYR A 2 23.54 55.14 19.22
CA TYR A 2 23.49 53.85 18.55
C TYR A 2 23.42 52.70 19.57
N GLU A 3 22.83 52.99 20.73
CA GLU A 3 22.73 52.02 21.81
C GLU A 3 21.37 52.14 22.49
N LEU A 4 20.92 51.05 23.11
CA LEU A 4 19.61 51.03 23.76
C LEU A 4 19.59 51.89 25.02
N THR A 5 18.46 52.55 25.25
CA THR A 5 18.24 53.33 26.46
C THR A 5 18.07 52.38 27.65
N PRO A 6 18.33 52.88 28.87
CA PRO A 6 18.13 52.06 30.08
C PRO A 6 16.74 51.43 30.17
N GLU A 7 15.73 52.13 29.68
CA GLU A 7 14.37 51.60 29.69
C GLU A 7 14.22 50.47 28.66
N GLN A 8 14.96 50.58 27.56
CA GLN A 8 14.89 49.58 26.50
C GLN A 8 15.64 48.31 26.87
N ARG A 9 16.69 48.44 27.69
CA ARG A 9 17.40 47.27 28.19
C ARG A 9 16.52 46.50 29.16
N THR A 10 15.75 47.24 29.97
CA THR A 10 14.80 46.64 30.89
C THR A 10 13.74 45.86 30.12
N LEU A 11 13.21 46.48 29.07
CA LEU A 11 12.22 45.84 28.21
C LEU A 11 12.82 44.62 27.51
N GLN A 12 14.09 44.72 27.14
CA GLN A 12 14.81 43.62 26.52
C GLN A 12 14.98 42.46 27.48
N THR A 13 15.36 42.79 28.71
CA THR A 13 15.59 41.79 29.75
C THR A 13 14.29 41.05 30.07
N GLN A 14 13.20 41.82 30.20
CA GLN A 14 11.89 41.25 30.46
C GLN A 14 11.46 40.30 29.33
N ALA A 15 11.74 40.70 28.11
CA ALA A 15 11.40 39.89 26.94
C ALA A 15 12.25 38.61 26.90
N ARG A 16 13.52 38.74 27.23
CA ARG A 16 14.45 37.62 27.19
C ARG A 16 14.13 36.58 28.28
N GLU A 17 13.73 37.06 29.46
CA GLU A 17 13.43 36.17 30.58
C GLU A 17 12.23 35.28 30.27
N LEU A 18 11.18 35.88 29.69
CA LEU A 18 9.99 35.11 29.31
C LEU A 18 10.31 34.10 28.22
N ALA A 19 11.14 34.50 27.27
CA ALA A 19 11.45 33.66 26.11
C ALA A 19 12.32 32.47 26.49
N GLN A 20 13.30 32.69 27.37
CA GLN A 20 14.25 31.64 27.72
C GLN A 20 13.71 30.68 28.78
N SER A 21 12.83 31.18 29.65
CA SER A 21 12.34 30.36 30.76
C SER A 21 11.04 29.63 30.44
N VAL A 22 10.36 30.08 29.39
CA VAL A 22 9.05 29.51 29.03
C VAL A 22 8.98 29.03 27.59
N PHE A 23 9.33 29.91 26.65
CA PHE A 23 9.14 29.63 25.23
C PHE A 23 10.22 28.71 24.63
N ALA A 24 11.46 28.88 25.08
CA ALA A 24 12.60 28.14 24.51
C ALA A 24 12.43 26.63 24.62
N SER A 25 11.85 26.16 25.72
CA SER A 25 11.71 24.72 25.96
C SER A 25 10.54 24.11 25.19
N THR A 26 9.82 24.95 24.45
CA THR A 26 8.65 24.49 23.70
C THR A 26 8.86 24.58 22.19
N ALA A 27 10.01 25.10 21.79
CA ALA A 27 10.29 25.36 20.37
C ALA A 27 10.28 24.08 19.54
N VAL A 28 10.99 23.06 20.01
CA VAL A 28 11.11 21.81 19.29
C VAL A 28 9.76 21.14 19.08
N GLN A 29 8.98 21.03 20.15
CA GLN A 29 7.67 20.37 20.09
C GLN A 29 6.69 21.13 19.21
N THR A 30 6.71 22.46 19.31
CA THR A 30 5.86 23.32 18.49
C THR A 30 6.10 23.05 17.00
N ASP A 31 7.37 22.84 16.65
CA ASP A 31 7.74 22.53 15.27
C ASP A 31 7.29 21.12 14.88
N LEU A 32 7.29 20.21 15.85
CA LEU A 32 6.85 18.84 15.60
C LEU A 32 5.34 18.74 15.40
N THR A 33 4.59 19.34 16.31
CA THR A 33 3.13 19.25 16.29
C THR A 33 2.51 20.18 15.25
N GLU A 34 3.24 21.24 14.92
CA GLU A 34 2.74 22.30 14.04
C GLU A 34 1.46 22.91 14.60
N GLN A 35 1.33 22.87 15.92
CA GLN A 35 0.12 23.34 16.61
C GLN A 35 0.32 24.73 17.21
N TYR A 36 -0.66 25.60 16.99
CA TYR A 36 -0.66 26.94 17.55
C TYR A 36 -0.56 26.88 19.08
N PRO A 37 0.53 27.43 19.63
CA PRO A 37 0.80 27.37 21.07
C PRO A 37 -0.08 28.34 21.88
N TRP A 38 -1.31 27.91 22.16
CA TRP A 38 -2.26 28.74 22.92
C TRP A 38 -1.72 29.11 24.30
N ASP A 39 -1.05 28.17 24.96
CA ASP A 39 -0.53 28.40 26.30
C ASP A 39 0.53 29.50 26.29
N ASN A 40 1.44 29.40 25.33
CA ASN A 40 2.49 30.41 25.15
C ASN A 40 1.93 31.78 24.83
N VAL A 41 0.89 31.82 24.01
CA VAL A 41 0.26 33.09 23.62
C VAL A 41 -0.34 33.77 24.84
N ALA A 42 -0.95 32.98 25.72
CA ALA A 42 -1.54 33.49 26.95
C ALA A 42 -0.48 34.14 27.84
N GLN A 43 0.68 33.48 27.94
CA GLN A 43 1.79 34.03 28.72
C GLN A 43 2.38 35.26 28.05
N LEU A 44 2.37 35.27 26.72
CA LEU A 44 2.84 36.41 25.95
C LEU A 44 1.96 37.64 26.21
N ARG A 45 0.66 37.40 26.34
CA ARG A 45 -0.31 38.44 26.63
C ARG A 45 -0.18 38.97 28.05
N ASP A 46 -0.07 38.04 29.01
CA ASP A 46 0.00 38.41 30.43
C ASP A 46 1.25 39.22 30.74
N ALA A 47 2.29 39.04 29.93
CA ALA A 47 3.53 39.77 30.12
C ALA A 47 3.51 41.11 29.39
N GLY A 48 2.37 41.42 28.78
CA GLY A 48 2.17 42.70 28.13
C GLY A 48 2.92 42.89 26.82
N PHE A 49 3.23 41.79 26.15
CA PHE A 49 4.00 41.85 24.91
C PHE A 49 3.12 41.77 23.67
N MET A 50 1.83 42.04 23.84
CA MET A 50 0.89 42.03 22.72
C MET A 50 0.15 43.35 22.64
N GLY A 51 0.14 43.96 21.46
CA GLY A 51 -0.50 45.25 21.26
C GLY A 51 0.23 46.35 22.01
N MET A 52 1.55 46.26 22.02
CA MET A 52 2.39 47.20 22.76
C MET A 52 2.30 48.63 22.23
N MET A 53 2.02 48.77 20.94
CA MET A 53 2.00 50.09 20.31
C MET A 53 0.61 50.72 20.36
N LEU A 54 -0.35 49.99 20.90
CA LEU A 54 -1.69 50.55 21.12
C LEU A 54 -1.60 51.69 22.13
N PRO A 55 -2.42 52.74 21.94
CA PRO A 55 -2.43 53.87 22.88
C PRO A 55 -2.81 53.44 24.28
N THR A 56 -2.36 54.20 25.29
CA THR A 56 -2.68 53.87 26.67
C THR A 56 -4.17 54.09 26.97
N SER A 57 -4.81 54.90 26.14
CA SER A 57 -6.24 55.21 26.31
C SER A 57 -7.14 54.01 25.98
N VAL A 58 -6.57 53.00 25.33
CA VAL A 58 -7.35 51.80 24.99
C VAL A 58 -6.76 50.56 25.65
N GLY A 59 -5.80 50.77 26.55
CA GLY A 59 -5.22 49.68 27.31
C GLY A 59 -3.83 49.28 26.84
N GLY A 60 -3.33 49.96 25.82
CA GLY A 60 -2.01 49.68 25.29
C GLY A 60 -0.90 50.30 26.11
N ARG A 61 0.35 49.99 25.75
CA ARG A 61 1.50 50.53 26.47
C ARG A 61 2.07 51.74 25.77
N GLY A 62 1.60 51.99 24.55
CA GLY A 62 2.04 53.13 23.76
C GLY A 62 3.52 53.10 23.44
N LEU A 63 4.05 51.90 23.19
CA LEU A 63 5.47 51.75 22.92
C LEU A 63 5.81 52.13 21.47
N SER A 64 7.10 52.07 21.14
CA SER A 64 7.55 52.44 19.80
C SER A 64 7.81 51.21 18.94
N THR A 65 8.06 51.44 17.66
CA THR A 65 8.39 50.35 16.76
C THR A 65 9.69 49.67 17.21
N LEU A 66 10.65 50.48 17.64
CA LEU A 66 11.93 49.96 18.10
C LEU A 66 11.75 49.07 19.33
N ASP A 67 10.86 49.49 20.24
CA ASP A 67 10.55 48.70 21.42
C ASP A 67 10.09 47.29 21.05
N THR A 68 9.19 47.20 20.07
CA THR A 68 8.67 45.91 19.63
C THR A 68 9.76 45.07 18.97
N VAL A 69 10.56 45.71 18.12
CA VAL A 69 11.66 45.03 17.42
C VAL A 69 12.61 44.37 18.41
N ILE A 70 12.89 45.06 19.51
CA ILE A 70 13.73 44.53 20.58
C ILE A 70 13.09 43.30 21.21
N VAL A 71 11.80 43.39 21.49
CA VAL A 71 11.05 42.28 22.07
C VAL A 71 10.95 41.11 21.11
N ILE A 72 10.61 41.41 19.86
CA ILE A 72 10.43 40.41 18.82
C ILE A 72 11.65 39.50 18.65
N GLU A 73 12.84 40.11 18.64
CA GLU A 73 14.07 39.35 18.44
C GLU A 73 14.32 38.35 19.56
N GLU A 74 14.06 38.75 20.79
CA GLU A 74 14.23 37.88 21.94
C GLU A 74 13.29 36.67 21.86
N MET A 75 12.07 36.91 21.41
CA MET A 75 11.11 35.82 21.24
C MET A 75 11.54 34.87 20.14
N ALA A 76 12.06 35.43 19.05
CA ALA A 76 12.50 34.65 17.90
C ALA A 76 13.69 33.77 18.22
N LYS A 77 14.57 34.26 19.10
CA LYS A 77 15.74 33.50 19.50
C LYS A 77 15.34 32.25 20.28
N ALA A 78 14.16 32.28 20.88
CA ALA A 78 13.65 31.13 21.62
C ALA A 78 12.79 30.26 20.72
N CYS A 79 11.89 30.88 19.97
CA CYS A 79 10.98 30.16 19.08
C CYS A 79 10.53 31.05 17.93
N ALA A 80 10.71 30.57 16.72
CA ALA A 80 10.36 31.34 15.52
C ALA A 80 8.87 31.61 15.45
N THR A 81 8.09 30.64 15.92
CA THR A 81 6.64 30.78 15.97
C THR A 81 6.23 31.91 16.90
N MET A 82 6.82 31.95 18.09
CA MET A 82 6.53 33.02 19.04
C MET A 82 7.02 34.36 18.52
N GLY A 83 8.07 34.32 17.70
CA GLY A 83 8.59 35.52 17.07
C GLY A 83 7.58 36.15 16.12
N ARG A 84 7.00 35.33 15.25
CA ARG A 84 6.04 35.82 14.27
C ARG A 84 4.72 36.24 14.92
N ILE A 85 4.32 35.53 15.97
CA ILE A 85 3.13 35.88 16.72
C ILE A 85 3.27 37.27 17.33
N THR A 86 4.44 37.54 17.92
CA THR A 86 4.72 38.85 18.49
C THR A 86 4.64 39.95 17.42
N VAL A 87 5.07 39.63 16.20
CA VAL A 87 5.00 40.59 15.09
C VAL A 87 3.56 40.93 14.72
N ASP A 88 2.78 39.90 14.41
CA ASP A 88 1.40 40.09 13.97
C ASP A 88 0.52 40.71 15.04
N SER A 89 0.87 40.46 16.31
CA SER A 89 0.08 40.96 17.42
C SER A 89 0.57 42.34 17.87
N ASN A 90 1.52 42.91 17.15
CA ASN A 90 2.03 44.25 17.47
C ASN A 90 2.18 45.14 16.24
N LEU A 91 2.42 44.53 15.09
CA LEU A 91 2.66 45.29 13.86
C LEU A 91 1.80 44.77 12.71
N GLY A 92 1.57 45.61 11.71
CA GLY A 92 0.82 45.20 10.53
C GLY A 92 -0.63 45.64 10.55
N ALA A 93 -1.53 44.67 10.65
CA ALA A 93 -2.97 44.94 10.63
C ALA A 93 -3.38 45.82 11.81
N ILE A 94 -2.87 45.51 13.00
CA ILE A 94 -3.19 46.28 14.19
C ILE A 94 -2.61 47.69 14.07
N GLY A 95 -1.53 47.84 13.31
CA GLY A 95 -0.94 49.14 13.07
C GLY A 95 -1.79 50.02 12.17
N ALA A 96 -2.33 49.44 11.10
CA ALA A 96 -3.18 50.18 10.17
C ALA A 96 -4.49 50.58 10.82
N ILE A 97 -5.02 49.71 11.68
CA ILE A 97 -6.26 50.00 12.40
C ILE A 97 -6.01 51.10 13.42
N THR A 98 -4.90 51.00 14.14
CA THR A 98 -4.52 52.02 15.13
C THR A 98 -4.41 53.41 14.51
N LYS A 99 -3.85 53.47 13.31
CA LYS A 99 -3.59 54.75 12.66
C LYS A 99 -4.78 55.31 11.88
N TYR A 100 -5.49 54.44 11.16
CA TYR A 100 -6.52 54.88 10.23
C TYR A 100 -7.94 54.48 10.64
N GLY A 101 -8.05 53.68 11.69
CA GLY A 101 -9.35 53.19 12.13
C GLY A 101 -10.12 54.18 12.98
N SER A 102 -11.44 54.03 13.00
CA SER A 102 -12.30 54.86 13.84
C SER A 102 -12.22 54.38 15.28
N GLU A 103 -12.81 55.15 16.20
CA GLU A 103 -12.79 54.82 17.61
C GLU A 103 -13.36 53.42 17.87
N GLU A 104 -14.47 53.11 17.20
CA GLU A 104 -15.11 51.81 17.33
C GLU A 104 -14.21 50.69 16.83
N GLN A 105 -13.60 50.91 15.67
CA GLN A 105 -12.71 49.93 15.05
C GLN A 105 -11.44 49.70 15.88
N ILE A 106 -10.90 50.78 16.43
CA ILE A 106 -9.72 50.68 17.28
C ILE A 106 -10.04 49.93 18.57
N LYS A 107 -11.19 50.23 19.16
CA LYS A 107 -11.60 49.58 20.40
C LYS A 107 -11.82 48.08 20.20
N LEU A 108 -12.47 47.70 19.11
CA LEU A 108 -12.69 46.30 18.80
C LEU A 108 -11.37 45.56 18.60
N ALA A 109 -10.46 46.17 17.84
CA ALA A 109 -9.16 45.57 17.59
C ALA A 109 -8.34 45.48 18.87
N ALA A 110 -8.36 46.55 19.66
CA ALA A 110 -7.59 46.60 20.89
C ALA A 110 -8.06 45.54 21.89
N ASP A 111 -9.37 45.44 22.08
CA ASP A 111 -9.93 44.48 23.03
C ASP A 111 -9.55 43.05 22.67
N LEU A 112 -9.54 42.74 21.37
CA LEU A 112 -9.19 41.41 20.90
C LEU A 112 -7.71 41.10 21.10
N VAL A 113 -6.85 42.01 20.64
CA VAL A 113 -5.40 41.80 20.75
C VAL A 113 -4.97 41.71 22.20
N LEU A 114 -5.47 42.62 23.04
CA LEU A 114 -5.12 42.63 24.46
C LEU A 114 -5.68 41.41 25.19
N ALA A 115 -6.70 40.79 24.61
CA ALA A 115 -7.26 39.56 25.17
C ALA A 115 -6.44 38.34 24.76
N GLY A 116 -5.52 38.53 23.82
CA GLY A 116 -4.62 37.48 23.40
C GLY A 116 -4.81 37.00 21.97
N ASP A 117 -5.51 37.79 21.16
CA ASP A 117 -5.75 37.41 19.77
C ASP A 117 -4.66 37.95 18.85
N LYS A 118 -4.10 37.06 18.04
CA LYS A 118 -3.15 37.45 17.01
C LYS A 118 -3.90 37.70 15.70
N PRO A 119 -4.06 38.97 15.32
CA PRO A 119 -4.82 39.34 14.11
C PRO A 119 -4.27 38.68 12.85
N ALA A 120 -5.13 38.57 11.84
CA ALA A 120 -4.73 38.01 10.56
C ALA A 120 -4.96 39.02 9.46
N ILE A 121 -3.92 39.29 8.68
CA ILE A 121 -4.05 40.19 7.54
C ILE A 121 -4.28 39.34 6.30
N CYS A 122 -5.15 39.82 5.41
CA CYS A 122 -5.60 39.02 4.29
C CYS A 122 -5.47 39.79 2.98
N ILE A 123 -4.32 39.64 2.34
CA ILE A 123 -4.01 40.39 1.13
C ILE A 123 -3.74 39.45 -0.05
N SER A 124 -2.83 38.50 0.16
CA SER A 124 -2.32 37.66 -0.91
C SER A 124 -3.36 36.68 -1.47
N GLU A 125 -3.32 36.51 -2.78
CA GLU A 125 -4.19 35.57 -3.48
C GLU A 125 -3.35 34.63 -4.34
N PRO A 126 -3.88 33.43 -4.63
CA PRO A 126 -3.17 32.44 -5.45
C PRO A 126 -2.61 33.00 -6.76
N ASN A 127 -3.31 33.98 -7.35
CA ASN A 127 -2.84 34.60 -8.59
C ASN A 127 -2.50 36.07 -8.40
N ALA A 128 -2.35 36.49 -7.16
CA ALA A 128 -2.00 37.88 -6.86
C ALA A 128 -1.12 37.93 -5.61
N GLY A 129 0.18 37.85 -5.82
CA GLY A 129 1.14 37.94 -4.73
C GLY A 129 1.91 39.23 -4.78
N SER A 130 2.99 39.25 -5.56
CA SER A 130 3.80 40.45 -5.72
C SER A 130 2.98 41.56 -6.35
N ALA A 131 2.10 41.21 -7.27
CA ALA A 131 1.18 42.16 -7.87
C ALA A 131 -0.13 42.20 -7.09
N ALA A 132 -0.06 42.67 -5.84
CA ALA A 132 -1.20 42.69 -4.94
C ALA A 132 -2.36 43.53 -5.46
N SER A 133 -2.04 44.51 -6.31
CA SER A 133 -3.06 45.37 -6.90
C SER A 133 -3.91 44.64 -7.94
N GLU A 134 -3.56 43.39 -8.22
CA GLU A 134 -4.30 42.59 -9.18
C GLU A 134 -5.22 41.59 -8.48
N MET A 135 -5.49 41.83 -7.20
CA MET A 135 -6.32 40.92 -6.42
C MET A 135 -7.74 40.87 -6.97
N THR A 136 -8.35 39.69 -6.95
CA THR A 136 -9.69 39.52 -7.52
C THR A 136 -10.79 39.45 -6.46
N THR A 137 -10.39 39.48 -5.20
CA THR A 137 -11.37 39.57 -4.11
C THR A 137 -12.05 40.92 -4.18
N ARG A 138 -13.38 40.91 -4.32
CA ARG A 138 -14.13 42.16 -4.51
C ARG A 138 -15.11 42.40 -3.37
N ALA A 139 -15.42 43.68 -3.16
CA ALA A 139 -16.41 44.07 -2.16
C ALA A 139 -17.45 44.98 -2.79
N ASP A 140 -18.61 44.43 -3.11
CA ASP A 140 -19.69 45.20 -3.72
C ASP A 140 -20.56 45.87 -2.68
N LYS A 141 -20.79 47.16 -2.86
CA LYS A 141 -21.61 47.93 -1.92
C LYS A 141 -23.08 47.52 -2.05
N ASN A 142 -23.74 47.36 -0.90
CA ASN A 142 -25.14 47.01 -0.87
C ASN A 142 -25.83 47.68 0.31
N GLY A 143 -26.35 48.89 0.07
CA GLY A 143 -26.93 49.69 1.12
C GLY A 143 -25.84 50.23 2.02
N ASP A 144 -25.91 49.92 3.31
CA ASP A 144 -24.89 50.33 4.26
C ASP A 144 -23.93 49.18 4.53
N HIS A 145 -23.94 48.19 3.65
CA HIS A 145 -23.06 47.03 3.80
C HIS A 145 -22.18 46.84 2.57
N TYR A 146 -21.22 45.92 2.70
CA TYR A 146 -20.39 45.51 1.57
C TYR A 146 -20.36 43.99 1.49
N ILE A 147 -20.67 43.47 0.31
CA ILE A 147 -20.67 42.02 0.10
C ILE A 147 -19.34 41.57 -0.48
N LEU A 148 -18.61 40.75 0.29
CA LEU A 148 -17.27 40.34 -0.10
C LEU A 148 -17.25 38.94 -0.73
N ASN A 149 -16.65 38.85 -1.90
CA ASN A 149 -16.47 37.57 -2.58
C ASN A 149 -15.05 37.43 -3.11
N GLY A 150 -14.39 36.33 -2.76
CA GLY A 150 -13.03 36.09 -3.21
C GLY A 150 -12.30 35.05 -2.37
N GLU A 151 -10.99 34.95 -2.59
CA GLU A 151 -10.18 33.97 -1.87
C GLU A 151 -8.77 34.51 -1.59
N LYS A 152 -8.27 34.20 -0.40
CA LYS A 152 -6.89 34.52 -0.03
C LYS A 152 -6.18 33.22 0.33
N TYR A 153 -4.85 33.24 0.37
CA TYR A 153 -4.10 32.07 0.81
C TYR A 153 -2.84 32.44 1.57
N TRP A 154 -2.21 31.44 2.18
CA TRP A 154 -1.07 31.63 3.07
C TRP A 154 -1.39 32.61 4.19
N ILE A 155 -2.66 32.64 4.60
CA ILE A 155 -3.10 33.52 5.68
C ILE A 155 -2.55 33.03 7.01
N THR A 156 -1.57 33.75 7.54
CA THR A 156 -0.96 33.41 8.82
C THR A 156 -1.95 33.62 9.96
N GLY A 157 -2.25 32.53 10.67
CA GLY A 157 -3.21 32.57 11.76
C GLY A 157 -4.58 32.07 11.33
N GLY A 158 -4.68 31.60 10.09
CA GLY A 158 -5.93 31.07 9.58
C GLY A 158 -6.44 29.91 10.41
N GLY A 159 -7.62 30.08 10.99
CA GLY A 159 -8.21 29.04 11.83
C GLY A 159 -8.06 29.30 13.31
N VAL A 160 -7.11 30.15 13.69
CA VAL A 160 -6.88 30.47 15.09
C VAL A 160 -7.04 31.97 15.37
N SER A 161 -6.86 32.78 14.33
CA SER A 161 -7.03 34.23 14.47
C SER A 161 -8.51 34.59 14.53
N LYS A 162 -8.84 35.58 15.35
CA LYS A 162 -10.21 36.09 15.40
C LYS A 162 -10.34 37.33 14.54
N LEU A 163 -9.54 38.34 14.86
CA LEU A 163 -9.54 39.58 14.09
C LEU A 163 -8.98 39.36 12.69
N HIS A 164 -9.72 39.82 11.68
CA HIS A 164 -9.29 39.71 10.30
C HIS A 164 -9.33 41.05 9.59
N LEU A 165 -8.24 41.40 8.94
CA LEU A 165 -8.22 42.59 8.09
C LEU A 165 -8.14 42.14 6.63
N ILE A 166 -9.25 42.29 5.91
CA ILE A 166 -9.36 41.78 4.55
C ILE A 166 -9.31 42.88 3.50
N PHE A 167 -8.39 42.74 2.56
CA PHE A 167 -8.25 43.69 1.46
C PHE A 167 -9.02 43.21 0.25
N ALA A 168 -9.82 44.09 -0.34
CA ALA A 168 -10.66 43.72 -1.45
C ALA A 168 -10.89 44.88 -2.40
N ARG A 169 -11.16 44.58 -3.66
CA ARG A 169 -11.46 45.61 -4.64
C ARG A 169 -12.90 46.09 -4.48
N VAL A 170 -13.07 47.35 -4.11
CA VAL A 170 -14.39 47.89 -3.81
C VAL A 170 -15.11 48.36 -5.07
N PHE A 171 -16.34 47.87 -5.26
CA PHE A 171 -17.18 48.27 -6.37
C PHE A 171 -18.45 48.96 -5.89
N ASP A 172 -18.79 50.06 -6.54
CA ASP A 172 -20.00 50.81 -6.19
C ASP A 172 -20.96 50.86 -7.37
N ASP A 173 -22.00 50.03 -7.30
CA ASP A 173 -22.98 49.89 -8.39
C ASP A 173 -22.31 49.48 -9.69
N GLY A 174 -21.29 48.64 -9.58
CA GLY A 174 -20.57 48.16 -10.75
C GLY A 174 -19.29 48.93 -11.03
N VAL A 175 -19.24 50.17 -10.57
CA VAL A 175 -18.08 51.03 -10.79
C VAL A 175 -17.02 50.80 -9.73
N GLU A 176 -15.78 50.57 -10.16
CA GLU A 176 -14.67 50.31 -9.24
C GLU A 176 -14.28 51.57 -8.47
N GLN A 177 -13.97 51.40 -7.19
CA GLN A 177 -13.61 52.52 -6.32
C GLN A 177 -12.14 52.44 -5.88
N GLY A 178 -11.57 51.25 -5.97
CA GLY A 178 -10.21 51.02 -5.52
C GLY A 178 -10.16 49.87 -4.53
N ILE A 179 -9.04 49.74 -3.83
CA ILE A 179 -8.89 48.68 -2.84
C ILE A 179 -9.00 49.23 -1.43
N GLY A 180 -9.86 48.61 -0.63
CA GLY A 180 -10.05 49.01 0.76
C GLY A 180 -9.92 47.84 1.72
N ALA A 181 -9.79 48.14 3.00
CA ALA A 181 -9.64 47.11 4.02
C ALA A 181 -10.93 46.94 4.82
N PHE A 182 -11.27 45.69 5.13
CA PHE A 182 -12.50 45.38 5.85
C PHE A 182 -12.22 44.55 7.10
N ILE A 183 -12.82 44.95 8.21
CA ILE A 183 -12.62 44.26 9.48
C ILE A 183 -13.76 43.28 9.77
N THR A 184 -13.40 42.06 10.13
CA THR A 184 -14.37 41.07 10.55
C THR A 184 -13.77 40.19 11.65
N VAL A 185 -14.62 39.62 12.49
CA VAL A 185 -14.15 38.80 13.60
C VAL A 185 -14.68 37.37 13.47
N LEU A 186 -13.79 36.40 13.63
CA LEU A 186 -14.15 35.00 13.50
C LEU A 186 -14.22 34.32 14.86
N ASP A 187 -15.35 33.67 15.15
CA ASP A 187 -15.52 32.92 16.38
C ASP A 187 -16.20 31.58 16.13
N ASP A 188 -16.61 30.92 17.20
CA ASP A 188 -17.27 29.61 17.11
C ASP A 188 -18.55 29.70 16.28
N HIS A 189 -19.38 30.69 16.59
CA HIS A 189 -20.57 30.96 15.79
C HIS A 189 -20.15 31.46 14.42
N GLY A 190 -19.19 32.38 14.40
CA GLY A 190 -18.58 32.87 13.19
C GLY A 190 -19.47 33.72 12.31
N PRO A 191 -18.86 34.57 11.48
CA PRO A 191 -19.61 35.34 10.48
C PRO A 191 -19.99 34.47 9.28
N GLU A 192 -21.20 34.67 8.76
CA GLU A 192 -21.67 33.87 7.64
C GLU A 192 -20.98 34.30 6.35
N GLY A 193 -20.30 33.36 5.70
CA GLY A 193 -19.61 33.64 4.46
C GLY A 193 -18.10 33.61 4.58
N LEU A 194 -17.60 33.60 5.82
CA LEU A 194 -16.17 33.52 6.05
C LEU A 194 -15.75 32.08 6.32
N LYS A 195 -15.08 31.47 5.34
CA LYS A 195 -14.70 30.07 5.43
C LYS A 195 -13.19 29.90 5.44
N VAL A 196 -12.70 29.15 6.42
CA VAL A 196 -11.28 28.82 6.50
C VAL A 196 -10.95 27.67 5.55
N GLY A 197 -10.10 27.94 4.58
CA GLY A 197 -9.73 26.95 3.59
C GLY A 197 -8.75 25.92 4.10
N ARG A 198 -8.16 25.15 3.18
CA ARG A 198 -7.20 24.12 3.53
C ARG A 198 -5.92 24.71 4.11
N ARG A 199 -5.25 23.95 4.97
CA ARG A 199 -3.99 24.40 5.55
C ARG A 199 -2.81 24.13 4.61
N LEU A 200 -1.96 25.14 4.45
CA LEU A 200 -0.73 25.00 3.67
C LEU A 200 0.44 24.70 4.60
N TYR A 201 0.78 23.42 4.73
CA TYR A 201 1.91 23.03 5.56
C TYR A 201 3.22 23.54 4.98
N ALA A 202 4.06 24.09 5.85
CA ALA A 202 5.22 24.85 5.41
C ALA A 202 6.56 24.24 5.82
N MET A 203 7.63 24.71 5.20
CA MET A 203 8.98 24.24 5.47
C MET A 203 9.37 24.48 6.93
N GLY A 204 9.11 25.69 7.42
CA GLY A 204 9.45 26.05 8.78
C GLY A 204 8.42 26.97 9.42
N VAL A 205 8.72 27.43 10.63
CA VAL A 205 7.78 28.19 11.45
C VAL A 205 6.41 27.51 11.42
N ARG A 206 6.42 26.22 11.71
CA ARG A 206 5.24 25.38 11.53
C ARG A 206 4.20 25.58 12.63
N GLY A 207 4.58 26.32 13.66
CA GLY A 207 3.70 26.57 14.81
C GLY A 207 2.49 27.43 14.52
N ILE A 208 2.50 28.14 13.40
CA ILE A 208 1.34 28.94 13.02
C ILE A 208 0.73 28.42 11.72
N PRO A 209 -0.57 28.11 11.75
CA PRO A 209 -1.25 27.58 10.57
C PRO A 209 -1.36 28.62 9.45
N GLU A 210 -0.88 28.25 8.26
CA GLU A 210 -1.07 29.05 7.07
C GLU A 210 -2.16 28.39 6.23
N THR A 211 -3.25 29.11 6.00
CA THR A 211 -4.40 28.51 5.33
C THR A 211 -4.93 29.36 4.18
N HIS A 212 -5.75 28.74 3.34
CA HIS A 212 -6.57 29.47 2.39
C HIS A 212 -7.71 30.12 3.15
N LEU A 213 -8.37 31.09 2.51
CA LEU A 213 -9.48 31.79 3.14
C LEU A 213 -10.50 32.20 2.08
N GLU A 214 -11.74 31.75 2.25
CA GLU A 214 -12.78 31.99 1.25
C GLU A 214 -13.85 32.94 1.75
N PHE A 215 -14.37 33.77 0.84
CA PHE A 215 -15.42 34.70 1.17
C PHE A 215 -16.64 34.46 0.28
N HIS A 216 -17.70 33.91 0.85
CA HIS A 216 -18.93 33.64 0.10
C HIS A 216 -20.05 34.56 0.56
N ASP A 217 -20.20 35.68 -0.15
CA ASP A 217 -21.18 36.71 0.20
C ASP A 217 -21.03 37.17 1.65
N LEU A 218 -19.79 37.49 2.03
CA LEU A 218 -19.50 37.98 3.37
C LEU A 218 -20.06 39.39 3.55
N LYS A 219 -21.00 39.52 4.46
CA LYS A 219 -21.68 40.79 4.67
C LYS A 219 -20.97 41.64 5.73
N ILE A 220 -20.35 42.72 5.28
CA ILE A 220 -19.63 43.63 6.17
C ILE A 220 -20.29 45.00 6.21
N HIS A 221 -20.66 45.45 7.39
CA HIS A 221 -21.25 46.77 7.55
C HIS A 221 -20.20 47.85 7.31
N LYS A 222 -20.65 49.00 6.80
CA LYS A 222 -19.75 50.09 6.42
C LYS A 222 -18.94 50.64 7.60
N SER A 223 -19.42 50.38 8.82
CA SER A 223 -18.72 50.83 10.01
C SER A 223 -17.48 49.97 10.28
N MET A 224 -17.34 48.88 9.53
CA MET A 224 -16.20 47.99 9.68
C MET A 224 -15.27 48.06 8.47
N MET A 225 -15.48 49.06 7.63
CA MET A 225 -14.56 49.35 6.54
C MET A 225 -13.71 50.56 6.91
N ILE A 226 -12.40 50.40 6.84
CA ILE A 226 -11.50 51.52 7.11
C ILE A 226 -11.69 52.59 6.04
N THR A 227 -12.16 53.75 6.46
CA THR A 227 -12.52 54.81 5.50
C THR A 227 -11.50 55.95 5.51
N PHE A 228 -11.45 56.66 4.39
CA PHE A 228 -10.55 57.80 4.24
C PHE A 228 -11.30 58.99 3.66
N PRO A 229 -11.01 60.20 4.13
CA PRO A 229 -11.66 61.42 3.65
C PRO A 229 -11.30 61.75 2.20
N ASP A 230 -10.18 61.19 1.71
CA ASP A 230 -9.69 61.53 0.38
C ASP A 230 -9.71 60.34 -0.59
N GLY A 231 -10.67 59.45 -0.42
CA GLY A 231 -10.87 58.35 -1.35
C GLY A 231 -10.05 57.11 -1.06
N LEU A 232 -10.46 55.99 -1.65
CA LEU A 232 -9.77 54.71 -1.47
C LEU A 232 -8.57 54.58 -2.39
N LYS A 233 -8.47 55.47 -3.37
CA LYS A 233 -7.36 55.45 -4.32
C LYS A 233 -6.03 55.64 -3.61
N ARG A 234 -6.00 56.55 -2.64
CA ARG A 234 -4.82 56.76 -1.82
C ARG A 234 -4.84 55.84 -0.61
N GLY A 235 -6.03 55.32 -0.30
CA GLY A 235 -6.22 54.44 0.85
C GLY A 235 -5.41 53.16 0.75
N PHE A 236 -5.32 52.61 -0.47
CA PHE A 236 -4.54 51.40 -0.69
C PHE A 236 -3.04 51.70 -0.63
N ALA A 237 -2.68 52.97 -0.70
CA ALA A 237 -1.27 53.37 -0.61
C ALA A 237 -0.87 53.65 0.84
N ALA A 238 -1.86 53.81 1.70
CA ALA A 238 -1.60 54.15 3.10
C ALA A 238 -1.61 52.93 4.02
N LEU A 239 -2.43 51.94 3.68
CA LEU A 239 -2.52 50.72 4.49
C LEU A 239 -1.22 49.91 4.45
N MET A 240 -0.60 49.88 3.28
CA MET A 240 0.67 49.16 3.10
C MET A 240 1.83 49.89 3.77
N SER A 241 1.63 51.16 4.11
CA SER A 241 2.66 51.91 4.82
C SER A 241 2.76 51.37 6.23
N ALA A 242 1.66 50.81 6.72
CA ALA A 242 1.64 50.15 8.02
C ALA A 242 2.41 48.83 7.95
N TYR A 243 2.54 48.31 6.73
CA TYR A 243 3.28 47.07 6.50
C TYR A 243 4.80 47.31 6.53
N ASN A 244 5.20 48.58 6.50
CA ASN A 244 6.62 48.92 6.61
C ASN A 244 7.14 48.58 8.00
N ALA A 245 6.26 48.66 8.99
CA ALA A 245 6.60 48.28 10.35
C ALA A 245 6.63 46.77 10.48
N GLN A 246 5.76 46.10 9.74
CA GLN A 246 5.70 44.64 9.75
CA GLN A 246 5.69 44.64 9.73
C GLN A 246 7.00 44.04 9.24
N ARG A 247 7.54 44.61 8.16
CA ARG A 247 8.76 44.11 7.54
C ARG A 247 9.96 44.21 8.49
N VAL A 248 10.05 45.30 9.25
CA VAL A 248 11.11 45.45 10.23
C VAL A 248 10.98 44.36 11.30
N GLY A 249 9.76 44.13 11.75
CA GLY A 249 9.48 43.08 12.72
C GLY A 249 9.82 41.70 12.17
N ALA A 250 9.44 41.46 10.92
CA ALA A 250 9.76 40.21 10.24
C ALA A 250 11.27 40.02 10.16
N GLY A 251 11.99 41.11 9.90
CA GLY A 251 13.44 41.07 9.86
C GLY A 251 14.04 40.72 11.21
N ALA A 252 13.39 41.20 12.27
CA ALA A 252 13.84 40.92 13.63
C ALA A 252 13.65 39.43 13.96
N VAL A 253 12.62 38.81 13.42
CA VAL A 253 12.42 37.38 13.62
C VAL A 253 13.53 36.59 12.96
N ALA A 254 13.84 36.97 11.71
CA ALA A 254 14.92 36.34 10.97
C ALA A 254 16.24 36.50 11.70
N LEU A 255 16.48 37.70 12.22
CA LEU A 255 17.69 38.00 12.97
C LEU A 255 17.75 37.17 14.24
N GLY A 256 16.62 37.07 14.95
CA GLY A 256 16.54 36.29 16.17
C GLY A 256 16.89 34.83 15.94
N ILE A 257 16.34 34.26 14.88
CA ILE A 257 16.63 32.88 14.51
C ILE A 257 18.13 32.71 14.25
N ALA A 258 18.69 33.62 13.46
CA ALA A 258 20.11 33.58 13.12
C ALA A 258 21.00 33.73 14.36
N GLN A 259 20.65 34.68 15.22
CA GLN A 259 21.41 34.92 16.44
C GLN A 259 21.44 33.69 17.34
N CYS A 260 20.31 33.02 17.46
CA CYS A 260 20.22 31.79 18.25
C CYS A 260 21.13 30.71 17.69
N ALA A 261 21.01 30.46 16.39
CA ALA A 261 21.84 29.46 15.71
C ALA A 261 23.32 29.83 15.84
N PHE A 262 23.62 31.11 15.77
CA PHE A 262 24.97 31.61 15.93
C PHE A 262 25.53 31.26 17.31
N GLU A 263 24.78 31.60 18.35
CA GLU A 263 25.18 31.32 19.73
C GLU A 263 25.38 29.82 19.96
N GLU A 264 24.51 29.01 19.39
CA GLU A 264 24.58 27.56 19.54
C GLU A 264 25.76 26.96 18.79
N GLY A 265 26.06 27.51 17.62
CA GLY A 265 27.19 27.06 16.83
C GLY A 265 28.51 27.41 17.48
N VAL A 266 28.60 28.62 18.03
CA VAL A 266 29.81 29.05 18.71
C VAL A 266 30.05 28.20 19.95
N ALA A 267 29.00 27.93 20.72
CA ALA A 267 29.10 27.11 21.91
C ALA A 267 29.56 25.70 21.57
N TYR A 268 29.13 25.19 20.42
CA TYR A 268 29.48 23.85 19.99
C TYR A 268 30.95 23.75 19.59
N LEU A 269 31.45 24.79 18.92
CA LEU A 269 32.84 24.82 18.47
C LEU A 269 33.81 24.77 19.65
N LYS A 270 33.38 25.27 20.81
CA LYS A 270 34.23 25.32 21.98
C LYS A 270 34.28 24.00 22.75
N ARG A 271 33.22 23.20 22.66
CA ARG A 271 33.17 21.95 23.42
C ARG A 271 33.46 20.71 22.55
N ARG A 272 33.09 20.77 21.28
CA ARG A 272 33.36 19.67 20.36
C ARG A 272 34.84 19.61 20.01
N GLU A 273 35.43 18.43 20.11
CA GLU A 273 36.86 18.29 19.86
C GLU A 273 37.17 17.27 18.77
N GLN A 274 38.03 17.69 17.83
CA GLN A 274 38.57 16.80 16.82
C GLN A 274 40.07 17.06 16.70
N PHE A 275 40.82 16.04 16.32
CA PHE A 275 42.28 16.13 16.20
C PHE A 275 42.93 16.54 17.52
N GLY A 276 42.31 16.16 18.63
CA GLY A 276 42.88 16.39 19.95
C GLY A 276 42.63 17.77 20.53
N ARG A 277 41.73 18.54 19.92
CA ARG A 277 41.46 19.90 20.38
C ARG A 277 40.09 20.40 19.94
N PRO A 278 39.56 21.40 20.66
CA PRO A 278 38.29 22.04 20.27
C PRO A 278 38.33 22.60 18.85
N LEU A 279 37.17 22.63 18.20
CA LEU A 279 37.08 23.12 16.83
C LEU A 279 37.37 24.62 16.74
N ALA A 280 37.17 25.32 17.86
CA ALA A 280 37.35 26.75 17.91
C ALA A 280 38.80 27.17 17.68
N GLU A 281 39.71 26.21 17.71
CA GLU A 281 41.13 26.49 17.51
C GLU A 281 41.54 26.40 16.04
N PHE A 282 40.57 26.12 15.17
CA PHE A 282 40.82 26.08 13.73
C PHE A 282 40.49 27.43 13.09
N GLN A 283 41.46 28.02 12.41
CA GLN A 283 41.35 29.37 11.88
C GLN A 283 40.20 29.53 10.88
N GLY A 284 40.07 28.59 9.96
CA GLY A 284 39.02 28.61 8.96
C GLY A 284 37.64 28.72 9.58
N LEU A 285 37.44 28.06 10.71
CA LEU A 285 36.17 28.12 11.43
C LEU A 285 36.07 29.41 12.23
N GLN A 286 37.21 29.91 12.70
CA GLN A 286 37.25 31.17 13.42
C GLN A 286 36.80 32.33 12.53
N TRP A 287 37.23 32.31 11.29
CA TRP A 287 36.87 33.36 10.34
C TRP A 287 35.40 33.27 9.95
N MET A 288 34.87 32.05 9.91
CA MET A 288 33.44 31.86 9.66
C MET A 288 32.64 32.50 10.78
N VAL A 289 33.07 32.26 12.02
CA VAL A 289 32.47 32.90 13.19
C VAL A 289 32.58 34.41 13.08
N ALA A 290 33.73 34.90 12.65
CA ALA A 290 33.95 36.34 12.49
C ALA A 290 32.99 36.92 11.46
N ASP A 291 32.86 36.24 10.32
CA ASP A 291 31.96 36.69 9.26
C ASP A 291 30.52 36.79 9.74
N MET A 292 30.06 35.77 10.45
CA MET A 292 28.68 35.75 10.93
C MET A 292 28.41 36.90 11.91
N SER A 293 29.32 37.13 12.85
CA SER A 293 29.15 38.21 13.82
C SER A 293 29.07 39.57 13.15
N VAL A 294 29.90 39.78 12.12
CA VAL A 294 29.89 41.03 11.36
C VAL A 294 28.53 41.28 10.72
N GLN A 295 28.00 40.26 10.03
CA GLN A 295 26.72 40.38 9.34
C GLN A 295 25.55 40.51 10.32
N LEU A 296 25.65 39.83 11.47
CA LEU A 296 24.61 39.93 12.49
C LEU A 296 24.57 41.33 13.10
N GLU A 297 25.74 41.88 13.44
CA GLU A 297 25.81 43.24 13.97
C GLU A 297 25.22 44.26 13.00
N ALA A 298 25.60 44.14 11.73
CA ALA A 298 25.09 45.04 10.70
C ALA A 298 23.57 44.91 10.55
N ALA A 299 23.09 43.67 10.55
CA ALA A 299 21.66 43.41 10.43
C ALA A 299 20.88 44.06 11.56
N ARG A 300 21.40 43.93 12.78
CA ARG A 300 20.73 44.49 13.95
C ARG A 300 20.72 46.02 13.87
N LEU A 301 21.81 46.59 13.39
CA LEU A 301 21.88 48.05 13.20
C LEU A 301 20.89 48.52 12.15
N MET A 302 20.82 47.79 11.03
CA MET A 302 19.91 48.14 9.95
C MET A 302 18.46 48.11 10.40
N LEU A 303 18.10 47.06 11.14
CA LEU A 303 16.73 46.90 11.63
C LEU A 303 16.35 48.00 12.62
N ARG A 304 17.21 48.24 13.61
CA ARG A 304 16.95 49.24 14.62
C ARG A 304 16.92 50.64 14.02
N SER A 305 17.82 50.90 13.08
CA SER A 305 17.84 52.18 12.36
C SER A 305 16.55 52.41 11.60
N ALA A 306 16.08 51.38 10.90
CA ALA A 306 14.85 51.47 10.13
C ALA A 306 13.65 51.71 11.05
N ALA A 307 13.67 51.07 12.21
CA ALA A 307 12.55 51.14 13.15
C ALA A 307 12.27 52.56 13.65
N VAL A 308 13.32 53.35 13.80
CA VAL A 308 13.18 54.71 14.34
C VAL A 308 13.05 55.75 13.22
N SER A 309 12.97 55.27 11.98
CA SER A 309 12.82 56.17 10.84
C SER A 309 11.34 56.41 10.54
N GLY A 310 11.08 57.31 9.60
CA GLY A 310 9.72 57.61 9.20
C GLY A 310 8.92 58.33 10.27
N GLU A 311 7.61 58.43 10.06
CA GLU A 311 6.72 59.11 10.99
C GLU A 311 6.01 58.10 11.88
N THR A 312 4.78 57.75 11.53
CA THR A 312 4.03 56.74 12.28
C THR A 312 4.66 55.37 12.06
N PHE A 313 5.05 55.10 10.82
CA PHE A 313 5.68 53.84 10.46
C PHE A 313 7.08 54.09 9.91
N PRO A 314 7.97 53.08 9.96
CA PRO A 314 9.31 53.20 9.40
C PRO A 314 9.31 53.66 7.94
N ASP A 315 10.39 54.31 7.53
CA ASP A 315 10.53 54.70 6.12
C ASP A 315 10.50 53.46 5.24
N ILE A 316 9.72 53.53 4.17
CA ILE A 316 9.48 52.38 3.31
C ILE A 316 10.77 51.77 2.74
N ASN A 317 11.73 52.63 2.41
CA ASN A 317 12.97 52.16 1.79
C ASN A 317 13.99 51.70 2.83
N LYS A 318 14.08 52.41 3.95
CA LYS A 318 14.95 51.97 5.03
C LYS A 318 14.48 50.63 5.58
N ALA A 319 13.18 50.43 5.61
CA ALA A 319 12.61 49.16 6.07
C ALA A 319 12.88 48.06 5.05
N ALA A 320 12.75 48.40 3.77
CA ALA A 320 13.02 47.45 2.70
C ALA A 320 14.49 47.02 2.70
N GLN A 321 15.38 47.98 2.90
CA GLN A 321 16.81 47.71 2.95
C GLN A 321 17.16 46.80 4.11
N ALA A 322 16.56 47.07 5.27
CA ALA A 322 16.83 46.29 6.48
C ALA A 322 16.28 44.88 6.34
N LYS A 323 15.09 44.75 5.77
CA LYS A 323 14.46 43.44 5.59
C LYS A 323 15.27 42.57 4.64
N ILE A 324 15.71 43.15 3.53
CA ILE A 324 16.58 42.45 2.59
C ILE A 324 17.85 41.95 3.28
N PHE A 325 18.50 42.83 4.02
CA PHE A 325 19.76 42.51 4.67
C PHE A 325 19.56 41.45 5.74
N ALA A 326 18.60 41.66 6.63
CA ALA A 326 18.35 40.74 7.74
C ALA A 326 17.96 39.34 7.27
N ALA A 327 17.06 39.27 6.30
CA ALA A 327 16.55 37.97 5.84
C ALA A 327 17.64 37.15 5.16
N GLU A 328 18.39 37.77 4.26
CA GLU A 328 19.45 37.07 3.55
C GLU A 328 20.61 36.74 4.50
N THR A 329 20.83 37.58 5.50
CA THR A 329 21.82 37.30 6.53
C THR A 329 21.43 36.06 7.31
N ALA A 330 20.15 35.96 7.65
CA ALA A 330 19.64 34.82 8.43
C ALA A 330 19.85 33.49 7.71
N ASN A 331 19.62 33.47 6.40
CA ASN A 331 19.78 32.24 5.62
C ASN A 331 21.20 31.73 5.63
N LYS A 332 22.17 32.64 5.54
CA LYS A 332 23.58 32.25 5.52
C LYS A 332 24.08 31.85 6.90
N VAL A 333 23.69 32.62 7.91
CA VAL A 333 24.12 32.34 9.29
C VAL A 333 23.60 30.98 9.78
N THR A 334 22.32 30.70 9.56
CA THR A 334 21.75 29.44 10.02
C THR A 334 22.39 28.25 9.32
N ASN A 335 22.63 28.38 8.02
CA ASN A 335 23.29 27.33 7.25
C ASN A 335 24.74 27.09 7.71
N ASP A 336 25.47 28.17 7.95
CA ASP A 336 26.87 28.04 8.36
C ASP A 336 26.99 27.55 9.80
N ALA A 337 26.04 27.94 10.64
CA ALA A 337 26.01 27.47 12.03
C ALA A 337 25.73 25.97 12.06
N LEU A 338 24.86 25.51 11.19
CA LEU A 338 24.55 24.09 11.06
C LEU A 338 25.82 23.33 10.70
N GLN A 339 26.64 23.94 9.85
CA GLN A 339 27.88 23.33 9.37
C GLN A 339 28.86 23.08 10.51
N PHE A 340 28.76 23.89 11.57
CA PHE A 340 29.63 23.73 12.73
C PHE A 340 29.37 22.42 13.46
N PHE A 341 28.12 21.96 13.41
CA PHE A 341 27.72 20.74 14.11
C PHE A 341 28.07 19.48 13.33
N GLY A 342 28.34 19.64 12.03
CA GLY A 342 28.64 18.51 11.18
C GLY A 342 27.43 17.63 10.94
N SER A 343 27.62 16.32 11.06
CA SER A 343 26.55 15.35 10.83
C SER A 343 25.36 15.60 11.77
N SER A 344 25.64 15.88 13.03
CA SER A 344 24.60 16.13 14.01
C SER A 344 23.78 17.39 13.68
N GLY A 345 24.35 18.28 12.86
CA GLY A 345 23.63 19.46 12.41
C GLY A 345 22.53 19.09 11.43
N TYR A 346 22.73 17.97 10.74
CA TYR A 346 21.76 17.48 9.77
C TYR A 346 20.67 16.67 10.46
N GLY A 347 20.94 16.24 11.69
CA GLY A 347 19.99 15.47 12.46
C GLY A 347 18.90 16.33 13.07
N ARG A 348 17.67 15.81 13.08
CA ARG A 348 16.53 16.58 13.58
C ARG A 348 16.46 16.57 15.11
N HIS A 349 17.33 15.79 15.75
CA HIS A 349 17.42 15.79 17.20
C HIS A 349 18.20 17.02 17.68
N ASN A 350 18.74 17.77 16.73
CA ASN A 350 19.32 19.08 17.01
C ASN A 350 18.49 20.17 16.32
N PRO A 351 18.50 21.39 16.88
CA PRO A 351 17.62 22.44 16.36
C PRO A 351 18.19 23.19 15.15
N MET A 352 19.39 22.82 14.71
CA MET A 352 20.07 23.57 13.67
C MET A 352 19.36 23.49 12.32
N GLU A 353 18.84 22.30 11.98
CA GLU A 353 18.15 22.12 10.71
C GLU A 353 16.82 22.87 10.71
N ARG A 354 16.23 23.03 11.89
CA ARG A 354 14.99 23.79 12.02
C ARG A 354 15.24 25.27 11.78
N HIS A 355 16.39 25.76 12.26
CA HIS A 355 16.75 27.16 12.10
C HIS A 355 16.80 27.56 10.63
N VAL A 356 17.36 26.69 9.80
CA VAL A 356 17.44 26.94 8.37
C VAL A 356 16.04 26.94 7.75
N ARG A 357 15.22 25.99 8.17
CA ARG A 357 13.85 25.88 7.69
C ARG A 357 13.02 27.10 8.09
N ASP A 358 13.16 27.55 9.34
CA ASP A 358 12.42 28.70 9.83
C ASP A 358 12.84 30.00 9.15
N ALA A 359 14.13 30.16 8.92
CA ALA A 359 14.67 31.41 8.38
C ALA A 359 14.36 31.60 6.89
N ARG A 360 14.10 30.49 6.20
CA ARG A 360 13.98 30.51 4.74
C ARG A 360 12.79 31.34 4.22
N MET A 361 11.76 31.51 5.04
CA MET A 361 10.54 32.18 4.57
C MET A 361 10.68 33.70 4.47
N PHE A 362 11.69 34.27 5.12
CA PHE A 362 11.71 35.71 5.31
C PHE A 362 12.26 36.49 4.11
N THR A 363 12.77 35.78 3.11
CA THR A 363 13.08 36.42 1.83
C THR A 363 11.89 36.31 0.89
N ILE A 364 10.78 35.80 1.41
CA ILE A 364 9.58 35.56 0.60
C ILE A 364 8.35 36.31 1.13
N ALA A 365 7.99 36.03 2.38
CA ALA A 365 6.76 36.58 2.97
C ALA A 365 6.83 38.09 3.18
N GLY A 366 5.70 38.75 3.00
CA GLY A 366 5.60 40.19 3.21
C GLY A 366 6.39 40.99 2.20
N GLY A 367 6.47 40.48 0.98
CA GLY A 367 7.27 41.10 -0.06
C GLY A 367 8.60 40.41 -0.19
N THR A 368 8.81 39.75 -1.32
CA THR A 368 10.03 38.99 -1.58
C THR A 368 11.25 39.90 -1.63
N ALA A 369 12.43 39.32 -1.45
CA ALA A 369 13.67 40.08 -1.53
C ALA A 369 13.84 40.74 -2.90
N GLN A 370 13.19 40.18 -3.90
CA GLN A 370 13.24 40.72 -5.26
C GLN A 370 12.38 41.98 -5.38
N ILE A 371 11.17 41.93 -4.84
CA ILE A 371 10.25 43.05 -4.87
C ILE A 371 10.78 44.21 -4.02
N LEU A 372 11.46 43.87 -2.92
CA LEU A 372 12.05 44.88 -2.05
C LEU A 372 13.23 45.57 -2.73
N ARG A 373 13.98 44.82 -3.54
CA ARG A 373 15.08 45.40 -4.31
C ARG A 373 14.58 46.41 -5.33
N THR A 374 13.48 46.08 -5.99
CA THR A 374 12.84 46.99 -6.93
C THR A 374 12.42 48.27 -6.21
N GLN A 375 11.85 48.12 -5.03
CA GLN A 375 11.41 49.25 -4.21
C GLN A 375 12.58 50.16 -3.84
N VAL A 376 13.66 49.56 -3.35
CA VAL A 376 14.85 50.32 -2.98
C VAL A 376 15.44 51.02 -4.19
N ALA A 377 15.46 50.32 -5.34
CA ALA A 377 15.97 50.89 -6.57
C ALA A 377 15.14 52.09 -7.03
N SER A 378 13.83 52.03 -6.82
CA SER A 378 12.94 53.12 -7.23
C SER A 378 13.22 54.38 -6.41
N LYS A 379 13.69 54.19 -5.18
CA LYS A 379 14.07 55.29 -4.32
C LYS A 379 15.38 55.92 -4.77
N ILE A 380 16.40 55.10 -4.94
CA ILE A 380 17.72 55.58 -5.34
C ILE A 380 17.69 56.25 -6.72
N LEU A 381 16.99 55.61 -7.66
CA LEU A 381 16.88 56.15 -9.01
C LEU A 381 15.85 57.27 -9.07
N ASP A 382 15.06 57.39 -8.00
CA ASP A 382 14.01 58.40 -7.89
C ASP A 382 13.07 58.36 -9.09
N MET A 383 12.51 57.19 -9.37
CA MET A 383 11.61 57.00 -10.49
C MET A 383 10.67 55.84 -10.21
N LYS A 384 9.49 55.87 -10.82
CA LYS A 384 8.58 54.73 -10.75
C LYS A 384 9.15 53.59 -11.59
N LEU A 385 8.99 52.37 -11.10
CA LEU A 385 9.49 51.20 -11.81
C LEU A 385 8.35 50.22 -12.10
N PRO A 386 7.54 50.52 -13.13
CA PRO A 386 6.42 49.66 -13.52
C PRO A 386 6.91 48.31 -14.04
N GLN A 387 6.19 47.25 -13.69
CA GLN A 387 6.60 45.90 -14.05
C GLN A 387 5.78 45.33 -15.20
N THR A 388 4.80 46.10 -15.66
CA THR A 388 3.96 45.68 -16.77
C THR A 388 4.67 45.89 -18.11
N ARG A 389 4.16 45.24 -19.15
CA ARG A 389 4.79 45.31 -20.46
C ARG A 389 4.71 46.70 -21.09
N ASP A 390 3.73 47.49 -20.66
CA ASP A 390 3.47 48.79 -21.27
C ASP A 390 3.73 49.96 -20.32
N GLY A 391 4.50 49.71 -19.27
CA GLY A 391 4.76 50.74 -18.28
C GLY A 391 5.94 51.63 -18.60
N TYR A 392 6.70 51.25 -19.61
CA TYR A 392 7.95 51.92 -20.00
C TYR A 392 8.95 51.96 -18.85
N TYR B 2 34.90 16.40 -24.79
CA TYR B 2 34.24 16.93 -23.60
C TYR B 2 32.74 16.66 -23.61
N GLU B 3 32.34 15.61 -24.34
CA GLU B 3 30.94 15.23 -24.42
C GLU B 3 30.77 13.72 -24.28
N LEU B 4 29.55 13.28 -24.06
CA LEU B 4 29.27 11.86 -23.85
C LEU B 4 29.39 11.07 -25.14
N THR B 5 29.94 9.86 -25.03
CA THR B 5 30.00 8.95 -26.16
C THR B 5 28.59 8.44 -26.47
N PRO B 6 28.35 7.98 -27.71
CA PRO B 6 27.05 7.43 -28.09
C PRO B 6 26.55 6.34 -27.14
N GLU B 7 27.46 5.51 -26.64
CA GLU B 7 27.10 4.45 -25.70
C GLU B 7 26.68 5.05 -24.35
N GLN B 8 27.31 6.16 -23.98
CA GLN B 8 27.00 6.83 -22.72
C GLN B 8 25.66 7.55 -22.76
N ARG B 9 25.32 8.12 -23.91
CA ARG B 9 24.01 8.77 -24.08
C ARG B 9 22.90 7.73 -24.03
N THR B 10 23.20 6.52 -24.48
CA THR B 10 22.25 5.41 -24.43
C THR B 10 22.04 4.99 -22.97
N LEU B 11 23.14 4.83 -22.24
CA LEU B 11 23.08 4.49 -20.82
C LEU B 11 22.35 5.57 -20.04
N GLN B 12 22.58 6.82 -20.40
CA GLN B 12 21.92 7.96 -19.77
C GLN B 12 20.42 7.93 -20.00
N THR B 13 20.03 7.66 -21.23
CA THR B 13 18.62 7.59 -21.60
C THR B 13 17.91 6.48 -20.83
N GLN B 14 18.55 5.32 -20.75
CA GLN B 14 17.99 4.18 -20.02
C GLN B 14 17.83 4.53 -18.55
N ALA B 15 18.80 5.25 -18.00
CA ALA B 15 18.75 5.67 -16.60
C ALA B 15 17.63 6.69 -16.38
N ARG B 16 17.50 7.63 -17.32
CA ARG B 16 16.50 8.67 -17.21
C ARG B 16 15.08 8.12 -17.34
N GLU B 17 14.92 7.13 -18.20
CA GLU B 17 13.61 6.52 -18.42
C GLU B 17 13.12 5.78 -17.18
N LEU B 18 14.02 5.08 -16.51
CA LEU B 18 13.65 4.39 -15.27
C LEU B 18 13.34 5.40 -14.17
N ALA B 19 14.16 6.43 -14.07
CA ALA B 19 14.01 7.45 -13.04
C ALA B 19 12.70 8.21 -13.18
N GLN B 20 12.34 8.56 -14.41
CA GLN B 20 11.15 9.37 -14.67
C GLN B 20 9.86 8.56 -14.59
N SER B 21 9.86 7.36 -15.16
CA SER B 21 8.63 6.57 -15.26
C SER B 21 8.30 5.84 -13.94
N VAL B 22 9.32 5.62 -13.11
CA VAL B 22 9.12 4.85 -11.88
C VAL B 22 9.46 5.61 -10.60
N PHE B 23 10.68 6.15 -10.54
CA PHE B 23 11.19 6.74 -9.30
C PHE B 23 10.62 8.13 -9.00
N ALA B 24 10.29 8.87 -10.05
CA ALA B 24 9.87 10.27 -9.90
C ALA B 24 8.62 10.43 -9.05
N SER B 25 7.58 9.64 -9.34
CA SER B 25 6.29 9.80 -8.68
C SER B 25 6.30 9.30 -7.22
N THR B 26 7.42 8.74 -6.79
CA THR B 26 7.53 8.17 -5.45
C THR B 26 8.39 9.02 -4.51
N ALA B 27 8.95 10.10 -5.04
CA ALA B 27 9.91 10.92 -4.29
C ALA B 27 9.26 11.59 -3.09
N VAL B 28 8.11 12.22 -3.31
CA VAL B 28 7.40 12.92 -2.26
C VAL B 28 7.02 11.99 -1.12
N GLN B 29 6.44 10.85 -1.49
CA GLN B 29 6.00 9.85 -0.52
C GLN B 29 7.18 9.31 0.30
N THR B 30 8.28 9.03 -0.37
CA THR B 30 9.48 8.51 0.27
C THR B 30 10.00 9.47 1.33
N ASP B 31 9.99 10.77 1.01
CA ASP B 31 10.42 11.79 1.97
C ASP B 31 9.43 11.90 3.12
N LEU B 32 8.15 11.72 2.81
CA LEU B 32 7.09 11.83 3.82
C LEU B 32 7.13 10.69 4.83
N THR B 33 7.37 9.48 4.36
CA THR B 33 7.31 8.30 5.23
C THR B 33 8.68 7.99 5.85
N GLU B 34 9.74 8.48 5.21
CA GLU B 34 11.12 8.21 5.63
C GLU B 34 11.42 6.73 5.65
N GLN B 35 10.80 5.98 4.75
CA GLN B 35 10.99 4.53 4.69
C GLN B 35 11.73 4.10 3.44
N TYR B 36 12.58 3.08 3.60
CA TYR B 36 13.38 2.54 2.51
C TYR B 36 12.51 1.99 1.39
N PRO B 37 12.58 2.61 0.20
CA PRO B 37 11.77 2.20 -0.95
C PRO B 37 12.26 0.88 -1.56
N TRP B 38 11.89 -0.23 -0.93
CA TRP B 38 12.30 -1.55 -1.38
C TRP B 38 11.89 -1.83 -2.83
N ASP B 39 10.68 -1.41 -3.18
CA ASP B 39 10.16 -1.61 -4.53
C ASP B 39 11.04 -0.93 -5.57
N ASN B 40 11.53 0.26 -5.25
CA ASN B 40 12.38 1.01 -6.16
C ASN B 40 13.77 0.38 -6.30
N VAL B 41 14.27 -0.18 -5.20
CA VAL B 41 15.58 -0.84 -5.20
C VAL B 41 15.54 -2.08 -6.10
N ALA B 42 14.44 -2.81 -6.06
CA ALA B 42 14.26 -4.01 -6.87
C ALA B 42 14.26 -3.66 -8.36
N GLN B 43 13.55 -2.58 -8.72
CA GLN B 43 13.51 -2.12 -10.10
C GLN B 43 14.87 -1.56 -10.52
N LEU B 44 15.58 -0.96 -9.57
CA LEU B 44 16.91 -0.43 -9.84
C LEU B 44 17.86 -1.58 -10.14
N ARG B 45 17.69 -2.68 -9.43
CA ARG B 45 18.49 -3.88 -9.63
C ARG B 45 18.16 -4.55 -10.97
N ASP B 46 16.86 -4.72 -11.24
CA ASP B 46 16.41 -5.41 -12.45
C ASP B 46 16.82 -4.65 -13.71
N ALA B 47 16.96 -3.34 -13.60
CA ALA B 47 17.39 -2.52 -14.72
C ALA B 47 18.90 -2.59 -14.91
N GLY B 48 19.59 -3.21 -13.95
CA GLY B 48 21.02 -3.41 -14.05
C GLY B 48 21.83 -2.18 -13.63
N PHE B 49 21.30 -1.42 -12.67
CA PHE B 49 21.96 -0.20 -12.23
C PHE B 49 22.56 -0.35 -10.83
N MET B 50 22.82 -1.59 -10.43
CA MET B 50 23.53 -1.85 -9.19
C MET B 50 24.75 -2.72 -9.47
N GLY B 51 25.87 -2.39 -8.82
CA GLY B 51 27.11 -3.11 -9.05
C GLY B 51 27.60 -3.01 -10.49
N MET B 52 27.43 -1.83 -11.08
CA MET B 52 27.76 -1.63 -12.49
C MET B 52 29.25 -1.77 -12.79
N MET B 53 30.09 -1.49 -11.79
CA MET B 53 31.54 -1.52 -12.02
C MET B 53 32.14 -2.89 -11.68
N LEU B 54 31.32 -3.78 -11.16
CA LEU B 54 31.76 -5.16 -10.92
C LEU B 54 32.14 -5.81 -12.24
N PRO B 55 33.21 -6.61 -12.24
CA PRO B 55 33.67 -7.33 -13.44
C PRO B 55 32.59 -8.23 -14.02
N THR B 56 32.61 -8.42 -15.33
CA THR B 56 31.62 -9.26 -16.00
C THR B 56 31.74 -10.72 -15.57
N SER B 57 32.93 -11.10 -15.10
CA SER B 57 33.20 -12.46 -14.69
C SER B 57 32.42 -12.85 -13.43
N VAL B 58 31.95 -11.86 -12.68
CA VAL B 58 31.19 -12.13 -11.46
C VAL B 58 29.74 -11.64 -11.58
N GLY B 59 29.35 -11.24 -12.79
CA GLY B 59 27.98 -10.86 -13.05
C GLY B 59 27.74 -9.36 -13.18
N GLY B 60 28.82 -8.59 -13.10
CA GLY B 60 28.72 -7.14 -13.24
C GLY B 60 28.76 -6.70 -14.69
N ARG B 61 28.70 -5.40 -14.91
CA ARG B 61 28.70 -4.86 -16.26
C ARG B 61 30.07 -4.28 -16.63
N GLY B 62 30.94 -4.17 -15.64
CA GLY B 62 32.29 -3.66 -15.83
C GLY B 62 32.33 -2.25 -16.39
N LEU B 63 31.41 -1.42 -15.95
CA LEU B 63 31.34 -0.03 -16.43
C LEU B 63 32.34 0.87 -15.70
N SER B 64 32.49 2.09 -16.20
CA SER B 64 33.46 3.03 -15.64
C SER B 64 32.85 3.89 -14.54
N THR B 65 33.70 4.66 -13.86
CA THR B 65 33.24 5.58 -12.84
C THR B 65 32.35 6.66 -13.46
N LEU B 66 32.75 7.13 -14.64
CA LEU B 66 31.94 8.10 -15.38
C LEU B 66 30.56 7.55 -15.71
N ASP B 67 30.51 6.28 -16.11
CA ASP B 67 29.24 5.63 -16.43
C ASP B 67 28.28 5.69 -15.26
N THR B 68 28.78 5.39 -14.07
CA THR B 68 27.94 5.41 -12.87
C THR B 68 27.46 6.83 -12.56
N VAL B 69 28.37 7.80 -12.65
CA VAL B 69 28.04 9.21 -12.39
C VAL B 69 26.91 9.69 -13.28
N ILE B 70 26.98 9.31 -14.55
CA ILE B 70 25.91 9.60 -15.50
C ILE B 70 24.58 9.04 -15.01
N VAL B 71 24.60 7.80 -14.54
CA VAL B 71 23.39 7.14 -14.04
C VAL B 71 22.93 7.77 -12.72
N ILE B 72 23.87 8.02 -11.82
CA ILE B 72 23.57 8.57 -10.50
C ILE B 72 22.83 9.90 -10.59
N GLU B 73 23.29 10.80 -11.46
CA GLU B 73 22.66 12.10 -11.62
C GLU B 73 21.21 11.97 -12.06
N GLU B 74 20.96 11.06 -13.00
CA GLU B 74 19.59 10.86 -13.50
C GLU B 74 18.67 10.34 -12.41
N MET B 75 19.19 9.49 -11.53
CA MET B 75 18.40 8.96 -10.42
C MET B 75 18.12 10.06 -9.39
N ALA B 76 19.14 10.87 -9.12
CA ALA B 76 19.02 11.96 -8.16
C ALA B 76 18.01 13.00 -8.62
N LYS B 77 17.93 13.21 -9.93
CA LYS B 77 16.99 14.16 -10.51
C LYS B 77 15.54 13.77 -10.22
N ALA B 78 15.30 12.48 -10.05
CA ALA B 78 13.95 12.00 -9.76
C ALA B 78 13.72 11.88 -8.25
N CYS B 79 14.73 11.38 -7.55
CA CYS B 79 14.62 11.14 -6.11
C CYS B 79 16.01 11.09 -5.47
N ALA B 80 16.22 11.90 -4.44
CA ALA B 80 17.52 12.00 -3.79
C ALA B 80 17.91 10.69 -3.11
N THR B 81 16.91 10.02 -2.55
CA THR B 81 17.10 8.72 -1.92
C THR B 81 17.64 7.72 -2.94
N MET B 82 17.00 7.66 -4.12
CA MET B 82 17.44 6.76 -5.18
C MET B 82 18.84 7.14 -5.67
N GLY B 83 19.15 8.43 -5.58
CA GLY B 83 20.47 8.92 -5.95
C GLY B 83 21.53 8.32 -5.06
N ARG B 84 21.32 8.41 -3.75
CA ARG B 84 22.29 7.89 -2.78
C ARG B 84 22.39 6.38 -2.81
N ILE B 85 21.25 5.72 -3.04
CA ILE B 85 21.23 4.26 -3.14
C ILE B 85 22.11 3.80 -4.29
N THR B 86 21.98 4.45 -5.43
CA THR B 86 22.80 4.14 -6.61
C THR B 86 24.28 4.36 -6.33
N VAL B 87 24.60 5.37 -5.52
CA VAL B 87 25.99 5.65 -5.15
C VAL B 87 26.60 4.51 -4.34
N ASP B 88 25.94 4.16 -3.24
CA ASP B 88 26.45 3.14 -2.33
C ASP B 88 26.53 1.75 -2.98
N SER B 89 25.62 1.47 -3.89
CA SER B 89 25.57 0.16 -4.52
C SER B 89 26.37 0.12 -5.83
N ASN B 90 27.23 1.12 -6.03
CA ASN B 90 28.12 1.16 -7.18
C ASN B 90 29.51 1.67 -6.84
N LEU B 91 29.58 2.55 -5.83
CA LEU B 91 30.83 3.19 -5.47
C LEU B 91 31.07 3.12 -3.95
N GLY B 92 32.33 3.18 -3.55
CA GLY B 92 32.68 3.18 -2.14
C GLY B 92 33.13 1.83 -1.63
N ALA B 93 32.35 1.27 -0.70
CA ALA B 93 32.69 -0.01 -0.08
C ALA B 93 32.83 -1.11 -1.14
N ILE B 94 31.90 -1.15 -2.09
CA ILE B 94 31.93 -2.16 -3.14
C ILE B 94 33.15 -1.95 -4.05
N GLY B 95 33.59 -0.70 -4.17
CA GLY B 95 34.75 -0.38 -4.98
C GLY B 95 36.04 -0.86 -4.35
N ALA B 96 36.13 -0.71 -3.03
CA ALA B 96 37.29 -1.19 -2.29
C ALA B 96 37.40 -2.70 -2.37
N ILE B 97 36.29 -3.39 -2.17
CA ILE B 97 36.23 -4.84 -2.25
C ILE B 97 36.58 -5.31 -3.67
N THR B 98 36.08 -4.60 -4.67
CA THR B 98 36.35 -4.94 -6.06
C THR B 98 37.84 -4.84 -6.40
N LYS B 99 38.52 -3.86 -5.81
CA LYS B 99 39.92 -3.61 -6.13
C LYS B 99 40.88 -4.39 -5.24
N TYR B 100 40.62 -4.42 -3.94
CA TYR B 100 41.56 -4.98 -2.98
C TYR B 100 41.11 -6.30 -2.38
N GLY B 101 39.93 -6.76 -2.75
CA GLY B 101 39.36 -7.97 -2.18
C GLY B 101 39.77 -9.25 -2.89
N SER B 102 39.70 -10.37 -2.16
CA SER B 102 40.03 -11.66 -2.73
C SER B 102 38.85 -12.20 -3.53
N GLU B 103 39.06 -13.33 -4.21
CA GLU B 103 38.02 -13.95 -5.03
C GLU B 103 36.78 -14.27 -4.22
N GLU B 104 36.98 -14.76 -3.00
CA GLU B 104 35.87 -15.08 -2.10
C GLU B 104 35.14 -13.81 -1.67
N GLN B 105 35.91 -12.80 -1.30
CA GLN B 105 35.34 -11.54 -0.83
C GLN B 105 34.56 -10.82 -1.93
N ILE B 106 35.09 -10.87 -3.15
CA ILE B 106 34.44 -10.22 -4.28
C ILE B 106 33.13 -10.92 -4.65
N LYS B 107 33.16 -12.25 -4.68
CA LYS B 107 31.97 -13.04 -5.01
C LYS B 107 30.85 -12.82 -3.99
N LEU B 108 31.21 -12.81 -2.71
CA LEU B 108 30.25 -12.57 -1.64
C LEU B 108 29.56 -11.21 -1.80
N ALA B 109 30.36 -10.19 -2.08
CA ALA B 109 29.83 -8.84 -2.25
C ALA B 109 29.01 -8.73 -3.54
N ALA B 110 29.54 -9.29 -4.62
CA ALA B 110 28.87 -9.25 -5.91
C ALA B 110 27.48 -9.88 -5.86
N ASP B 111 27.40 -11.09 -5.30
CA ASP B 111 26.14 -11.80 -5.21
C ASP B 111 25.10 -11.04 -4.39
N LEU B 112 25.55 -10.36 -3.34
CA LEU B 112 24.66 -9.55 -2.51
C LEU B 112 24.18 -8.31 -3.25
N VAL B 113 25.11 -7.57 -3.83
CA VAL B 113 24.78 -6.34 -4.54
C VAL B 113 23.86 -6.59 -5.73
N LEU B 114 24.23 -7.57 -6.56
CA LEU B 114 23.46 -7.90 -7.76
C LEU B 114 22.08 -8.48 -7.41
N ALA B 115 21.89 -8.84 -6.15
CA ALA B 115 20.60 -9.33 -5.67
C ALA B 115 19.73 -8.20 -5.12
N GLY B 116 20.32 -7.01 -5.06
CA GLY B 116 19.58 -5.83 -4.63
C GLY B 116 19.98 -5.25 -3.29
N ASP B 117 21.15 -5.66 -2.78
CA ASP B 117 21.62 -5.13 -1.50
C ASP B 117 22.41 -3.85 -1.70
N LYS B 118 22.12 -2.85 -0.87
CA LYS B 118 22.90 -1.62 -0.83
C LYS B 118 23.90 -1.70 0.31
N PRO B 119 25.18 -1.92 -0.03
CA PRO B 119 26.23 -2.06 0.99
C PRO B 119 26.32 -0.85 1.91
N ALA B 120 26.73 -1.08 3.16
CA ALA B 120 26.91 0.00 4.12
C ALA B 120 28.38 0.10 4.52
N ILE B 121 28.96 1.29 4.35
CA ILE B 121 30.33 1.50 4.79
C ILE B 121 30.29 2.10 6.20
N CYS B 122 31.24 1.70 7.04
CA CYS B 122 31.21 2.07 8.45
C CYS B 122 32.55 2.62 8.91
N ILE B 123 32.70 3.94 8.86
CA ILE B 123 33.94 4.60 9.22
C ILE B 123 33.74 5.56 10.39
N SER B 124 32.74 6.42 10.26
CA SER B 124 32.52 7.51 11.21
C SER B 124 32.08 7.05 12.59
N GLU B 125 32.52 7.78 13.60
CA GLU B 125 32.16 7.52 14.99
C GLU B 125 31.69 8.82 15.64
N PRO B 126 30.90 8.72 16.72
CA PRO B 126 30.40 9.92 17.42
C PRO B 126 31.50 10.90 17.82
N ASN B 127 32.69 10.39 18.11
CA ASN B 127 33.81 11.26 18.46
C ASN B 127 34.97 11.11 17.47
N ALA B 128 34.66 10.69 16.25
CA ALA B 128 35.66 10.53 15.21
C ALA B 128 35.03 10.70 13.83
N GLY B 129 34.93 11.94 13.38
CA GLY B 129 34.37 12.24 12.07
C GLY B 129 35.42 12.74 11.11
N SER B 130 35.77 14.02 11.21
CA SER B 130 36.80 14.60 10.39
C SER B 130 38.15 13.94 10.69
N ALA B 131 38.37 13.63 11.96
CA ALA B 131 39.56 12.90 12.37
C ALA B 131 39.26 11.40 12.38
N ALA B 132 39.12 10.83 11.19
CA ALA B 132 38.73 9.43 11.04
C ALA B 132 39.81 8.48 11.57
N SER B 133 41.06 8.92 11.53
CA SER B 133 42.17 8.09 12.01
C SER B 133 42.18 7.97 13.54
N GLU B 134 41.29 8.73 14.19
CA GLU B 134 41.19 8.68 15.65
C GLU B 134 40.01 7.81 16.09
N MET B 135 39.62 6.86 15.24
CA MET B 135 38.51 5.96 15.56
C MET B 135 38.89 5.04 16.72
N THR B 136 37.91 4.71 17.55
CA THR B 136 38.16 3.88 18.73
C THR B 136 37.70 2.44 18.53
N THR B 137 37.01 2.17 17.42
CA THR B 137 36.60 0.81 17.12
C THR B 137 37.82 -0.05 16.83
N ARG B 138 38.04 -1.05 17.67
CA ARG B 138 39.23 -1.88 17.59
C ARG B 138 38.93 -3.29 17.11
N ALA B 139 39.93 -3.94 16.51
CA ALA B 139 39.81 -5.32 16.07
C ALA B 139 40.99 -6.15 16.55
N ASP B 140 40.83 -6.80 17.69
CA ASP B 140 41.90 -7.60 18.28
C ASP B 140 41.96 -8.99 17.66
N LYS B 141 43.15 -9.39 17.23
CA LYS B 141 43.32 -10.69 16.59
C LYS B 141 43.23 -11.83 17.60
N ASN B 142 42.50 -12.88 17.24
CA ASN B 142 42.34 -14.05 18.10
C ASN B 142 42.40 -15.32 17.27
N GLY B 143 43.62 -15.82 17.06
CA GLY B 143 43.82 -16.99 16.22
C GLY B 143 43.72 -16.62 14.76
N ASP B 144 42.75 -17.20 14.06
CA ASP B 144 42.49 -16.85 12.67
C ASP B 144 41.30 -15.91 12.57
N HIS B 145 40.88 -15.39 13.71
CA HIS B 145 39.73 -14.49 13.76
C HIS B 145 40.11 -13.11 14.29
N TYR B 146 39.22 -12.14 14.08
CA TYR B 146 39.39 -10.80 14.63
C TYR B 146 38.15 -10.41 15.44
N ILE B 147 38.37 -10.04 16.69
CA ILE B 147 37.27 -9.65 17.57
C ILE B 147 37.06 -8.14 17.51
N LEU B 148 35.89 -7.73 17.03
CA LEU B 148 35.59 -6.32 16.84
C LEU B 148 34.77 -5.74 17.98
N ASN B 149 35.19 -4.56 18.45
CA ASN B 149 34.47 -3.84 19.50
C ASN B 149 34.51 -2.34 19.24
N GLY B 150 33.34 -1.71 19.25
CA GLY B 150 33.25 -0.28 19.01
C GLY B 150 31.86 0.16 18.63
N GLU B 151 31.75 1.37 18.06
CA GLU B 151 30.46 1.92 17.68
C GLU B 151 30.60 2.90 16.53
N LYS B 152 29.69 2.78 15.56
CA LYS B 152 29.62 3.74 14.46
C LYS B 152 28.26 4.45 14.50
N TYR B 153 28.15 5.59 13.82
CA TYR B 153 26.87 6.27 13.70
C TYR B 153 26.71 6.90 12.33
N TRP B 154 25.49 7.35 12.03
CA TRP B 154 25.12 7.86 10.71
C TRP B 154 25.43 6.86 9.60
N ILE B 155 25.31 5.57 9.91
CA ILE B 155 25.53 4.53 8.92
C ILE B 155 24.37 4.49 7.93
N THR B 156 24.65 4.88 6.70
CA THR B 156 23.65 4.93 5.64
C THR B 156 23.21 3.53 5.23
N GLY B 157 21.94 3.21 5.49
CA GLY B 157 21.40 1.91 5.17
C GLY B 157 21.38 0.99 6.38
N GLY B 158 21.58 1.57 7.56
CA GLY B 158 21.58 0.82 8.80
C GLY B 158 20.25 0.16 9.09
N GLY B 159 20.25 -1.17 9.12
CA GLY B 159 19.03 -1.92 9.37
C GLY B 159 18.41 -2.47 8.11
N VAL B 160 18.79 -1.92 6.95
CA VAL B 160 18.28 -2.39 5.67
C VAL B 160 19.41 -2.93 4.80
N SER B 161 20.65 -2.57 5.12
CA SER B 161 21.81 -3.08 4.39
C SER B 161 22.19 -4.47 4.89
N LYS B 162 22.71 -5.29 4.00
CA LYS B 162 23.23 -6.60 4.38
C LYS B 162 24.75 -6.56 4.47
N LEU B 163 25.40 -6.26 3.35
CA LEU B 163 26.86 -6.18 3.30
C LEU B 163 27.35 -4.96 4.06
N HIS B 164 28.29 -5.18 4.97
CA HIS B 164 28.89 -4.10 5.75
C HIS B 164 30.41 -4.11 5.63
N LEU B 165 30.98 -2.95 5.37
CA LEU B 165 32.43 -2.80 5.36
C LEU B 165 32.85 -1.97 6.56
N ILE B 166 33.38 -2.64 7.58
CA ILE B 166 33.70 -1.99 8.85
C ILE B 166 35.17 -1.62 8.98
N PHE B 167 35.42 -0.33 9.19
CA PHE B 167 36.77 0.17 9.41
C PHE B 167 37.09 0.14 10.89
N ALA B 168 38.23 -0.45 11.24
CA ALA B 168 38.61 -0.58 12.64
C ALA B 168 40.13 -0.55 12.82
N ARG B 169 40.56 -0.20 14.03
CA ARG B 169 41.98 -0.19 14.36
C ARG B 169 42.40 -1.57 14.86
N VAL B 170 43.24 -2.24 14.07
CA VAL B 170 43.64 -3.61 14.36
C VAL B 170 44.77 -3.70 15.39
N PHE B 171 44.69 -4.69 16.27
CA PHE B 171 45.70 -4.93 17.28
C PHE B 171 46.22 -6.36 17.24
N ASP B 172 47.52 -6.53 17.48
CA ASP B 172 48.15 -7.84 17.51
C ASP B 172 48.76 -8.12 18.88
N ASP B 173 48.02 -8.83 19.72
CA ASP B 173 48.41 -9.09 21.11
C ASP B 173 48.69 -7.80 21.87
N GLY B 174 47.89 -6.78 21.61
CA GLY B 174 48.04 -5.49 22.28
C GLY B 174 48.80 -4.48 21.44
N VAL B 175 49.52 -4.97 20.44
CA VAL B 175 50.31 -4.09 19.57
C VAL B 175 49.49 -3.62 18.36
N GLU B 176 49.38 -2.30 18.22
CA GLU B 176 48.63 -1.70 17.12
C GLU B 176 49.29 -1.97 15.77
N GLN B 177 48.48 -2.28 14.77
CA GLN B 177 48.98 -2.58 13.43
C GLN B 177 48.54 -1.56 12.40
N GLY B 178 47.50 -0.80 12.73
CA GLY B 178 46.97 0.20 11.82
C GLY B 178 45.46 0.12 11.72
N ILE B 179 44.92 0.53 10.57
CA ILE B 179 43.48 0.49 10.35
C ILE B 179 43.13 -0.34 9.12
N GLY B 180 42.28 -1.34 9.31
CA GLY B 180 41.87 -2.21 8.23
C GLY B 180 40.36 -2.32 8.10
N ALA B 181 39.90 -2.84 6.97
CA ALA B 181 38.48 -3.00 6.71
C ALA B 181 38.03 -4.45 6.94
N PHE B 182 36.80 -4.62 7.41
CA PHE B 182 36.27 -5.95 7.71
C PHE B 182 34.89 -6.17 7.08
N ILE B 183 34.74 -7.30 6.41
CA ILE B 183 33.50 -7.64 5.73
C ILE B 183 32.59 -8.52 6.60
N THR B 184 31.35 -8.10 6.77
CA THR B 184 30.36 -8.89 7.49
C THR B 184 29.00 -8.77 6.79
N VAL B 185 28.12 -9.73 7.05
CA VAL B 185 26.80 -9.73 6.44
C VAL B 185 25.70 -9.80 7.49
N LEU B 186 24.77 -8.85 7.44
CA LEU B 186 23.66 -8.80 8.39
C LEU B 186 22.39 -9.38 7.79
N ASP B 187 21.87 -10.44 8.40
CA ASP B 187 20.61 -11.04 7.96
C ASP B 187 19.65 -11.24 9.12
N ASP B 188 18.64 -12.07 8.93
CA ASP B 188 17.60 -12.29 9.93
C ASP B 188 18.15 -12.91 11.22
N HIS B 189 18.75 -14.10 11.10
CA HIS B 189 19.44 -14.69 12.25
C HIS B 189 20.73 -13.91 12.52
N GLY B 190 21.35 -13.43 11.45
CA GLY B 190 22.47 -12.50 11.53
C GLY B 190 23.72 -13.01 12.25
N PRO B 191 24.76 -12.17 12.28
CA PRO B 191 25.98 -12.44 13.03
C PRO B 191 25.90 -11.92 14.46
N GLU B 192 26.30 -12.74 15.43
CA GLU B 192 26.25 -12.34 16.83
C GLU B 192 27.31 -11.29 17.13
N GLY B 193 26.88 -10.20 17.75
CA GLY B 193 27.79 -9.11 18.08
C GLY B 193 27.52 -7.85 17.27
N LEU B 194 26.84 -8.03 16.14
CA LEU B 194 26.48 -6.90 15.28
C LEU B 194 25.08 -6.40 15.61
N LYS B 195 25.01 -5.28 16.32
CA LYS B 195 23.74 -4.71 16.75
C LYS B 195 23.45 -3.36 16.11
N VAL B 196 22.26 -3.24 15.51
CA VAL B 196 21.81 -1.98 14.95
C VAL B 196 21.31 -1.07 16.07
N GLY B 197 21.79 0.16 16.09
CA GLY B 197 21.41 1.12 17.12
C GLY B 197 20.20 1.96 16.74
N ARG B 198 20.04 3.08 17.42
CA ARG B 198 18.94 4.00 17.15
C ARG B 198 19.06 4.61 15.76
N ARG B 199 17.94 5.10 15.23
CA ARG B 199 17.97 5.78 13.94
C ARG B 199 18.11 7.28 14.12
N LEU B 200 19.02 7.89 13.36
CA LEU B 200 19.19 9.33 13.38
C LEU B 200 18.35 9.96 12.28
N TYR B 201 17.24 10.58 12.66
CA TYR B 201 16.35 11.20 11.70
C TYR B 201 17.00 12.47 11.14
N ALA B 202 16.88 12.67 9.83
CA ALA B 202 17.65 13.69 9.15
C ALA B 202 16.79 14.78 8.52
N MET B 203 17.45 15.89 8.17
CA MET B 203 16.79 17.02 7.52
C MET B 203 16.20 16.62 6.18
N GLY B 204 16.98 15.88 5.39
CA GLY B 204 16.53 15.45 4.09
C GLY B 204 17.08 14.08 3.71
N VAL B 205 16.82 13.66 2.46
CA VAL B 205 17.12 12.32 1.99
C VAL B 205 16.69 11.30 3.05
N ARG B 206 15.45 11.46 3.49
CA ARG B 206 14.93 10.72 4.64
C ARG B 206 14.57 9.28 4.28
N GLY B 207 14.61 8.96 2.99
CA GLY B 207 14.25 7.65 2.51
C GLY B 207 15.18 6.54 2.95
N ILE B 208 16.43 6.90 3.24
CA ILE B 208 17.40 5.92 3.73
C ILE B 208 17.65 6.11 5.22
N PRO B 209 17.49 5.04 5.99
CA PRO B 209 17.72 5.13 7.44
C PRO B 209 19.20 5.33 7.77
N GLU B 210 19.46 6.33 8.62
CA GLU B 210 20.79 6.57 9.14
C GLU B 210 20.81 6.17 10.60
N THR B 211 21.61 5.17 10.95
CA THR B 211 21.56 4.62 12.29
C THR B 211 22.93 4.48 12.97
N HIS B 212 22.90 4.30 14.29
CA HIS B 212 24.07 3.89 15.04
C HIS B 212 24.32 2.41 14.79
N LEU B 213 25.57 1.98 14.91
CA LEU B 213 25.92 0.58 14.72
C LEU B 213 26.93 0.14 15.77
N GLU B 214 26.55 -0.86 16.57
CA GLU B 214 27.40 -1.32 17.67
C GLU B 214 28.07 -2.66 17.37
N PHE B 215 29.26 -2.85 17.93
CA PHE B 215 29.99 -4.10 17.78
C PHE B 215 30.37 -4.65 19.16
N HIS B 216 29.76 -5.76 19.54
CA HIS B 216 30.06 -6.39 20.83
C HIS B 216 30.70 -7.76 20.62
N ASP B 217 32.03 -7.79 20.63
CA ASP B 217 32.80 -9.00 20.39
C ASP B 217 32.42 -9.65 19.06
N LEU B 218 32.36 -8.84 18.01
CA LEU B 218 32.02 -9.33 16.68
C LEU B 218 33.16 -10.17 16.11
N LYS B 219 32.93 -11.48 16.03
CA LYS B 219 33.95 -12.41 15.55
C LYS B 219 34.00 -12.41 14.01
N ILE B 220 35.14 -12.00 13.46
CA ILE B 220 35.32 -11.94 12.02
C ILE B 220 36.53 -12.76 11.59
N HIS B 221 36.31 -13.71 10.68
CA HIS B 221 37.39 -14.55 10.19
C HIS B 221 38.37 -13.75 9.33
N LYS B 222 39.62 -14.19 9.29
CA LYS B 222 40.67 -13.46 8.59
C LYS B 222 40.47 -13.42 7.08
N SER B 223 39.67 -14.35 6.56
CA SER B 223 39.39 -14.39 5.14
C SER B 223 38.40 -13.29 4.74
N MET B 224 37.79 -12.65 5.73
CA MET B 224 36.84 -11.57 5.48
C MET B 224 37.44 -10.21 5.82
N MET B 225 38.74 -10.18 6.11
CA MET B 225 39.46 -8.93 6.26
C MET B 225 40.23 -8.62 4.99
N ILE B 226 40.03 -7.44 4.44
CA ILE B 226 40.76 -7.01 3.25
C ILE B 226 42.24 -6.86 3.58
N THR B 227 43.06 -7.75 3.02
CA THR B 227 44.47 -7.80 3.35
C THR B 227 45.34 -7.14 2.29
N PHE B 228 46.50 -6.65 2.70
CA PHE B 228 47.47 -6.04 1.79
C PHE B 228 48.84 -6.67 2.00
N PRO B 229 49.57 -6.92 0.90
CA PRO B 229 50.92 -7.50 0.96
C PRO B 229 51.95 -6.58 1.60
N ASP B 230 51.64 -5.29 1.69
CA ASP B 230 52.59 -4.31 2.19
C ASP B 230 52.14 -3.66 3.50
N GLY B 231 51.43 -4.42 4.33
CA GLY B 231 51.01 -3.94 5.64
C GLY B 231 49.72 -3.13 5.62
N LEU B 232 49.17 -2.90 6.80
CA LEU B 232 47.91 -2.17 6.92
C LEU B 232 48.14 -0.69 7.18
N LYS B 233 49.41 -0.29 7.23
CA LYS B 233 49.76 1.12 7.37
C LYS B 233 49.41 1.87 6.09
N ARG B 234 49.71 1.25 4.95
CA ARG B 234 49.30 1.78 3.66
C ARG B 234 47.85 1.41 3.35
N GLY B 235 47.35 0.42 4.08
CA GLY B 235 46.01 -0.10 3.86
C GLY B 235 44.91 0.94 4.01
N PHE B 236 44.94 1.68 5.11
CA PHE B 236 43.94 2.70 5.38
C PHE B 236 43.91 3.76 4.28
N ALA B 237 45.09 4.19 3.84
CA ALA B 237 45.17 5.18 2.78
C ALA B 237 44.66 4.63 1.46
N ALA B 238 44.91 3.35 1.23
CA ALA B 238 44.46 2.68 0.01
C ALA B 238 42.94 2.51 0.01
N LEU B 239 42.38 2.25 1.18
CA LEU B 239 40.93 2.09 1.31
C LEU B 239 40.22 3.42 1.06
N MET B 240 40.80 4.50 1.56
CA MET B 240 40.21 5.82 1.39
C MET B 240 40.30 6.30 -0.06
N SER B 241 41.20 5.70 -0.83
CA SER B 241 41.31 6.00 -2.26
C SER B 241 40.03 5.62 -2.98
N ALA B 242 39.41 4.54 -2.53
CA ALA B 242 38.15 4.09 -3.10
C ALA B 242 37.03 5.09 -2.79
N TYR B 243 37.20 5.83 -1.70
CA TYR B 243 36.20 6.81 -1.28
C TYR B 243 36.25 8.06 -2.14
N ASN B 244 37.31 8.21 -2.94
CA ASN B 244 37.38 9.30 -3.89
C ASN B 244 36.33 9.13 -4.98
N ALA B 245 35.97 7.88 -5.24
CA ALA B 245 34.93 7.56 -6.22
C ALA B 245 33.55 7.86 -5.65
N GLN B 246 33.38 7.60 -4.35
N GLN B 246 33.38 7.59 -4.35
CA GLN B 246 32.12 7.84 -3.68
CA GLN B 246 32.11 7.83 -3.67
C GLN B 246 31.80 9.33 -3.64
C GLN B 246 31.80 9.33 -3.64
N ARG B 247 32.83 10.15 -3.42
CA ARG B 247 32.65 11.60 -3.37
C ARG B 247 32.17 12.16 -4.70
N VAL B 248 32.73 11.67 -5.80
CA VAL B 248 32.26 12.06 -7.12
C VAL B 248 30.81 11.63 -7.31
N GLY B 249 30.49 10.42 -6.84
CA GLY B 249 29.13 9.93 -6.89
C GLY B 249 28.19 10.78 -6.05
N ALA B 250 28.60 11.09 -4.83
CA ALA B 250 27.79 11.91 -3.94
C ALA B 250 27.59 13.30 -4.54
N GLY B 251 28.60 13.80 -5.24
CA GLY B 251 28.51 15.07 -5.92
C GLY B 251 27.49 15.05 -7.03
N ALA B 252 27.37 13.90 -7.68
CA ALA B 252 26.39 13.73 -8.76
C ALA B 252 24.97 13.74 -8.21
N VAL B 253 24.79 13.32 -6.97
CA VAL B 253 23.47 13.36 -6.35
C VAL B 253 23.07 14.81 -6.08
N ALA B 254 24.00 15.57 -5.49
CA ALA B 254 23.79 16.98 -5.24
C ALA B 254 23.44 17.70 -6.54
N LEU B 255 24.20 17.41 -7.59
CA LEU B 255 23.98 17.99 -8.90
C LEU B 255 22.61 17.62 -9.46
N GLY B 256 22.26 16.34 -9.30
CA GLY B 256 20.97 15.85 -9.75
C GLY B 256 19.81 16.56 -9.10
N ILE B 257 19.88 16.72 -7.77
CA ILE B 257 18.87 17.45 -7.03
C ILE B 257 18.76 18.89 -7.53
N ALA B 258 19.91 19.54 -7.68
CA ALA B 258 19.97 20.91 -8.15
C ALA B 258 19.41 21.05 -9.56
N GLN B 259 19.81 20.14 -10.44
CA GLN B 259 19.33 20.14 -11.83
C GLN B 259 17.82 20.01 -11.89
N CYS B 260 17.28 19.11 -11.06
CA CYS B 260 15.84 18.92 -10.98
C CYS B 260 15.14 20.19 -10.51
N ALA B 261 15.62 20.76 -9.41
CA ALA B 261 15.06 22.01 -8.89
C ALA B 261 15.17 23.13 -9.93
N PHE B 262 16.30 23.17 -10.64
CA PHE B 262 16.53 24.16 -11.67
C PHE B 262 15.47 24.08 -12.78
N GLU B 263 15.27 22.87 -13.30
CA GLU B 263 14.29 22.65 -14.36
C GLU B 263 12.87 22.99 -13.89
N GLU B 264 12.55 22.65 -12.64
CA GLU B 264 11.24 22.92 -12.09
C GLU B 264 11.01 24.42 -11.90
N GLY B 265 12.07 25.13 -11.53
CA GLY B 265 11.99 26.57 -11.36
C GLY B 265 11.84 27.27 -12.69
N VAL B 266 12.61 26.84 -13.69
CA VAL B 266 12.56 27.44 -15.01
C VAL B 266 11.17 27.28 -15.64
N ALA B 267 10.62 26.07 -15.56
CA ALA B 267 9.29 25.81 -16.08
C ALA B 267 8.24 26.69 -15.40
N TYR B 268 8.40 26.89 -14.11
CA TYR B 268 7.44 27.67 -13.34
C TYR B 268 7.47 29.15 -13.75
N LEU B 269 8.67 29.67 -13.99
CA LEU B 269 8.83 31.06 -14.41
C LEU B 269 8.11 31.35 -15.73
N LYS B 270 7.93 30.32 -16.54
CA LYS B 270 7.32 30.48 -17.85
C LYS B 270 5.80 30.41 -17.82
N ARG B 271 5.25 29.74 -16.81
CA ARG B 271 3.80 29.60 -16.73
C ARG B 271 3.18 30.52 -15.68
N ARG B 272 3.93 30.81 -14.62
CA ARG B 272 3.43 31.68 -13.56
C ARG B 272 3.45 33.14 -14.01
N GLU B 273 2.33 33.82 -13.85
CA GLU B 273 2.21 35.20 -14.30
C GLU B 273 1.91 36.18 -13.18
N GLN B 274 2.63 37.31 -13.19
CA GLN B 274 2.34 38.44 -12.33
C GLN B 274 2.51 39.71 -13.14
N PHE B 275 1.75 40.74 -12.83
CA PHE B 275 1.77 42.00 -13.56
C PHE B 275 1.42 41.78 -15.04
N GLY B 276 0.60 40.77 -15.30
CA GLY B 276 0.08 40.52 -16.63
C GLY B 276 1.03 39.82 -17.59
N ARG B 277 2.03 39.13 -17.06
CA ARG B 277 3.01 38.46 -17.90
C ARG B 277 3.77 37.37 -17.14
N PRO B 278 4.37 36.42 -17.89
CA PRO B 278 5.21 35.40 -17.26
C PRO B 278 6.39 35.99 -16.51
N LEU B 279 6.75 35.38 -15.39
CA LEU B 279 7.89 35.81 -14.58
C LEU B 279 9.18 35.73 -15.37
N ALA B 280 9.20 34.91 -16.40
CA ALA B 280 10.40 34.72 -17.23
C ALA B 280 10.77 35.98 -17.98
N GLU B 281 9.87 36.96 -18.02
CA GLU B 281 10.11 38.19 -18.75
C GLU B 281 10.77 39.27 -17.89
N PHE B 282 11.07 38.92 -16.63
CA PHE B 282 11.76 39.84 -15.73
C PHE B 282 13.26 39.57 -15.73
N GLN B 283 14.03 40.60 -16.05
CA GLN B 283 15.47 40.47 -16.24
C GLN B 283 16.21 39.96 -15.00
N GLY B 284 15.80 40.45 -13.83
CA GLY B 284 16.41 40.04 -12.58
C GLY B 284 16.33 38.54 -12.37
N LEU B 285 15.19 37.95 -12.73
CA LEU B 285 15.00 36.52 -12.62
C LEU B 285 15.74 35.79 -13.75
N GLN B 286 15.80 36.43 -14.92
CA GLN B 286 16.53 35.88 -16.05
C GLN B 286 18.00 35.69 -15.70
N TRP B 287 18.58 36.68 -15.02
CA TRP B 287 19.98 36.62 -14.65
C TRP B 287 20.23 35.57 -13.56
N MET B 288 19.24 35.38 -12.68
CA MET B 288 19.31 34.32 -11.69
C MET B 288 19.33 32.97 -12.40
N VAL B 289 18.52 32.84 -13.44
CA VAL B 289 18.48 31.61 -14.23
C VAL B 289 19.83 31.39 -14.92
N ALA B 290 20.39 32.45 -15.48
CA ALA B 290 21.68 32.37 -16.15
C ALA B 290 22.77 31.92 -15.19
N ASP B 291 22.78 32.50 -13.99
CA ASP B 291 23.80 32.17 -12.99
C ASP B 291 23.74 30.70 -12.59
N MET B 292 22.53 30.18 -12.38
CA MET B 292 22.37 28.80 -11.98
C MET B 292 22.85 27.83 -13.07
N SER B 293 22.50 28.14 -14.32
CA SER B 293 22.91 27.29 -15.43
C SER B 293 24.43 27.25 -15.58
N VAL B 294 25.07 28.41 -15.42
CA VAL B 294 26.52 28.51 -15.52
C VAL B 294 27.20 27.64 -14.46
N GLN B 295 26.72 27.71 -13.23
CA GLN B 295 27.28 26.93 -12.13
C GLN B 295 26.98 25.44 -12.30
N LEU B 296 25.78 25.11 -12.78
CA LEU B 296 25.41 23.73 -13.02
C LEU B 296 26.27 23.09 -14.11
N GLU B 297 26.52 23.84 -15.18
CA GLU B 297 27.39 23.36 -16.25
C GLU B 297 28.81 23.10 -15.74
N ALA B 298 29.31 24.03 -14.94
CA ALA B 298 30.65 23.91 -14.38
C ALA B 298 30.73 22.72 -13.42
N ALA B 299 29.68 22.55 -12.61
CA ALA B 299 29.64 21.45 -11.64
C ALA B 299 29.68 20.10 -12.35
N ARG B 300 28.89 19.97 -13.43
CA ARG B 300 28.84 18.74 -14.19
C ARG B 300 30.17 18.43 -14.85
N LEU B 301 30.85 19.47 -15.32
CA LEU B 301 32.17 19.32 -15.93
C LEU B 301 33.20 18.89 -14.88
N MET B 302 33.16 19.53 -13.72
CA MET B 302 34.06 19.18 -12.61
C MET B 302 33.89 17.72 -12.20
N LEU B 303 32.64 17.27 -12.10
CA LEU B 303 32.37 15.90 -11.68
C LEU B 303 32.80 14.88 -12.73
N ARG B 304 32.44 15.12 -13.98
CA ARG B 304 32.79 14.19 -15.06
C ARG B 304 34.30 14.17 -15.31
N SER B 305 34.97 15.30 -15.11
CA SER B 305 36.41 15.36 -15.26
C SER B 305 37.12 14.58 -14.17
N ALA B 306 36.57 14.65 -12.95
CA ALA B 306 37.13 13.93 -11.83
C ALA B 306 36.92 12.42 -11.95
N ALA B 307 35.79 12.04 -12.56
CA ALA B 307 35.43 10.63 -12.67
C ALA B 307 36.37 9.86 -13.59
N VAL B 308 36.98 10.55 -14.54
CA VAL B 308 37.87 9.90 -15.50
C VAL B 308 39.34 10.09 -15.10
N SER B 309 39.57 10.77 -13.99
CA SER B 309 40.94 10.98 -13.51
C SER B 309 41.42 9.80 -12.67
N GLY B 310 42.70 9.80 -12.35
CA GLY B 310 43.27 8.75 -11.53
C GLY B 310 43.43 7.43 -12.28
N GLU B 311 43.72 6.37 -11.53
CA GLU B 311 43.90 5.05 -12.11
C GLU B 311 42.64 4.21 -11.91
N THR B 312 42.58 3.50 -10.79
CA THR B 312 41.40 2.71 -10.46
C THR B 312 40.28 3.62 -9.97
N PHE B 313 40.64 4.54 -9.09
CA PHE B 313 39.70 5.51 -8.53
C PHE B 313 40.07 6.92 -8.96
N PRO B 314 39.09 7.84 -8.98
CA PRO B 314 39.33 9.26 -9.28
C PRO B 314 40.46 9.87 -8.46
N ASP B 315 41.14 10.86 -9.02
CA ASP B 315 42.22 11.56 -8.32
C ASP B 315 41.68 12.20 -7.05
N ILE B 316 42.42 12.02 -5.97
CA ILE B 316 42.00 12.47 -4.64
C ILE B 316 41.69 13.98 -4.59
N ASN B 317 42.39 14.76 -5.40
CA ASN B 317 42.24 16.21 -5.37
C ASN B 317 41.18 16.71 -6.36
N LYS B 318 41.13 16.11 -7.53
CA LYS B 318 40.09 16.47 -8.50
C LYS B 318 38.72 16.05 -7.99
N ALA B 319 38.67 14.93 -7.26
CA ALA B 319 37.42 14.47 -6.65
C ALA B 319 37.02 15.42 -5.52
N ALA B 320 38.02 15.88 -4.77
CA ALA B 320 37.77 16.82 -3.68
C ALA B 320 37.28 18.15 -4.22
N GLN B 321 37.90 18.61 -5.31
CA GLN B 321 37.51 19.86 -5.94
C GLN B 321 36.10 19.80 -6.51
N ALA B 322 35.79 18.69 -7.18
CA ALA B 322 34.48 18.49 -7.78
C ALA B 322 33.39 18.39 -6.71
N LYS B 323 33.72 17.79 -5.58
CA LYS B 323 32.74 17.59 -4.51
C LYS B 323 32.45 18.92 -3.80
N ILE B 324 33.48 19.73 -3.61
CA ILE B 324 33.31 21.05 -3.03
C ILE B 324 32.39 21.90 -3.90
N PHE B 325 32.70 21.94 -5.19
CA PHE B 325 31.96 22.78 -6.13
C PHE B 325 30.52 22.33 -6.25
N ALA B 326 30.30 21.06 -6.59
CA ALA B 326 28.96 20.52 -6.82
C ALA B 326 28.04 20.70 -5.61
N ALA B 327 28.53 20.35 -4.42
CA ALA B 327 27.71 20.41 -3.21
C ALA B 327 27.28 21.85 -2.91
N GLU B 328 28.23 22.78 -2.94
CA GLU B 328 27.91 24.17 -2.66
C GLU B 328 27.06 24.78 -3.77
N THR B 329 27.27 24.31 -5.00
CA THR B 329 26.43 24.68 -6.12
C THR B 329 24.98 24.27 -5.87
N ALA B 330 24.80 23.04 -5.39
CA ALA B 330 23.48 22.49 -5.14
C ALA B 330 22.71 23.29 -4.09
N ASN B 331 23.41 23.71 -3.05
CA ASN B 331 22.78 24.47 -1.96
C ASN B 331 22.23 25.80 -2.44
N LYS B 332 22.95 26.46 -3.34
CA LYS B 332 22.51 27.76 -3.87
C LYS B 332 21.44 27.60 -4.94
N VAL B 333 21.61 26.64 -5.83
CA VAL B 333 20.64 26.42 -6.89
C VAL B 333 19.27 26.01 -6.33
N THR B 334 19.27 25.09 -5.36
CA THR B 334 18.01 24.64 -4.79
C THR B 334 17.28 25.77 -4.07
N ASN B 335 18.04 26.59 -3.35
CA ASN B 335 17.45 27.74 -2.65
C ASN B 335 16.89 28.79 -3.61
N ASP B 336 17.63 29.08 -4.67
CA ASP B 336 17.19 30.08 -5.63
C ASP B 336 16.00 29.58 -6.45
N ALA B 337 15.99 28.29 -6.75
CA ALA B 337 14.89 27.69 -7.48
C ALA B 337 13.61 27.73 -6.66
N LEU B 338 13.74 27.56 -5.35
CA LEU B 338 12.61 27.66 -4.44
C LEU B 338 12.05 29.07 -4.49
N GLN B 339 12.94 30.04 -4.57
CA GLN B 339 12.58 31.45 -4.58
C GLN B 339 11.69 31.81 -5.77
N PHE B 340 11.88 31.12 -6.89
CA PHE B 340 11.08 31.35 -8.08
C PHE B 340 9.60 31.02 -7.85
N PHE B 341 9.34 30.10 -6.93
CA PHE B 341 7.98 29.67 -6.63
C PHE B 341 7.28 30.60 -5.65
N GLY B 342 8.06 31.47 -5.01
CA GLY B 342 7.52 32.37 -4.00
C GLY B 342 6.98 31.63 -2.80
N SER B 343 5.77 31.96 -2.37
CA SER B 343 5.17 31.35 -1.20
C SER B 343 4.99 29.84 -1.39
N SER B 344 4.58 29.45 -2.59
CA SER B 344 4.38 28.04 -2.91
C SER B 344 5.67 27.22 -2.75
N GLY B 345 6.81 27.89 -2.86
CA GLY B 345 8.09 27.23 -2.69
C GLY B 345 8.34 26.81 -1.25
N TYR B 346 7.70 27.52 -0.33
CA TYR B 346 7.85 27.25 1.09
C TYR B 346 6.89 26.15 1.55
N GLY B 347 5.94 25.80 0.68
CA GLY B 347 4.94 24.80 0.99
C GLY B 347 5.42 23.38 0.74
N ARG B 348 5.07 22.48 1.66
CA ARG B 348 5.53 21.09 1.57
C ARG B 348 4.77 20.31 0.50
N HIS B 349 3.71 20.90 -0.03
CA HIS B 349 2.96 20.28 -1.13
C HIS B 349 3.72 20.45 -2.45
N ASN B 350 4.80 21.22 -2.41
CA ASN B 350 5.70 21.36 -3.55
C ASN B 350 7.08 20.83 -3.18
N PRO B 351 7.81 20.29 -4.16
CA PRO B 351 9.08 19.59 -3.87
C PRO B 351 10.27 20.51 -3.65
N MET B 352 10.08 21.82 -3.79
CA MET B 352 11.20 22.76 -3.72
C MET B 352 11.86 22.80 -2.34
N GLU B 353 11.05 22.77 -1.29
CA GLU B 353 11.57 22.80 0.07
C GLU B 353 12.34 21.51 0.37
N ARG B 354 11.94 20.42 -0.27
CA ARG B 354 12.62 19.14 -0.10
C ARG B 354 13.98 19.14 -0.78
N HIS B 355 14.06 19.76 -1.96
CA HIS B 355 15.32 19.87 -2.69
C HIS B 355 16.38 20.55 -1.84
N VAL B 356 16.00 21.60 -1.13
CA VAL B 356 16.93 22.30 -0.25
C VAL B 356 17.36 21.39 0.89
N ARG B 357 16.41 20.70 1.50
CA ARG B 357 16.71 19.79 2.60
C ARG B 357 17.61 18.64 2.15
N ASP B 358 17.31 18.07 0.99
CA ASP B 358 18.09 16.95 0.46
C ASP B 358 19.52 17.35 0.10
N ALA B 359 19.68 18.53 -0.48
CA ALA B 359 20.99 18.96 -0.97
C ALA B 359 21.96 19.33 0.16
N ARG B 360 21.41 19.72 1.30
CA ARG B 360 22.20 20.30 2.38
C ARG B 360 23.27 19.37 2.96
N MET B 361 23.03 18.06 2.91
CA MET B 361 23.93 17.10 3.55
C MET B 361 25.27 16.95 2.85
N PHE B 362 25.35 17.34 1.59
CA PHE B 362 26.49 16.98 0.77
C PHE B 362 27.73 17.84 0.98
N THR B 363 27.60 18.92 1.76
CA THR B 363 28.78 19.65 2.21
C THR B 363 29.25 19.09 3.55
N ILE B 364 28.65 17.99 3.97
CA ILE B 364 28.98 17.36 5.25
C ILE B 364 29.37 15.89 5.12
N ALA B 365 28.48 15.09 4.57
CA ALA B 365 28.68 13.64 4.50
C ALA B 365 29.80 13.26 3.54
N GLY B 366 30.59 12.27 3.93
CA GLY B 366 31.70 11.80 3.11
C GLY B 366 32.86 12.79 3.08
N GLY B 367 33.04 13.52 4.17
CA GLY B 367 34.06 14.55 4.24
C GLY B 367 33.48 15.93 4.02
N THR B 368 33.55 16.78 5.04
CA THR B 368 32.98 18.11 4.97
C THR B 368 33.71 18.98 3.95
N ALA B 369 33.06 20.04 3.50
CA ALA B 369 33.65 20.95 2.53
C ALA B 369 34.88 21.64 3.10
N GLN B 370 34.93 21.73 4.43
CA GLN B 370 36.09 22.29 5.11
C GLN B 370 37.28 21.36 5.01
N ILE B 371 37.03 20.07 5.27
CA ILE B 371 38.08 19.06 5.23
C ILE B 371 38.61 18.88 3.80
N LEU B 372 37.74 19.01 2.81
CA LEU B 372 38.14 18.87 1.42
C LEU B 372 38.99 20.04 0.94
N ARG B 373 38.75 21.22 1.51
CA ARG B 373 39.55 22.39 1.19
C ARG B 373 40.99 22.23 1.66
N THR B 374 41.14 21.72 2.88
CA THR B 374 42.46 21.45 3.43
C THR B 374 43.21 20.44 2.56
N GLN B 375 42.47 19.42 2.10
CA GLN B 375 43.03 18.39 1.22
C GLN B 375 43.52 18.99 -0.10
N VAL B 376 42.68 19.82 -0.71
CA VAL B 376 43.04 20.50 -1.95
C VAL B 376 44.23 21.43 -1.74
N ALA B 377 44.24 22.13 -0.61
CA ALA B 377 45.32 23.03 -0.27
C ALA B 377 46.65 22.29 -0.13
N SER B 378 46.60 21.09 0.45
CA SER B 378 47.81 20.29 0.66
C SER B 378 48.46 19.90 -0.67
N LYS B 379 47.64 19.73 -1.70
CA LYS B 379 48.14 19.40 -3.02
C LYS B 379 48.77 20.61 -3.69
N ILE B 380 48.09 21.75 -3.63
CA ILE B 380 48.58 22.98 -4.26
C ILE B 380 49.85 23.48 -3.59
N LEU B 381 49.83 23.51 -2.26
CA LEU B 381 50.98 23.96 -1.48
C LEU B 381 52.07 22.91 -1.39
N ASP B 382 51.76 21.70 -1.85
CA ASP B 382 52.70 20.58 -1.86
C ASP B 382 53.30 20.35 -0.48
N MET B 383 52.44 20.13 0.51
CA MET B 383 52.87 19.93 1.88
C MET B 383 51.78 19.26 2.70
N LYS B 384 52.18 18.56 3.75
CA LYS B 384 51.21 17.99 4.68
C LYS B 384 50.65 19.09 5.58
N LEU B 385 49.35 19.01 5.85
CA LEU B 385 48.70 20.00 6.70
C LEU B 385 48.12 19.34 7.95
N PRO B 386 48.96 19.09 8.97
CA PRO B 386 48.51 18.48 10.21
C PRO B 386 47.58 19.41 10.99
N GLN B 387 46.52 18.85 11.57
CA GLN B 387 45.52 19.64 12.28
C GLN B 387 45.71 19.56 13.78
N THR B 388 46.75 18.85 14.21
CA THR B 388 47.03 18.69 15.63
C THR B 388 47.80 19.90 16.16
N ARG B 389 47.82 20.05 17.48
CA ARG B 389 48.47 21.19 18.11
C ARG B 389 49.99 21.18 17.97
N ASP B 390 50.55 20.04 17.58
CA ASP B 390 52.00 19.88 17.56
C ASP B 390 52.55 19.42 16.21
N GLY B 391 51.73 19.55 15.17
CA GLY B 391 52.12 19.06 13.85
C GLY B 391 53.01 20.03 13.08
N TYR B 392 53.11 21.26 13.56
CA TYR B 392 53.85 22.33 12.88
C TYR B 392 53.34 22.55 11.45
N TYR C 2 -4.15 -43.94 1.09
CA TYR C 2 -4.28 -42.58 1.63
C TYR C 2 -2.92 -41.89 1.74
N GLU C 3 -1.94 -42.39 1.00
CA GLU C 3 -0.60 -41.81 1.04
C GLU C 3 -0.02 -41.66 -0.38
N LEU C 4 1.13 -41.00 -0.46
CA LEU C 4 1.73 -40.67 -1.75
C LEU C 4 2.46 -41.87 -2.37
N THR C 5 2.34 -41.98 -3.69
CA THR C 5 3.06 -43.00 -4.44
C THR C 5 4.55 -42.65 -4.51
N PRO C 6 5.41 -43.65 -4.70
CA PRO C 6 6.87 -43.43 -4.82
C PRO C 6 7.24 -42.34 -5.84
N GLU C 7 6.45 -42.22 -6.90
CA GLU C 7 6.70 -41.20 -7.92
C GLU C 7 6.30 -39.82 -7.40
N GLN C 8 5.28 -39.78 -6.55
CA GLN C 8 4.80 -38.52 -6.00
C GLN C 8 5.72 -38.01 -4.89
N ARG C 9 6.34 -38.92 -4.15
CA ARG C 9 7.30 -38.54 -3.12
C ARG C 9 8.56 -37.95 -3.76
N THR C 10 8.89 -38.45 -4.94
CA THR C 10 10.03 -37.93 -5.69
C THR C 10 9.72 -36.52 -6.20
N LEU C 11 8.51 -36.35 -6.74
CA LEU C 11 8.06 -35.05 -7.21
C LEU C 11 7.99 -34.06 -6.05
N GLN C 12 7.60 -34.54 -4.88
CA GLN C 12 7.53 -33.73 -3.67
C GLN C 12 8.91 -33.27 -3.24
N THR C 13 9.86 -34.19 -3.29
CA THR C 13 11.24 -33.90 -2.88
C THR C 13 11.87 -32.86 -3.80
N GLN C 14 11.68 -33.02 -5.10
CA GLN C 14 12.20 -32.08 -6.09
C GLN C 14 11.61 -30.68 -5.88
N ALA C 15 10.33 -30.62 -5.56
CA ALA C 15 9.66 -29.35 -5.32
C ALA C 15 10.14 -28.72 -4.01
N ARG C 16 10.35 -29.56 -3.00
CA ARG C 16 10.79 -29.10 -1.70
C ARG C 16 12.21 -28.55 -1.75
N GLU C 17 13.07 -29.22 -2.50
CA GLU C 17 14.48 -28.81 -2.62
C GLU C 17 14.60 -27.44 -3.27
N LEU C 18 13.89 -27.25 -4.38
CA LEU C 18 13.88 -25.96 -5.06
C LEU C 18 13.33 -24.85 -4.17
N ALA C 19 12.29 -25.17 -3.40
CA ALA C 19 11.63 -24.20 -2.55
C ALA C 19 12.52 -23.79 -1.37
N GLN C 20 13.22 -24.76 -0.79
CA GLN C 20 14.04 -24.49 0.39
C GLN C 20 15.41 -23.91 0.05
N SER C 21 15.97 -24.33 -1.09
CA SER C 21 17.32 -23.91 -1.45
C SER C 21 17.34 -22.59 -2.22
N VAL C 22 16.21 -22.23 -2.80
CA VAL C 22 16.14 -21.03 -3.65
C VAL C 22 15.07 -20.04 -3.20
N PHE C 23 13.84 -20.52 -3.02
CA PHE C 23 12.69 -19.64 -2.82
C PHE C 23 12.54 -19.12 -1.39
N ALA C 24 12.91 -19.93 -0.41
CA ALA C 24 12.70 -19.56 0.99
C ALA C 24 13.45 -18.30 1.42
N SER C 25 14.67 -18.16 0.92
CA SER C 25 15.52 -17.03 1.33
C SER C 25 15.08 -15.70 0.71
N THR C 26 14.13 -15.75 -0.21
CA THR C 26 13.69 -14.56 -0.92
C THR C 26 12.30 -14.08 -0.50
N ALA C 27 11.65 -14.85 0.37
CA ALA C 27 10.27 -14.58 0.77
C ALA C 27 10.10 -13.22 1.43
N VAL C 28 10.96 -12.93 2.40
CA VAL C 28 10.91 -11.65 3.12
C VAL C 28 11.10 -10.47 2.16
N GLN C 29 12.12 -10.58 1.31
CA GLN C 29 12.42 -9.53 0.34
C GLN C 29 11.27 -9.33 -0.64
N THR C 30 10.66 -10.44 -1.06
CA THR C 30 9.53 -10.39 -1.98
C THR C 30 8.34 -9.67 -1.37
N ASP C 31 8.12 -9.91 -0.08
CA ASP C 31 7.05 -9.23 0.65
C ASP C 31 7.37 -7.75 0.85
N LEU C 32 8.65 -7.44 1.00
CA LEU C 32 9.08 -6.05 1.17
C LEU C 32 8.93 -5.23 -0.11
N THR C 33 9.45 -5.77 -1.21
CA THR C 33 9.47 -5.04 -2.48
C THR C 33 8.11 -5.05 -3.16
N GLU C 34 7.31 -6.06 -2.86
CA GLU C 34 6.03 -6.29 -3.53
C GLU C 34 6.23 -6.42 -5.04
N GLN C 35 7.40 -6.92 -5.43
CA GLN C 35 7.78 -7.02 -6.84
C GLN C 35 7.77 -8.47 -7.33
N TYR C 36 7.27 -8.65 -8.55
CA TYR C 36 7.22 -9.97 -9.17
C TYR C 36 8.61 -10.57 -9.32
N PRO C 37 8.85 -11.70 -8.63
CA PRO C 37 10.16 -12.38 -8.63
C PRO C 37 10.45 -13.12 -9.93
N TRP C 38 10.93 -12.40 -10.93
CA TRP C 38 11.18 -12.96 -12.25
C TRP C 38 12.21 -14.10 -12.22
N ASP C 39 13.26 -13.94 -11.42
CA ASP C 39 14.30 -14.95 -11.32
C ASP C 39 13.75 -16.25 -10.73
N ASN C 40 12.89 -16.12 -9.73
CA ASN C 40 12.27 -17.27 -9.10
C ASN C 40 11.32 -17.99 -10.07
N VAL C 41 10.59 -17.21 -10.86
CA VAL C 41 9.70 -17.77 -11.86
C VAL C 41 10.49 -18.56 -12.91
N ALA C 42 11.63 -18.00 -13.32
CA ALA C 42 12.49 -18.65 -14.30
C ALA C 42 12.99 -20.00 -13.79
N GLN C 43 13.35 -20.05 -12.51
CA GLN C 43 13.80 -21.30 -11.89
C GLN C 43 12.63 -22.28 -11.79
N LEU C 44 11.45 -21.76 -11.50
CA LEU C 44 10.24 -22.57 -11.40
C LEU C 44 9.91 -23.22 -12.74
N ARG C 45 10.20 -22.50 -13.82
CA ARG C 45 9.99 -23.01 -15.17
C ARG C 45 11.02 -24.06 -15.55
N ASP C 46 12.29 -23.76 -15.28
CA ASP C 46 13.38 -24.66 -15.65
C ASP C 46 13.29 -25.98 -14.87
N ALA C 47 12.68 -25.93 -13.70
CA ALA C 47 12.48 -27.12 -12.88
C ALA C 47 11.26 -27.91 -13.37
N GLY C 48 10.59 -27.38 -14.38
CA GLY C 48 9.43 -28.04 -14.98
C GLY C 48 8.22 -28.05 -14.07
N PHE C 49 8.01 -26.95 -13.36
CA PHE C 49 6.90 -26.86 -12.41
C PHE C 49 5.80 -25.92 -12.91
N MET C 50 5.86 -25.57 -14.20
CA MET C 50 4.83 -24.75 -14.81
C MET C 50 4.17 -25.49 -15.98
N GLY C 51 2.85 -25.39 -16.07
CA GLY C 51 2.09 -26.10 -17.09
C GLY C 51 2.24 -27.60 -16.98
N MET C 52 2.27 -28.10 -15.75
CA MET C 52 2.50 -29.52 -15.49
C MET C 52 1.37 -30.40 -16.02
N MET C 53 0.15 -29.89 -16.03
CA MET C 53 -1.01 -30.67 -16.46
C MET C 53 -1.27 -30.56 -17.96
N LEU C 54 -0.42 -29.82 -18.66
CA LEU C 54 -0.48 -29.77 -20.11
C LEU C 54 -0.11 -31.13 -20.71
N PRO C 55 -0.77 -31.52 -21.81
CA PRO C 55 -0.44 -32.77 -22.50
C PRO C 55 1.01 -32.84 -22.95
N THR C 56 1.57 -34.04 -23.02
CA THR C 56 2.96 -34.22 -23.42
C THR C 56 3.16 -33.90 -24.90
N SER C 57 2.06 -33.83 -25.65
CA SER C 57 2.12 -33.53 -27.08
C SER C 57 2.47 -32.07 -27.34
N VAL C 58 2.20 -31.20 -26.37
CA VAL C 58 2.49 -29.77 -26.54
C VAL C 58 3.64 -29.32 -25.64
N GLY C 59 4.31 -30.28 -25.02
CA GLY C 59 5.48 -29.99 -24.21
C GLY C 59 5.24 -30.15 -22.71
N GLY C 60 3.99 -30.37 -22.34
CA GLY C 60 3.63 -30.54 -20.94
C GLY C 60 4.11 -31.86 -20.37
N ARG C 61 3.90 -32.04 -19.06
CA ARG C 61 4.32 -33.27 -18.38
C ARG C 61 3.13 -34.22 -18.22
N GLY C 62 1.93 -33.69 -18.44
CA GLY C 62 0.72 -34.49 -18.34
C GLY C 62 0.45 -35.02 -16.94
N LEU C 63 0.84 -34.25 -15.94
CA LEU C 63 0.64 -34.65 -14.55
C LEU C 63 -0.81 -34.50 -14.12
N SER C 64 -1.11 -34.89 -12.89
CA SER C 64 -2.47 -34.83 -12.37
C SER C 64 -2.68 -33.60 -11.48
N THR C 65 -3.92 -33.38 -11.08
CA THR C 65 -4.25 -32.29 -10.17
C THR C 65 -3.59 -32.52 -8.81
N LEU C 66 -3.59 -33.77 -8.36
CA LEU C 66 -2.94 -34.12 -7.10
C LEU C 66 -1.45 -33.85 -7.14
N ASP C 67 -0.83 -34.10 -8.29
CA ASP C 67 0.59 -33.83 -8.47
C ASP C 67 0.92 -32.36 -8.25
N THR C 68 0.11 -31.49 -8.85
CA THR C 68 0.31 -30.05 -8.71
C THR C 68 0.11 -29.61 -7.27
N VAL C 69 -0.93 -30.14 -6.63
CA VAL C 69 -1.25 -29.81 -5.24
C VAL C 69 -0.07 -30.13 -4.32
N ILE C 70 0.57 -31.27 -4.55
CA ILE C 70 1.76 -31.66 -3.82
C ILE C 70 2.88 -30.63 -4.02
N VAL C 71 3.07 -30.23 -5.27
CA VAL C 71 4.11 -29.26 -5.61
C VAL C 71 3.78 -27.88 -5.04
N ILE C 72 2.53 -27.45 -5.22
CA ILE C 72 2.07 -26.14 -4.77
C ILE C 72 2.33 -25.92 -3.28
N GLU C 73 2.02 -26.92 -2.47
CA GLU C 73 2.19 -26.79 -1.02
C GLU C 73 3.65 -26.53 -0.63
N GLU C 74 4.57 -27.23 -1.29
CA GLU C 74 5.98 -27.08 -0.98
C GLU C 74 6.48 -25.68 -1.31
N MET C 75 5.97 -25.11 -2.40
CA MET C 75 6.33 -23.75 -2.79
C MET C 75 5.77 -22.75 -1.78
N ALA C 76 4.52 -22.96 -1.38
CA ALA C 76 3.84 -22.05 -0.45
C ALA C 76 4.50 -22.06 0.92
N LYS C 77 5.09 -23.20 1.30
CA LYS C 77 5.80 -23.30 2.57
C LYS C 77 7.05 -22.42 2.58
N ALA C 78 7.58 -22.13 1.39
CA ALA C 78 8.75 -21.28 1.27
C ALA C 78 8.34 -19.84 1.02
N CYS C 79 7.44 -19.64 0.06
CA CYS C 79 6.99 -18.30 -0.31
C CYS C 79 5.56 -18.36 -0.84
N ALA C 80 4.67 -17.58 -0.21
CA ALA C 80 3.26 -17.56 -0.59
C ALA C 80 3.06 -17.11 -2.02
N THR C 81 3.89 -16.15 -2.44
CA THR C 81 3.86 -15.64 -3.79
C THR C 81 4.19 -16.74 -4.81
N MET C 82 5.23 -17.50 -4.53
CA MET C 82 5.62 -18.60 -5.41
C MET C 82 4.54 -19.68 -5.40
N GLY C 83 3.83 -19.78 -4.28
CA GLY C 83 2.72 -20.71 -4.16
C GLY C 83 1.60 -20.35 -5.13
N ARG C 84 1.18 -19.09 -5.11
CA ARG C 84 0.11 -18.64 -5.99
C ARG C 84 0.53 -18.67 -7.45
N ILE C 85 1.79 -18.37 -7.72
CA ILE C 85 2.33 -18.42 -9.08
C ILE C 85 2.22 -19.84 -9.63
N THR C 86 2.59 -20.81 -8.79
CA THR C 86 2.51 -22.22 -9.16
C THR C 86 1.06 -22.62 -9.45
N VAL C 87 0.11 -21.99 -8.78
CA VAL C 87 -1.31 -22.27 -9.00
C VAL C 87 -1.80 -21.76 -10.36
N ASP C 88 -1.58 -20.47 -10.62
CA ASP C 88 -2.07 -19.85 -11.84
C ASP C 88 -1.39 -20.38 -13.10
N SER C 89 -0.19 -20.93 -12.96
CA SER C 89 0.56 -21.43 -14.09
C SER C 89 0.32 -22.93 -14.30
N ASN C 90 -0.60 -23.50 -13.53
CA ASN C 90 -0.91 -24.92 -13.64
C ASN C 90 -2.40 -25.21 -13.61
N LEU C 91 -3.15 -24.34 -12.94
CA LEU C 91 -4.59 -24.53 -12.78
C LEU C 91 -5.37 -23.26 -13.12
N GLY C 92 -6.66 -23.41 -13.37
CA GLY C 92 -7.52 -22.26 -13.64
C GLY C 92 -7.69 -21.94 -15.11
N ALA C 93 -7.16 -20.79 -15.52
CA ALA C 93 -7.29 -20.32 -16.90
C ALA C 93 -6.62 -21.27 -17.89
N ILE C 94 -5.45 -21.79 -17.52
CA ILE C 94 -4.72 -22.71 -18.38
C ILE C 94 -5.46 -24.05 -18.46
N GLY C 95 -6.19 -24.39 -17.40
CA GLY C 95 -6.96 -25.62 -17.37
C GLY C 95 -8.19 -25.52 -18.25
N ALA C 96 -8.77 -24.32 -18.31
CA ALA C 96 -9.95 -24.09 -19.13
C ALA C 96 -9.58 -24.12 -20.61
N ILE C 97 -8.42 -23.56 -20.93
CA ILE C 97 -7.93 -23.53 -22.30
C ILE C 97 -7.51 -24.93 -22.74
N THR C 98 -6.90 -25.68 -21.83
CA THR C 98 -6.48 -27.05 -22.12
C THR C 98 -7.67 -27.94 -22.49
N LYS C 99 -8.76 -27.80 -21.74
CA LYS C 99 -9.93 -28.67 -21.89
C LYS C 99 -10.86 -28.26 -23.02
N TYR C 100 -11.11 -26.95 -23.15
CA TYR C 100 -12.14 -26.47 -24.07
C TYR C 100 -11.57 -25.67 -25.25
N GLY C 101 -10.28 -25.40 -25.23
CA GLY C 101 -9.68 -24.60 -26.28
C GLY C 101 -9.36 -25.38 -27.54
N SER C 102 -9.22 -24.67 -28.65
CA SER C 102 -8.86 -25.29 -29.93
C SER C 102 -7.37 -25.57 -29.97
N GLU C 103 -6.93 -26.27 -31.02
CA GLU C 103 -5.52 -26.63 -31.16
C GLU C 103 -4.63 -25.38 -31.19
N GLU C 104 -5.10 -24.34 -31.87
CA GLU C 104 -4.36 -23.09 -31.95
C GLU C 104 -4.29 -22.40 -30.59
N GLN C 105 -5.42 -22.38 -29.90
CA GLN C 105 -5.52 -21.74 -28.59
C GLN C 105 -4.69 -22.47 -27.54
N ILE C 106 -4.70 -23.80 -27.60
CA ILE C 106 -3.92 -24.61 -26.66
C ILE C 106 -2.43 -24.40 -26.86
N LYS C 107 -2.00 -24.41 -28.12
CA LYS C 107 -0.58 -24.25 -28.45
C LYS C 107 -0.03 -22.90 -27.97
N LEU C 108 -0.78 -21.84 -28.22
CA LEU C 108 -0.38 -20.50 -27.80
C LEU C 108 -0.26 -20.41 -26.29
N ALA C 109 -1.24 -20.97 -25.58
CA ALA C 109 -1.24 -20.97 -24.12
C ALA C 109 -0.08 -21.81 -23.59
N ALA C 110 0.10 -23.00 -24.16
CA ALA C 110 1.14 -23.91 -23.72
C ALA C 110 2.53 -23.31 -23.94
N ASP C 111 2.74 -22.69 -25.09
CA ASP C 111 4.02 -22.07 -25.41
C ASP C 111 4.37 -20.96 -24.42
N LEU C 112 3.40 -20.13 -24.11
CA LEU C 112 3.60 -19.01 -23.18
C LEU C 112 3.91 -19.50 -21.77
N VAL C 113 3.09 -20.42 -21.26
CA VAL C 113 3.25 -20.95 -19.91
C VAL C 113 4.60 -21.66 -19.75
N LEU C 114 4.94 -22.50 -20.71
CA LEU C 114 6.20 -23.23 -20.68
C LEU C 114 7.40 -22.29 -20.86
N ALA C 115 7.14 -21.08 -21.35
CA ALA C 115 8.18 -20.08 -21.48
C ALA C 115 8.39 -19.33 -20.17
N GLY C 116 7.47 -19.52 -19.23
CA GLY C 116 7.58 -18.92 -17.92
C GLY C 116 6.52 -17.88 -17.62
N ASP C 117 5.46 -17.85 -18.43
CA ASP C 117 4.39 -16.89 -18.24
C ASP C 117 3.33 -17.41 -17.27
N LYS C 118 2.93 -16.56 -16.34
CA LYS C 118 1.83 -16.87 -15.43
C LYS C 118 0.56 -16.23 -15.96
N PRO C 119 -0.35 -17.05 -16.50
CA PRO C 119 -1.60 -16.54 -17.10
C PRO C 119 -2.46 -15.78 -16.10
N ALA C 120 -3.24 -14.83 -16.61
CA ALA C 120 -4.14 -14.06 -15.78
C ALA C 120 -5.59 -14.28 -16.21
N ILE C 121 -6.42 -14.71 -15.27
CA ILE C 121 -7.84 -14.88 -15.57
C ILE C 121 -8.58 -13.60 -15.20
N CYS C 122 -9.47 -13.16 -16.07
CA CYS C 122 -10.15 -11.88 -15.87
C CYS C 122 -11.66 -12.06 -15.81
N ILE C 123 -12.20 -12.12 -14.61
CA ILE C 123 -13.62 -12.30 -14.40
C ILE C 123 -14.23 -11.22 -13.52
N SER C 124 -13.64 -11.02 -12.36
CA SER C 124 -14.21 -10.16 -11.33
C SER C 124 -14.24 -8.69 -11.72
N GLU C 125 -15.33 -8.02 -11.37
CA GLU C 125 -15.50 -6.59 -11.62
C GLU C 125 -15.83 -5.89 -10.31
N PRO C 126 -15.55 -4.58 -10.22
CA PRO C 126 -15.86 -3.80 -9.02
C PRO C 126 -17.29 -3.97 -8.52
N ASN C 127 -18.23 -4.22 -9.42
CA ASN C 127 -19.62 -4.45 -9.03
C ASN C 127 -20.12 -5.85 -9.39
N ALA C 128 -19.18 -6.77 -9.60
CA ALA C 128 -19.53 -8.16 -9.93
C ALA C 128 -18.50 -9.13 -9.38
N GLY C 129 -18.78 -9.68 -8.20
CA GLY C 129 -17.87 -10.61 -7.55
C GLY C 129 -18.48 -11.98 -7.37
N SER C 130 -19.23 -12.16 -6.29
CA SER C 130 -19.93 -13.41 -6.04
C SER C 130 -20.96 -13.66 -7.14
N ALA C 131 -21.66 -12.61 -7.54
CA ALA C 131 -22.59 -12.69 -8.65
C ALA C 131 -21.87 -12.37 -9.96
N ALA C 132 -20.99 -13.28 -10.37
CA ALA C 132 -20.16 -13.06 -11.55
C ALA C 132 -20.98 -12.93 -12.82
N SER C 133 -22.18 -13.50 -12.81
CA SER C 133 -23.06 -13.44 -13.97
C SER C 133 -23.63 -12.05 -14.22
N GLU C 134 -23.32 -11.11 -13.33
CA GLU C 134 -23.80 -9.74 -13.46
C GLU C 134 -22.73 -8.82 -14.00
N MET C 135 -21.71 -9.39 -14.64
CA MET C 135 -20.59 -8.62 -15.17
C MET C 135 -21.06 -7.66 -16.27
N THR C 136 -20.42 -6.50 -16.35
CA THR C 136 -20.83 -5.49 -17.31
C THR C 136 -19.89 -5.41 -18.51
N THR C 137 -18.75 -6.07 -18.42
CA THR C 137 -17.82 -6.14 -19.55
C THR C 137 -18.46 -6.87 -20.71
N ARG C 138 -18.62 -6.18 -21.84
CA ARG C 138 -19.32 -6.74 -22.98
C ARG C 138 -18.40 -6.98 -24.17
N ALA C 139 -18.79 -7.94 -25.01
CA ALA C 139 -18.04 -8.25 -26.22
C ALA C 139 -18.98 -8.27 -27.41
N ASP C 140 -18.95 -7.19 -28.20
CA ASP C 140 -19.83 -7.08 -29.36
C ASP C 140 -19.19 -7.67 -30.61
N LYS C 141 -19.94 -8.52 -31.30
CA LYS C 141 -19.44 -9.15 -32.52
C LYS C 141 -19.37 -8.13 -33.66
N ASN C 142 -18.23 -8.08 -34.33
CA ASN C 142 -18.03 -7.16 -35.44
C ASN C 142 -17.27 -7.84 -36.58
N GLY C 143 -18.02 -8.54 -37.44
CA GLY C 143 -17.42 -9.31 -38.50
C GLY C 143 -16.87 -10.62 -37.96
N ASP C 144 -15.58 -10.84 -38.15
CA ASP C 144 -14.92 -12.02 -37.59
C ASP C 144 -14.18 -11.65 -36.31
N HIS C 145 -14.48 -10.48 -35.78
CA HIS C 145 -13.86 -10.01 -34.54
C HIS C 145 -14.89 -9.74 -33.46
N TYR C 146 -14.42 -9.61 -32.22
CA TYR C 146 -15.26 -9.24 -31.10
C TYR C 146 -14.68 -8.01 -30.40
N ILE C 147 -15.49 -6.96 -30.30
CA ILE C 147 -15.05 -5.72 -29.67
C ILE C 147 -15.38 -5.71 -28.18
N LEU C 148 -14.35 -5.77 -27.35
CA LEU C 148 -14.53 -5.86 -25.90
C LEU C 148 -14.46 -4.51 -25.21
N ASN C 149 -15.43 -4.23 -24.35
CA ASN C 149 -15.45 -3.02 -23.54
C ASN C 149 -15.87 -3.31 -22.11
N GLY C 150 -15.09 -2.83 -21.15
CA GLY C 150 -15.40 -3.05 -19.74
C GLY C 150 -14.19 -2.90 -18.84
N GLU C 151 -14.33 -3.34 -17.60
CA GLU C 151 -13.26 -3.21 -16.62
C GLU C 151 -13.25 -4.37 -15.62
N LYS C 152 -12.08 -4.92 -15.36
CA LYS C 152 -11.90 -5.95 -14.35
C LYS C 152 -10.98 -5.41 -13.25
N TYR C 153 -11.05 -6.00 -12.06
CA TYR C 153 -10.14 -5.61 -10.99
C TYR C 153 -9.64 -6.81 -10.18
N TRP C 154 -8.66 -6.57 -9.33
CA TRP C 154 -7.97 -7.61 -8.57
C TRP C 154 -7.43 -8.72 -9.47
N ILE C 155 -7.00 -8.34 -10.68
CA ILE C 155 -6.43 -9.29 -11.62
C ILE C 155 -5.02 -9.70 -11.18
N THR C 156 -4.86 -10.95 -10.80
CA THR C 156 -3.58 -11.46 -10.34
C THR C 156 -2.60 -11.62 -11.50
N GLY C 157 -1.57 -10.78 -11.51
CA GLY C 157 -0.56 -10.82 -12.55
C GLY C 157 -0.68 -9.66 -13.52
N GLY C 158 -1.54 -8.70 -13.20
CA GLY C 158 -1.72 -7.52 -14.03
C GLY C 158 -0.43 -6.73 -14.20
N GLY C 159 0.06 -6.66 -15.44
CA GLY C 159 1.26 -5.91 -15.73
C GLY C 159 2.48 -6.81 -15.93
N VAL C 160 2.38 -8.06 -15.48
CA VAL C 160 3.47 -9.01 -15.63
C VAL C 160 3.02 -10.25 -16.40
N SER C 161 1.72 -10.49 -16.43
CA SER C 161 1.17 -11.62 -17.18
C SER C 161 1.08 -11.29 -18.65
N LYS C 162 1.34 -12.28 -19.50
CA LYS C 162 1.16 -12.12 -20.94
C LYS C 162 -0.19 -12.67 -21.37
N LEU C 163 -0.42 -13.94 -21.05
CA LEU C 163 -1.67 -14.61 -21.38
C LEU C 163 -2.82 -14.08 -20.53
N HIS C 164 -3.90 -13.67 -21.20
CA HIS C 164 -5.08 -13.17 -20.51
C HIS C 164 -6.35 -13.88 -20.98
N LEU C 165 -7.06 -14.50 -20.05
CA LEU C 165 -8.36 -15.10 -20.35
C LEU C 165 -9.47 -14.19 -19.83
N ILE C 166 -10.12 -13.47 -20.73
CA ILE C 166 -11.09 -12.44 -20.35
C ILE C 166 -12.53 -12.91 -20.53
N PHE C 167 -13.32 -12.84 -19.46
CA PHE C 167 -14.72 -13.21 -19.51
C PHE C 167 -15.59 -11.97 -19.75
N ALA C 168 -16.51 -12.09 -20.71
CA ALA C 168 -17.34 -10.95 -21.08
C ALA C 168 -18.71 -11.39 -21.60
N ARG C 169 -19.69 -10.50 -21.49
CA ARG C 169 -21.03 -10.76 -21.99
C ARG C 169 -21.07 -10.56 -23.49
N VAL C 170 -21.40 -11.63 -24.23
CA VAL C 170 -21.36 -11.60 -25.69
C VAL C 170 -22.67 -11.09 -26.29
N PHE C 171 -22.55 -10.12 -27.19
CA PHE C 171 -23.70 -9.57 -27.89
C PHE C 171 -23.56 -9.73 -29.41
N ASP C 172 -24.64 -10.19 -30.04
CA ASP C 172 -24.66 -10.38 -31.48
C ASP C 172 -25.71 -9.47 -32.11
N ASP C 173 -25.25 -8.34 -32.67
CA ASP C 173 -26.12 -7.31 -33.22
C ASP C 173 -27.13 -6.83 -32.19
N GLY C 174 -26.68 -6.65 -30.95
CA GLY C 174 -27.53 -6.16 -29.88
C GLY C 174 -28.18 -7.28 -29.08
N VAL C 175 -28.20 -8.48 -29.64
CA VAL C 175 -28.80 -9.63 -28.97
C VAL C 175 -27.78 -10.37 -28.11
N GLU C 176 -28.09 -10.52 -26.83
CA GLU C 176 -27.19 -11.17 -25.89
C GLU C 176 -27.07 -12.68 -26.18
N GLN C 177 -25.84 -13.17 -26.13
CA GLN C 177 -25.57 -14.58 -26.40
C GLN C 177 -25.15 -15.34 -25.14
N GLY C 178 -24.78 -14.59 -24.10
CA GLY C 178 -24.31 -15.18 -22.86
C GLY C 178 -22.96 -14.64 -22.47
N ILE C 179 -22.18 -15.46 -21.76
CA ILE C 179 -20.85 -15.06 -21.34
C ILE C 179 -19.79 -16.01 -21.90
N GLY C 180 -18.83 -15.46 -22.62
CA GLY C 180 -17.79 -16.25 -23.24
C GLY C 180 -16.39 -15.80 -22.84
N ALA C 181 -15.40 -16.68 -23.04
CA ALA C 181 -14.02 -16.37 -22.70
C ALA C 181 -13.25 -15.93 -23.94
N PHE C 182 -12.39 -14.93 -23.76
CA PHE C 182 -11.58 -14.43 -24.87
C PHE C 182 -10.10 -14.43 -24.50
N ILE C 183 -9.28 -14.94 -25.42
CA ILE C 183 -7.84 -15.03 -25.19
C ILE C 183 -7.09 -13.91 -25.88
N THR C 184 -6.25 -13.21 -25.13
CA THR C 184 -5.39 -12.17 -25.68
C THR C 184 -4.02 -12.21 -25.01
N VAL C 185 -3.01 -11.67 -25.69
CA VAL C 185 -1.66 -11.67 -25.17
C VAL C 185 -1.12 -10.25 -25.04
N LEU C 186 -0.55 -9.95 -23.88
CA LEU C 186 -0.03 -8.61 -23.61
C LEU C 186 1.50 -8.60 -23.63
N ASP C 187 2.07 -7.85 -24.57
CA ASP C 187 3.52 -7.69 -24.64
C ASP C 187 3.90 -6.21 -24.66
N ASP C 188 5.14 -5.91 -25.04
CA ASP C 188 5.66 -4.55 -25.00
C ASP C 188 4.88 -3.60 -25.90
N HIS C 189 4.79 -3.92 -27.19
CA HIS C 189 3.96 -3.14 -28.10
C HIS C 189 2.48 -3.39 -27.77
N GLY C 190 2.18 -4.62 -27.37
CA GLY C 190 0.88 -4.98 -26.84
C GLY C 190 -0.30 -4.86 -27.79
N PRO C 191 -1.47 -5.34 -27.35
CA PRO C 191 -2.72 -5.17 -28.08
C PRO C 191 -3.36 -3.83 -27.77
N GLU C 192 -3.87 -3.15 -28.78
CA GLU C 192 -4.50 -1.85 -28.59
C GLU C 192 -5.87 -2.00 -27.94
N GLY C 193 -6.07 -1.29 -26.83
CA GLY C 193 -7.32 -1.35 -26.10
C GLY C 193 -7.20 -2.06 -24.77
N LEU C 194 -6.05 -2.71 -24.55
CA LEU C 194 -5.79 -3.42 -23.30
C LEU C 194 -4.97 -2.56 -22.35
N LYS C 195 -5.66 -1.91 -21.41
CA LYS C 195 -5.02 -0.97 -20.49
C LYS C 195 -4.92 -1.54 -19.09
N VAL C 196 -3.69 -1.63 -18.58
CA VAL C 196 -3.47 -2.07 -17.20
C VAL C 196 -3.81 -0.93 -16.23
N GLY C 197 -4.80 -1.18 -15.39
CA GLY C 197 -5.26 -0.17 -14.44
C GLY C 197 -4.34 -0.03 -13.23
N ARG C 198 -4.80 0.73 -12.24
CA ARG C 198 -4.02 0.96 -11.03
C ARG C 198 -3.80 -0.34 -10.26
N ARG C 199 -2.68 -0.43 -9.55
CA ARG C 199 -2.38 -1.60 -8.74
C ARG C 199 -3.12 -1.53 -7.41
N LEU C 200 -3.75 -2.64 -7.04
CA LEU C 200 -4.41 -2.74 -5.75
C LEU C 200 -3.47 -3.40 -4.74
N TYR C 201 -2.78 -2.57 -3.95
CA TYR C 201 -1.85 -3.08 -2.96
C TYR C 201 -2.61 -3.83 -1.86
N ALA C 202 -2.11 -5.01 -1.51
CA ALA C 202 -2.88 -5.94 -0.68
C ALA C 202 -2.27 -6.15 0.70
N MET C 203 -3.07 -6.73 1.59
CA MET C 203 -2.63 -7.08 2.94
C MET C 203 -1.43 -8.01 2.91
N GLY C 204 -1.50 -9.02 2.05
CA GLY C 204 -0.44 -10.01 1.93
C GLY C 204 -0.28 -10.56 0.52
N VAL C 205 0.56 -11.59 0.40
CA VAL C 205 0.99 -12.13 -0.88
C VAL C 205 1.30 -10.99 -1.85
N ARG C 206 2.17 -10.09 -1.40
CA ARG C 206 2.41 -8.83 -2.10
C ARG C 206 3.32 -8.99 -3.31
N GLY C 207 3.92 -10.17 -3.44
CA GLY C 207 4.84 -10.43 -4.53
C GLY C 207 4.22 -10.43 -5.91
N ILE C 208 2.90 -10.59 -5.97
CA ILE C 208 2.20 -10.55 -7.25
C ILE C 208 1.30 -9.32 -7.32
N PRO C 209 1.48 -8.50 -8.36
CA PRO C 209 0.68 -7.27 -8.53
C PRO C 209 -0.78 -7.58 -8.83
N GLU C 210 -1.67 -7.05 -8.00
CA GLU C 210 -3.10 -7.11 -8.25
C GLU C 210 -3.54 -5.77 -8.81
N THR C 211 -4.10 -5.78 -10.02
CA THR C 211 -4.41 -4.53 -10.70
C THR C 211 -5.81 -4.49 -11.27
N HIS C 212 -6.26 -3.29 -11.62
CA HIS C 212 -7.44 -3.12 -12.44
C HIS C 212 -7.05 -3.39 -13.89
N LEU C 213 -8.04 -3.68 -14.73
CA LEU C 213 -7.78 -3.95 -16.13
C LEU C 213 -8.90 -3.37 -17.00
N GLU C 214 -8.53 -2.48 -17.90
CA GLU C 214 -9.51 -1.79 -18.73
C GLU C 214 -9.51 -2.29 -20.17
N PHE C 215 -10.68 -2.28 -20.80
CA PHE C 215 -10.82 -2.69 -22.19
C PHE C 215 -11.50 -1.59 -23.00
N HIS C 216 -10.73 -0.94 -23.87
CA HIS C 216 -11.25 0.13 -24.70
C HIS C 216 -11.24 -0.29 -26.17
N ASP C 217 -12.37 -0.82 -26.62
CA ASP C 217 -12.51 -1.33 -27.98
C ASP C 217 -11.44 -2.37 -28.30
N LEU C 218 -11.23 -3.29 -27.36
CA LEU C 218 -10.26 -4.36 -27.54
C LEU C 218 -10.73 -5.32 -28.63
N LYS C 219 -10.01 -5.33 -29.75
CA LYS C 219 -10.39 -6.13 -30.90
C LYS C 219 -9.84 -7.55 -30.81
N ILE C 220 -10.73 -8.52 -30.62
CA ILE C 220 -10.35 -9.91 -30.53
C ILE C 220 -10.96 -10.73 -31.65
N HIS C 221 -10.12 -11.48 -32.37
CA HIS C 221 -10.58 -12.32 -33.46
C HIS C 221 -11.37 -13.51 -32.93
N LYS C 222 -12.24 -14.07 -33.77
CA LYS C 222 -13.10 -15.18 -33.36
C LYS C 222 -12.30 -16.44 -33.04
N SER C 223 -11.10 -16.55 -33.60
CA SER C 223 -10.25 -17.72 -33.39
C SER C 223 -9.64 -17.71 -31.99
N MET C 224 -9.76 -16.58 -31.31
CA MET C 224 -9.25 -16.45 -29.95
C MET C 224 -10.37 -16.41 -28.93
N MET C 225 -11.55 -16.88 -29.35
CA MET C 225 -12.68 -17.03 -28.44
C MET C 225 -12.98 -18.50 -28.23
N ILE C 226 -13.04 -18.93 -26.98
CA ILE C 226 -13.32 -20.32 -26.66
C ILE C 226 -14.76 -20.66 -27.03
N THR C 227 -14.91 -21.47 -28.08
CA THR C 227 -16.23 -21.79 -28.61
C THR C 227 -16.74 -23.14 -28.13
N PHE C 228 -18.06 -23.26 -28.06
CA PHE C 228 -18.71 -24.51 -27.67
C PHE C 228 -19.77 -24.88 -28.69
N PRO C 229 -19.85 -26.19 -29.02
CA PRO C 229 -20.83 -26.69 -29.99
C PRO C 229 -22.28 -26.55 -29.52
N ASP C 230 -22.48 -26.38 -28.21
CA ASP C 230 -23.82 -26.32 -27.65
C ASP C 230 -24.18 -24.95 -27.09
N GLY C 231 -23.53 -23.90 -27.60
CA GLY C 231 -23.84 -22.54 -27.21
C GLY C 231 -23.08 -22.03 -26.00
N LEU C 232 -23.12 -20.71 -25.79
CA LEU C 232 -22.44 -20.07 -24.68
C LEU C 232 -23.23 -20.20 -23.38
N LYS C 233 -24.48 -20.67 -23.51
CA LYS C 233 -25.34 -20.88 -22.34
C LYS C 233 -24.71 -21.88 -21.38
N ARG C 234 -24.13 -22.94 -21.93
CA ARG C 234 -23.49 -23.98 -21.13
C ARG C 234 -22.02 -23.67 -20.96
N GLY C 235 -21.51 -22.80 -21.83
CA GLY C 235 -20.10 -22.44 -21.82
C GLY C 235 -19.65 -21.78 -20.53
N PHE C 236 -20.47 -20.87 -20.00
CA PHE C 236 -20.16 -20.16 -18.76
C PHE C 236 -19.92 -21.14 -17.61
N ALA C 237 -20.80 -22.12 -17.48
CA ALA C 237 -20.70 -23.11 -16.41
C ALA C 237 -19.53 -24.07 -16.65
N ALA C 238 -19.28 -24.38 -17.91
CA ALA C 238 -18.20 -25.29 -18.27
C ALA C 238 -16.84 -24.69 -17.95
N LEU C 239 -16.70 -23.40 -18.22
CA LEU C 239 -15.45 -22.69 -17.96
C LEU C 239 -15.17 -22.57 -16.47
N MET C 240 -16.25 -22.48 -15.68
CA MET C 240 -16.11 -22.34 -14.23
C MET C 240 -15.81 -23.65 -13.53
N SER C 241 -16.00 -24.76 -14.24
CA SER C 241 -15.67 -26.07 -13.68
C SER C 241 -14.16 -26.24 -13.64
N ALA C 242 -13.46 -25.49 -14.48
CA ALA C 242 -12.00 -25.49 -14.48
C ALA C 242 -11.48 -24.82 -13.22
N TYR C 243 -12.30 -23.95 -12.65
CA TYR C 243 -11.95 -23.22 -11.43
C TYR C 243 -12.04 -24.13 -10.20
N ASN C 244 -12.66 -25.29 -10.35
CA ASN C 244 -12.73 -26.27 -9.27
C ASN C 244 -11.34 -26.83 -8.95
N ALA C 245 -10.48 -26.85 -9.96
CA ALA C 245 -9.12 -27.33 -9.79
C ALA C 245 -8.26 -26.26 -9.13
N GLN C 246 -8.49 -25.00 -9.50
CA GLN C 246 -7.70 -23.90 -8.96
C GLN C 246 -8.01 -23.70 -7.48
N ARG C 247 -9.22 -24.06 -7.07
CA ARG C 247 -9.61 -23.92 -5.67
C ARG C 247 -8.81 -24.86 -4.77
N VAL C 248 -8.63 -26.10 -5.22
CA VAL C 248 -7.82 -27.06 -4.49
C VAL C 248 -6.38 -26.58 -4.41
N GLY C 249 -5.88 -26.03 -5.51
CA GLY C 249 -4.54 -25.47 -5.55
C GLY C 249 -4.41 -24.28 -4.62
N ALA C 250 -5.44 -23.42 -4.63
CA ALA C 250 -5.47 -22.26 -3.75
C ALA C 250 -5.45 -22.69 -2.28
N GLY C 251 -6.17 -23.76 -1.98
CA GLY C 251 -6.21 -24.29 -0.63
C GLY C 251 -4.87 -24.83 -0.21
N ALA C 252 -4.10 -25.35 -1.17
CA ALA C 252 -2.78 -25.88 -0.89
C ALA C 252 -1.81 -24.77 -0.48
N VAL C 253 -1.97 -23.60 -1.07
CA VAL C 253 -1.15 -22.46 -0.70
C VAL C 253 -1.41 -22.07 0.75
N ALA C 254 -2.70 -21.98 1.10
CA ALA C 254 -3.11 -21.64 2.47
C ALA C 254 -2.52 -22.65 3.46
N LEU C 255 -2.62 -23.93 3.11
CA LEU C 255 -2.07 -25.00 3.93
C LEU C 255 -0.55 -24.89 4.04
N GLY C 256 0.10 -24.62 2.92
CA GLY C 256 1.54 -24.46 2.88
C GLY C 256 2.01 -23.34 3.79
N ILE C 257 1.29 -22.22 3.76
CA ILE C 257 1.59 -21.10 4.63
C ILE C 257 1.43 -21.50 6.09
N ALA C 258 0.31 -22.15 6.39
CA ALA C 258 0.02 -22.58 7.75
C ALA C 258 1.03 -23.60 8.25
N GLN C 259 1.40 -24.53 7.39
CA GLN C 259 2.38 -25.56 7.73
C GLN C 259 3.71 -24.93 8.10
N CYS C 260 4.12 -23.93 7.32
CA CYS C 260 5.36 -23.22 7.58
C CYS C 260 5.33 -22.48 8.92
N ALA C 261 4.23 -21.78 9.17
CA ALA C 261 4.06 -21.04 10.42
C ALA C 261 4.07 -22.01 11.60
N PHE C 262 3.43 -23.16 11.39
CA PHE C 262 3.36 -24.22 12.39
C PHE C 262 4.76 -24.73 12.76
N GLU C 263 5.54 -25.09 11.74
CA GLU C 263 6.88 -25.60 11.96
C GLU C 263 7.76 -24.60 12.71
N GLU C 264 7.71 -23.34 12.29
CA GLU C 264 8.47 -22.28 12.94
C GLU C 264 8.01 -22.06 14.38
N GLY C 265 6.69 -22.10 14.57
CA GLY C 265 6.12 -21.92 15.90
C GLY C 265 6.53 -23.03 16.85
N VAL C 266 6.56 -24.26 16.34
CA VAL C 266 6.94 -25.41 17.14
C VAL C 266 8.42 -25.35 17.52
N ALA C 267 9.26 -25.05 16.53
CA ALA C 267 10.70 -24.95 16.75
C ALA C 267 11.03 -23.86 17.76
N TYR C 268 10.25 -22.79 17.76
CA TYR C 268 10.48 -21.66 18.67
C TYR C 268 10.17 -22.04 20.11
N LEU C 269 9.12 -22.83 20.31
CA LEU C 269 8.71 -23.24 21.65
C LEU C 269 9.78 -24.08 22.33
N LYS C 270 10.61 -24.75 21.53
CA LYS C 270 11.62 -25.65 22.06
C LYS C 270 12.96 -24.97 22.34
N ARG C 271 13.13 -23.74 21.85
CA ARG C 271 14.37 -23.02 22.08
C ARG C 271 14.16 -21.79 22.96
N ARG C 272 12.99 -21.18 22.87
CA ARG C 272 12.67 -20.02 23.69
C ARG C 272 12.37 -20.45 25.11
N GLU C 273 13.00 -19.78 26.08
CA GLU C 273 12.84 -20.16 27.48
C GLU C 273 12.26 -19.04 28.33
N GLN C 274 11.28 -19.41 29.15
CA GLN C 274 10.75 -18.52 30.18
C GLN C 274 10.53 -19.32 31.45
N PHE C 275 10.64 -18.65 32.60
CA PHE C 275 10.52 -19.29 33.90
C PHE C 275 11.54 -20.42 34.08
N GLY C 276 12.67 -20.30 33.39
CA GLY C 276 13.77 -21.23 33.54
C GLY C 276 13.68 -22.50 32.71
N ARG C 277 12.80 -22.51 31.72
CA ARG C 277 12.63 -23.69 30.87
C ARG C 277 11.99 -23.35 29.53
N PRO C 278 12.18 -24.21 28.52
CA PRO C 278 11.53 -24.03 27.22
C PRO C 278 10.01 -23.93 27.33
N LEU C 279 9.40 -23.16 26.43
CA LEU C 279 7.95 -22.97 26.42
C LEU C 279 7.22 -24.27 26.10
N ALA C 280 7.93 -25.19 25.46
CA ALA C 280 7.35 -26.45 25.01
C ALA C 280 7.00 -27.38 26.17
N GLU C 281 7.34 -26.97 27.39
CA GLU C 281 7.05 -27.77 28.58
C GLU C 281 5.78 -27.29 29.27
N PHE C 282 5.13 -26.28 28.70
CA PHE C 282 3.86 -25.79 29.22
C PHE C 282 2.69 -26.49 28.51
N GLN C 283 1.88 -27.19 29.28
CA GLN C 283 0.78 -28.00 28.74
C GLN C 283 -0.17 -27.21 27.86
N GLY C 284 -0.55 -26.02 28.33
CA GLY C 284 -1.47 -25.17 27.59
C GLY C 284 -1.01 -24.89 26.17
N LEU C 285 0.29 -24.68 26.01
CA LEU C 285 0.88 -24.47 24.69
C LEU C 285 0.98 -25.78 23.92
N GLN C 286 1.25 -26.86 24.65
CA GLN C 286 1.34 -28.20 24.07
C GLN C 286 0.03 -28.58 23.39
N TRP C 287 -1.09 -28.20 24.00
CA TRP C 287 -2.40 -28.51 23.44
C TRP C 287 -2.69 -27.63 22.23
N MET C 288 -2.22 -26.39 22.27
CA MET C 288 -2.34 -25.51 21.12
C MET C 288 -1.60 -26.10 19.93
N VAL C 289 -0.44 -26.69 20.20
CA VAL C 289 0.32 -27.38 19.16
C VAL C 289 -0.45 -28.58 18.63
N ALA C 290 -1.05 -29.35 19.53
CA ALA C 290 -1.82 -30.53 19.16
C ALA C 290 -3.03 -30.15 18.31
N ASP C 291 -3.72 -29.09 18.71
CA ASP C 291 -4.90 -28.62 17.98
C ASP C 291 -4.57 -28.24 16.55
N MET C 292 -3.45 -27.54 16.36
CA MET C 292 -3.04 -27.13 15.03
C MET C 292 -2.65 -28.32 14.17
N SER C 293 -1.91 -29.26 14.74
CA SER C 293 -1.49 -30.45 14.00
C SER C 293 -2.69 -31.26 13.51
N VAL C 294 -3.71 -31.38 14.35
CA VAL C 294 -4.93 -32.11 14.00
C VAL C 294 -5.62 -31.49 12.80
N GLN C 295 -5.81 -30.17 12.84
CA GLN C 295 -6.50 -29.46 11.77
C GLN C 295 -5.66 -29.42 10.50
N LEU C 296 -4.34 -29.38 10.64
CA LEU C 296 -3.45 -29.41 9.49
C LEU C 296 -3.49 -30.76 8.77
N GLU C 297 -3.49 -31.85 9.54
CA GLU C 297 -3.60 -33.19 8.97
C GLU C 297 -4.91 -33.35 8.20
N ALA C 298 -6.00 -32.89 8.82
CA ALA C 298 -7.32 -32.97 8.21
C ALA C 298 -7.39 -32.16 6.92
N ALA C 299 -6.84 -30.95 6.96
CA ALA C 299 -6.84 -30.06 5.81
C ALA C 299 -6.10 -30.69 4.62
N ARG C 300 -4.96 -31.31 4.90
CA ARG C 300 -4.17 -31.94 3.85
C ARG C 300 -4.91 -33.12 3.24
N LEU C 301 -5.59 -33.88 4.09
CA LEU C 301 -6.42 -34.99 3.62
C LEU C 301 -7.55 -34.48 2.74
N MET C 302 -8.24 -33.43 3.20
CA MET C 302 -9.36 -32.85 2.46
C MET C 302 -8.94 -32.38 1.07
N LEU C 303 -7.80 -31.71 0.99
CA LEU C 303 -7.30 -31.18 -0.27
C LEU C 303 -6.91 -32.29 -1.24
N ARG C 304 -6.12 -33.24 -0.76
CA ARG C 304 -5.65 -34.34 -1.61
C ARG C 304 -6.82 -35.23 -2.05
N SER C 305 -7.78 -35.45 -1.15
CA SER C 305 -8.97 -36.22 -1.47
C SER C 305 -9.78 -35.54 -2.57
N ALA C 306 -9.90 -34.22 -2.48
CA ALA C 306 -10.64 -33.46 -3.48
C ALA C 306 -9.92 -33.48 -4.82
N ALA C 307 -8.59 -33.48 -4.76
CA ALA C 307 -7.77 -33.40 -5.97
C ALA C 307 -7.94 -34.62 -6.88
N VAL C 308 -8.27 -35.77 -6.30
CA VAL C 308 -8.41 -37.01 -7.05
C VAL C 308 -9.86 -37.36 -7.34
N SER C 309 -10.76 -36.40 -7.13
CA SER C 309 -12.18 -36.63 -7.40
C SER C 309 -12.57 -36.04 -8.75
N GLY C 310 -13.80 -36.29 -9.18
CA GLY C 310 -14.29 -35.76 -10.43
C GLY C 310 -13.62 -36.37 -11.65
N GLU C 311 -13.92 -35.81 -12.82
CA GLU C 311 -13.35 -36.28 -14.07
C GLU C 311 -12.11 -35.48 -14.44
N THR C 312 -12.27 -34.53 -15.36
CA THR C 312 -11.19 -33.64 -15.76
C THR C 312 -10.77 -32.78 -14.59
N PHE C 313 -11.75 -32.21 -13.90
CA PHE C 313 -11.51 -31.36 -12.75
C PHE C 313 -12.10 -31.99 -11.50
N PRO C 314 -11.58 -31.63 -10.31
CA PRO C 314 -12.12 -32.11 -9.03
C PRO C 314 -13.62 -31.87 -8.90
N ASP C 315 -14.29 -32.71 -8.11
CA ASP C 315 -15.72 -32.54 -7.83
C ASP C 315 -15.96 -31.18 -7.19
N ILE C 316 -16.89 -30.41 -7.76
CA ILE C 316 -17.15 -29.04 -7.36
C ILE C 316 -17.44 -28.89 -5.86
N ASN C 317 -18.08 -29.90 -5.27
CA ASN C 317 -18.47 -29.83 -3.87
C ASN C 317 -17.38 -30.31 -2.92
N LYS C 318 -16.64 -31.34 -3.32
CA LYS C 318 -15.51 -31.80 -2.52
C LYS C 318 -14.40 -30.75 -2.51
N ALA C 319 -14.24 -30.08 -3.64
CA ALA C 319 -13.26 -28.99 -3.73
C ALA C 319 -13.69 -27.82 -2.86
N ALA C 320 -14.99 -27.54 -2.84
CA ALA C 320 -15.52 -26.47 -2.02
C ALA C 320 -15.32 -26.76 -0.54
N GLN C 321 -15.62 -28.00 -0.14
CA GLN C 321 -15.43 -28.43 1.24
C GLN C 321 -13.97 -28.32 1.67
N ALA C 322 -13.07 -28.71 0.77
CA ALA C 322 -11.64 -28.66 1.05
C ALA C 322 -11.14 -27.23 1.17
N LYS C 323 -11.59 -26.37 0.26
CA LYS C 323 -11.16 -24.98 0.25
C LYS C 323 -11.63 -24.25 1.51
N ILE C 324 -12.86 -24.50 1.92
CA ILE C 324 -13.41 -23.94 3.15
C ILE C 324 -12.56 -24.33 4.35
N PHE C 325 -12.27 -25.62 4.46
CA PHE C 325 -11.51 -26.15 5.58
C PHE C 325 -10.06 -25.67 5.59
N ALA C 326 -9.41 -25.76 4.44
CA ALA C 326 -8.00 -25.40 4.34
C ALA C 326 -7.76 -23.90 4.61
N ALA C 327 -8.60 -23.05 4.04
CA ALA C 327 -8.41 -21.60 4.18
C ALA C 327 -8.68 -21.14 5.61
N GLU C 328 -9.71 -21.68 6.23
CA GLU C 328 -10.05 -21.28 7.60
C GLU C 328 -9.07 -21.86 8.61
N THR C 329 -8.54 -23.04 8.30
CA THR C 329 -7.50 -23.64 9.13
C THR C 329 -6.25 -22.75 9.12
N ALA C 330 -5.90 -22.26 7.93
CA ALA C 330 -4.71 -21.44 7.76
C ALA C 330 -4.78 -20.15 8.58
N ASN C 331 -5.96 -19.54 8.64
CA ASN C 331 -6.15 -18.31 9.39
C ASN C 331 -5.98 -18.51 10.89
N LYS C 332 -6.39 -19.67 11.38
CA LYS C 332 -6.28 -19.96 12.81
C LYS C 332 -4.87 -20.40 13.18
N VAL C 333 -4.27 -21.23 12.33
CA VAL C 333 -2.93 -21.74 12.59
C VAL C 333 -1.87 -20.63 12.57
N THR C 334 -1.93 -19.76 11.56
CA THR C 334 -0.95 -18.68 11.45
C THR C 334 -1.04 -17.71 12.63
N ASN C 335 -2.27 -17.39 13.04
CA ASN C 335 -2.47 -16.52 14.20
C ASN C 335 -1.98 -17.15 15.50
N ASP C 336 -2.20 -18.46 15.64
CA ASP C 336 -1.78 -19.15 16.86
C ASP C 336 -0.28 -19.38 16.90
N ALA C 337 0.30 -19.68 15.74
CA ALA C 337 1.74 -19.84 15.63
C ALA C 337 2.46 -18.52 15.92
N LEU C 338 1.83 -17.41 15.54
CA LEU C 338 2.38 -16.09 15.83
C LEU C 338 2.39 -15.85 17.34
N GLN C 339 1.35 -16.34 18.01
CA GLN C 339 1.20 -16.17 19.45
C GLN C 339 2.34 -16.84 20.20
N PHE C 340 2.90 -17.90 19.61
CA PHE C 340 4.02 -18.62 20.23
C PHE C 340 5.27 -17.74 20.32
N PHE C 341 5.40 -16.77 19.41
CA PHE C 341 6.58 -15.91 19.39
C PHE C 341 6.43 -14.71 20.31
N GLY C 342 5.21 -14.50 20.82
CA GLY C 342 4.94 -13.37 21.70
C GLY C 342 5.10 -12.04 20.98
N SER C 343 5.83 -11.13 21.61
CA SER C 343 6.06 -9.81 21.03
C SER C 343 6.80 -9.90 19.70
N SER C 344 7.73 -10.84 19.61
CA SER C 344 8.50 -11.06 18.39
C SER C 344 7.63 -11.48 17.21
N GLY C 345 6.48 -12.09 17.51
CA GLY C 345 5.56 -12.51 16.47
C GLY C 345 4.88 -11.31 15.84
N TYR C 346 4.76 -10.24 16.61
CA TYR C 346 4.15 -9.00 16.13
C TYR C 346 5.15 -8.16 15.34
N GLY C 347 6.44 -8.46 15.52
CA GLY C 347 7.49 -7.73 14.83
C GLY C 347 7.68 -8.19 13.40
N ARG C 348 7.89 -7.25 12.49
CA ARG C 348 8.02 -7.58 11.07
C ARG C 348 9.39 -8.14 10.73
N HIS C 349 10.28 -8.19 11.72
CA HIS C 349 11.60 -8.81 11.52
C HIS C 349 11.49 -10.33 11.64
N ASN C 350 10.33 -10.80 12.07
CA ASN C 350 9.99 -12.21 12.03
C ASN C 350 8.93 -12.45 10.96
N PRO C 351 8.88 -13.66 10.39
CA PRO C 351 7.96 -13.93 9.29
C PRO C 351 6.55 -14.31 9.73
N MET C 352 6.28 -14.29 11.04
CA MET C 352 5.00 -14.76 11.56
C MET C 352 3.84 -13.83 11.18
N GLU C 353 4.06 -12.53 11.26
CA GLU C 353 3.01 -11.57 10.93
C GLU C 353 2.71 -11.57 9.44
N ARG C 354 3.68 -12.01 8.63
CA ARG C 354 3.48 -12.11 7.20
C ARG C 354 2.58 -13.29 6.84
N HIS C 355 2.74 -14.39 7.58
CA HIS C 355 1.95 -15.59 7.35
C HIS C 355 0.46 -15.33 7.53
N VAL C 356 0.14 -14.59 8.59
CA VAL C 356 -1.24 -14.20 8.85
C VAL C 356 -1.77 -13.34 7.71
N ARG C 357 -0.96 -12.39 7.24
CA ARG C 357 -1.35 -11.52 6.14
C ARG C 357 -1.54 -12.27 4.83
N ASP C 358 -0.67 -13.24 4.56
CA ASP C 358 -0.75 -14.02 3.33
C ASP C 358 -1.96 -14.94 3.32
N ALA C 359 -2.21 -15.60 4.45
CA ALA C 359 -3.26 -16.61 4.54
C ALA C 359 -4.67 -16.02 4.47
N ARG C 360 -4.80 -14.74 4.80
CA ARG C 360 -6.12 -14.13 4.97
C ARG C 360 -6.94 -14.07 3.68
N MET C 361 -6.28 -14.06 2.53
CA MET C 361 -6.98 -13.90 1.26
C MET C 361 -7.74 -15.13 0.79
N PHE C 362 -7.41 -16.29 1.34
CA PHE C 362 -7.89 -17.54 0.77
C PHE C 362 -9.31 -17.92 1.20
N THR C 363 -9.89 -17.13 2.09
CA THR C 363 -11.32 -17.26 2.40
C THR C 363 -12.13 -16.30 1.55
N ILE C 364 -11.47 -15.63 0.61
CA ILE C 364 -12.10 -14.59 -0.20
C ILE C 364 -11.91 -14.79 -1.70
N ALA C 365 -10.65 -14.88 -2.12
CA ALA C 365 -10.32 -14.92 -3.55
C ALA C 365 -10.82 -16.20 -4.23
N GLY C 366 -11.42 -16.03 -5.40
CA GLY C 366 -11.91 -17.16 -6.18
C GLY C 366 -13.09 -17.86 -5.55
N GLY C 367 -14.03 -17.09 -5.03
CA GLY C 367 -15.18 -17.64 -4.35
C GLY C 367 -14.99 -17.65 -2.85
N THR C 368 -15.71 -16.78 -2.17
CA THR C 368 -15.55 -16.64 -0.72
C THR C 368 -16.02 -17.89 0.02
N ALA C 369 -15.60 -18.00 1.28
CA ALA C 369 -15.99 -19.14 2.11
C ALA C 369 -17.50 -19.18 2.31
N GLN C 370 -18.16 -18.05 2.11
CA GLN C 370 -19.60 -17.97 2.23
C GLN C 370 -20.29 -18.56 1.00
N ILE C 371 -19.80 -18.16 -0.17
CA ILE C 371 -20.32 -18.65 -1.44
C ILE C 371 -20.09 -20.17 -1.56
N LEU C 372 -18.95 -20.63 -1.03
CA LEU C 372 -18.63 -22.05 -1.04
C LEU C 372 -19.58 -22.84 -0.14
N ARG C 373 -19.94 -22.26 1.00
CA ARG C 373 -20.88 -22.90 1.92
C ARG C 373 -22.25 -23.08 1.27
N THR C 374 -22.68 -22.08 0.52
CA THR C 374 -23.94 -22.15 -0.21
C THR C 374 -23.86 -23.25 -1.27
N GLN C 375 -22.70 -23.35 -1.92
CA GLN C 375 -22.47 -24.39 -2.92
C GLN C 375 -22.58 -25.78 -2.31
N VAL C 376 -21.92 -25.98 -1.17
CA VAL C 376 -21.96 -27.27 -0.48
C VAL C 376 -23.37 -27.60 -0.01
N ALA C 377 -24.07 -26.60 0.53
CA ALA C 377 -25.43 -26.80 1.01
C ALA C 377 -26.38 -27.20 -0.12
N SER C 378 -26.12 -26.69 -1.32
CA SER C 378 -26.96 -27.01 -2.46
C SER C 378 -26.84 -28.48 -2.84
N LYS C 379 -25.66 -29.04 -2.63
CA LYS C 379 -25.41 -30.46 -2.89
C LYS C 379 -26.11 -31.34 -1.87
N ILE C 380 -25.88 -31.04 -0.59
CA ILE C 380 -26.44 -31.82 0.50
C ILE C 380 -27.97 -31.78 0.49
N LEU C 381 -28.53 -30.60 0.24
CA LEU C 381 -29.97 -30.42 0.24
C LEU C 381 -30.59 -30.77 -1.11
N ASP C 382 -29.73 -30.99 -2.10
CA ASP C 382 -30.15 -31.34 -3.46
C ASP C 382 -31.18 -30.36 -4.00
N MET C 383 -30.80 -29.09 -4.01
CA MET C 383 -31.69 -28.04 -4.49
C MET C 383 -30.89 -26.80 -4.89
N LYS C 384 -31.33 -26.11 -5.93
CA LYS C 384 -30.73 -24.84 -6.28
C LYS C 384 -31.01 -23.85 -5.17
N LEU C 385 -30.04 -23.01 -4.85
CA LEU C 385 -30.21 -22.01 -3.80
C LEU C 385 -30.08 -20.61 -4.38
N PRO C 386 -31.15 -20.12 -5.05
CA PRO C 386 -31.13 -18.79 -5.65
C PRO C 386 -30.98 -17.70 -4.60
N GLN C 387 -30.15 -16.70 -4.89
CA GLN C 387 -29.85 -15.67 -3.92
C GLN C 387 -30.65 -14.39 -4.18
N THR C 388 -31.37 -14.37 -5.30
CA THR C 388 -32.19 -13.22 -5.65
C THR C 388 -33.43 -13.14 -4.79
N ARG C 389 -34.10 -12.00 -4.82
CA ARG C 389 -35.29 -11.77 -4.01
C ARG C 389 -36.48 -12.61 -4.47
N ASP C 390 -36.48 -12.99 -5.75
CA ASP C 390 -37.62 -13.69 -6.33
C ASP C 390 -37.29 -15.13 -6.74
N GLY C 391 -36.28 -15.71 -6.12
CA GLY C 391 -35.85 -17.05 -6.48
C GLY C 391 -36.61 -18.17 -5.78
N TYR C 392 -37.32 -17.81 -4.71
CA TYR C 392 -38.04 -18.77 -3.86
C TYR C 392 -37.09 -19.82 -3.28
N GLU D 3 -34.76 14.04 -45.79
CA GLU D 3 -34.82 15.36 -46.42
C GLU D 3 -34.32 16.46 -45.49
N LEU D 4 -34.23 17.67 -46.00
CA LEU D 4 -33.69 18.79 -45.24
C LEU D 4 -34.72 19.38 -44.28
N THR D 5 -34.25 19.77 -43.09
CA THR D 5 -35.07 20.46 -42.12
C THR D 5 -35.41 21.87 -42.64
N PRO D 6 -36.50 22.47 -42.13
CA PRO D 6 -36.86 23.84 -42.52
C PRO D 6 -35.71 24.84 -42.36
N GLU D 7 -34.89 24.66 -41.33
CA GLU D 7 -33.75 25.54 -41.09
C GLU D 7 -32.67 25.34 -42.14
N GLN D 8 -32.52 24.10 -42.60
CA GLN D 8 -31.51 23.78 -43.59
C GLN D 8 -31.90 24.28 -44.98
N ARG D 9 -33.20 24.34 -45.26
CA ARG D 9 -33.68 24.87 -46.52
C ARG D 9 -33.48 26.38 -46.58
N THR D 10 -33.54 27.02 -45.42
CA THR D 10 -33.26 28.45 -45.31
C THR D 10 -31.78 28.71 -45.57
N LEU D 11 -30.93 27.92 -44.91
CA LEU D 11 -29.49 28.02 -45.10
C LEU D 11 -29.10 27.72 -46.54
N GLN D 12 -29.84 26.80 -47.17
CA GLN D 12 -29.61 26.44 -48.55
C GLN D 12 -29.96 27.59 -49.49
N THR D 13 -31.08 28.24 -49.20
CA THR D 13 -31.55 29.36 -50.01
C THR D 13 -30.58 30.53 -49.93
N GLN D 14 -30.14 30.86 -48.72
CA GLN D 14 -29.18 31.93 -48.51
C GLN D 14 -27.86 31.67 -49.25
N ALA D 15 -27.43 30.41 -49.24
CA ALA D 15 -26.21 30.03 -49.93
C ALA D 15 -26.40 30.13 -51.44
N ARG D 16 -27.57 29.71 -51.92
CA ARG D 16 -27.88 29.75 -53.34
C ARG D 16 -28.01 31.19 -53.85
N GLU D 17 -28.62 32.05 -53.05
CA GLU D 17 -28.81 33.45 -53.41
C GLU D 17 -27.46 34.17 -53.61
N LEU D 18 -26.53 33.92 -52.71
CA LEU D 18 -25.20 34.51 -52.81
C LEU D 18 -24.43 33.99 -54.03
N ALA D 19 -24.51 32.69 -54.25
CA ALA D 19 -23.77 32.04 -55.33
C ALA D 19 -24.28 32.48 -56.71
N GLN D 20 -25.60 32.55 -56.86
CA GLN D 20 -26.19 32.88 -58.14
C GLN D 20 -26.07 34.36 -58.49
N SER D 21 -26.23 35.22 -57.49
CA SER D 21 -26.26 36.67 -57.73
C SER D 21 -24.87 37.29 -57.76
N VAL D 22 -23.88 36.59 -57.18
CA VAL D 22 -22.53 37.14 -57.07
C VAL D 22 -21.46 36.28 -57.73
N PHE D 23 -21.36 35.02 -57.30
CA PHE D 23 -20.26 34.16 -57.70
C PHE D 23 -20.42 33.58 -59.10
N ALA D 24 -21.66 33.43 -59.55
CA ALA D 24 -21.95 32.78 -60.82
C ALA D 24 -21.38 33.53 -62.01
N SER D 25 -21.47 34.86 -61.98
CA SER D 25 -21.03 35.69 -63.10
C SER D 25 -19.52 35.91 -63.12
N THR D 26 -18.82 35.33 -62.15
CA THR D 26 -17.37 35.51 -62.05
C THR D 26 -16.62 34.21 -62.33
N ALA D 27 -17.37 33.14 -62.58
CA ALA D 27 -16.79 31.81 -62.76
C ALA D 27 -15.88 31.72 -63.98
N VAL D 28 -16.36 32.21 -65.12
CA VAL D 28 -15.60 32.15 -66.36
C VAL D 28 -14.31 32.96 -66.27
N GLN D 29 -14.40 34.18 -65.74
CA GLN D 29 -13.25 35.06 -65.63
C GLN D 29 -12.20 34.51 -64.65
N THR D 30 -12.68 33.91 -63.57
CA THR D 30 -11.79 33.34 -62.56
C THR D 30 -10.97 32.19 -63.16
N ASP D 31 -11.61 31.38 -63.99
CA ASP D 31 -10.93 30.28 -64.67
C ASP D 31 -9.92 30.79 -65.69
N LEU D 32 -10.27 31.89 -66.35
CA LEU D 32 -9.40 32.49 -67.37
C LEU D 32 -8.13 33.07 -66.76
N THR D 33 -8.28 33.87 -65.71
CA THR D 33 -7.15 34.59 -65.10
C THR D 33 -6.36 33.72 -64.14
N GLU D 34 -6.99 32.65 -63.66
CA GLU D 34 -6.39 31.76 -62.67
C GLU D 34 -5.97 32.52 -61.40
N GLN D 35 -6.73 33.55 -61.06
CA GLN D 35 -6.39 34.39 -59.92
C GLN D 35 -7.38 34.22 -58.76
N TYR D 36 -6.86 34.30 -57.54
CA TYR D 36 -7.66 34.13 -56.34
C TYR D 36 -8.68 35.26 -56.18
N PRO D 37 -9.98 34.91 -56.22
CA PRO D 37 -11.06 35.89 -56.14
C PRO D 37 -11.23 36.49 -54.75
N TRP D 38 -10.39 37.46 -54.41
CA TRP D 38 -10.43 38.09 -53.09
C TRP D 38 -11.77 38.74 -52.77
N ASP D 39 -12.36 39.41 -53.76
CA ASP D 39 -13.65 40.08 -53.56
C ASP D 39 -14.77 39.08 -53.27
N ASN D 40 -14.73 37.93 -53.93
CA ASN D 40 -15.71 36.88 -53.68
C ASN D 40 -15.55 36.29 -52.28
N VAL D 41 -14.31 36.08 -51.87
CA VAL D 41 -14.02 35.54 -50.54
C VAL D 41 -14.54 36.47 -49.45
N ALA D 42 -14.35 37.78 -49.66
CA ALA D 42 -14.83 38.79 -48.72
C ALA D 42 -16.35 38.70 -48.54
N GLN D 43 -17.06 38.52 -49.64
CA GLN D 43 -18.51 38.38 -49.60
C GLN D 43 -18.92 37.05 -48.97
N LEU D 44 -18.11 36.02 -49.23
CA LEU D 44 -18.34 34.70 -48.63
C LEU D 44 -18.21 34.78 -47.11
N ARG D 45 -17.29 35.63 -46.66
CA ARG D 45 -17.06 35.86 -45.24
C ARG D 45 -18.21 36.64 -44.60
N ASP D 46 -18.59 37.74 -45.25
CA ASP D 46 -19.63 38.62 -44.74
C ASP D 46 -21.00 37.95 -44.68
N ALA D 47 -21.18 36.95 -45.54
CA ALA D 47 -22.43 36.19 -45.54
C ALA D 47 -22.41 35.13 -44.44
N GLY D 48 -21.26 34.98 -43.80
CA GLY D 48 -21.12 34.03 -42.70
C GLY D 48 -21.02 32.58 -43.16
N PHE D 49 -20.31 32.37 -44.28
CA PHE D 49 -20.17 31.03 -44.84
C PHE D 49 -18.76 30.49 -44.67
N MET D 50 -17.97 31.13 -43.81
CA MET D 50 -16.62 30.69 -43.52
C MET D 50 -16.47 30.42 -42.03
N GLY D 51 -15.86 29.29 -41.68
CA GLY D 51 -15.71 28.90 -40.29
C GLY D 51 -17.07 28.63 -39.65
N MET D 52 -17.95 28.01 -40.41
CA MET D 52 -19.33 27.78 -39.97
C MET D 52 -19.42 26.76 -38.84
N MET D 53 -18.46 25.86 -38.76
CA MET D 53 -18.48 24.82 -37.74
C MET D 53 -17.74 25.21 -36.47
N LEU D 54 -17.17 26.42 -36.48
CA LEU D 54 -16.54 26.95 -35.27
C LEU D 54 -17.60 27.21 -34.20
N PRO D 55 -17.24 27.00 -32.93
CA PRO D 55 -18.16 27.26 -31.82
C PRO D 55 -18.60 28.72 -31.78
N THR D 56 -19.80 28.98 -31.24
CA THR D 56 -20.31 30.34 -31.15
C THR D 56 -19.49 31.16 -30.17
N SER D 57 -18.75 30.49 -29.29
CA SER D 57 -17.93 31.16 -28.29
C SER D 57 -16.71 31.84 -28.89
N VAL D 58 -16.36 31.48 -30.13
CA VAL D 58 -15.20 32.06 -30.78
C VAL D 58 -15.59 32.80 -32.06
N GLY D 59 -16.90 32.95 -32.27
CA GLY D 59 -17.39 33.73 -33.40
C GLY D 59 -17.99 32.90 -34.53
N GLY D 60 -17.98 31.59 -34.37
CA GLY D 60 -18.54 30.70 -35.37
C GLY D 60 -20.04 30.57 -35.24
N ARG D 61 -20.65 29.77 -36.13
CA ARG D 61 -22.09 29.59 -36.10
C ARG D 61 -22.47 28.25 -35.48
N GLY D 62 -21.45 27.42 -35.23
CA GLY D 62 -21.66 26.12 -34.59
C GLY D 62 -22.52 25.19 -35.42
N LEU D 63 -22.43 25.31 -36.74
CA LEU D 63 -23.21 24.46 -37.64
C LEU D 63 -22.61 23.07 -37.74
N SER D 64 -23.33 22.16 -38.40
CA SER D 64 -22.88 20.78 -38.54
C SER D 64 -22.21 20.56 -39.90
N THR D 65 -21.63 19.37 -40.07
CA THR D 65 -20.98 19.00 -41.32
C THR D 65 -22.00 19.00 -42.46
N LEU D 66 -23.19 18.48 -42.19
CA LEU D 66 -24.27 18.45 -43.17
C LEU D 66 -24.63 19.85 -43.63
N ASP D 67 -24.66 20.80 -42.70
CA ASP D 67 -24.95 22.19 -43.02
C ASP D 67 -23.96 22.75 -44.02
N THR D 68 -22.67 22.52 -43.78
CA THR D 68 -21.62 23.02 -44.66
C THR D 68 -21.72 22.38 -46.04
N VAL D 69 -21.96 21.07 -46.06
CA VAL D 69 -22.11 20.33 -47.31
C VAL D 69 -23.22 20.93 -48.17
N ILE D 70 -24.33 21.29 -47.53
CA ILE D 70 -25.43 21.95 -48.21
C ILE D 70 -24.98 23.26 -48.83
N VAL D 71 -24.20 24.03 -48.08
CA VAL D 71 -23.70 25.33 -48.55
C VAL D 71 -22.66 25.16 -49.66
N ILE D 72 -21.70 24.25 -49.42
CA ILE D 72 -20.62 23.98 -50.36
C ILE D 72 -21.13 23.68 -51.77
N GLU D 73 -22.15 22.83 -51.86
CA GLU D 73 -22.69 22.43 -53.15
C GLU D 73 -23.24 23.62 -53.94
N GLU D 74 -24.00 24.47 -53.26
CA GLU D 74 -24.57 25.66 -53.91
C GLU D 74 -23.48 26.59 -54.43
N MET D 75 -22.36 26.66 -53.71
CA MET D 75 -21.22 27.46 -54.13
C MET D 75 -20.54 26.85 -55.34
N ALA D 76 -20.41 25.53 -55.34
CA ALA D 76 -19.76 24.81 -56.43
C ALA D 76 -20.58 24.89 -57.71
N LYS D 77 -21.91 24.94 -57.56
CA LYS D 77 -22.81 25.05 -58.70
C LYS D 77 -22.59 26.37 -59.46
N ALA D 78 -22.09 27.37 -58.75
CA ALA D 78 -21.79 28.66 -59.36
C ALA D 78 -20.34 28.73 -59.80
N CYS D 79 -19.44 28.25 -58.94
CA CYS D 79 -18.01 28.32 -59.22
C CYS D 79 -17.25 27.27 -58.42
N ALA D 80 -16.48 26.44 -59.13
CA ALA D 80 -15.70 25.37 -58.50
C ALA D 80 -14.66 25.94 -57.55
N THR D 81 -14.08 27.07 -57.92
CA THR D 81 -13.11 27.76 -57.08
C THR D 81 -13.76 28.16 -55.77
N MET D 82 -14.92 28.80 -55.84
CA MET D 82 -15.67 29.18 -54.64
C MET D 82 -16.11 27.95 -53.85
N GLY D 83 -16.25 26.83 -54.55
CA GLY D 83 -16.62 25.57 -53.92
C GLY D 83 -15.51 25.06 -53.03
N ARG D 84 -14.29 25.01 -53.56
CA ARG D 84 -13.14 24.52 -52.82
C ARG D 84 -12.73 25.49 -51.71
N ILE D 85 -12.96 26.78 -51.92
CA ILE D 85 -12.68 27.77 -50.88
C ILE D 85 -13.59 27.54 -49.68
N THR D 86 -14.87 27.30 -49.95
CA THR D 86 -15.85 27.04 -48.90
C THR D 86 -15.49 25.77 -48.10
N VAL D 87 -14.91 24.78 -48.79
CA VAL D 87 -14.49 23.54 -48.14
C VAL D 87 -13.32 23.77 -47.18
N ASP D 88 -12.23 24.34 -47.70
CA ASP D 88 -11.01 24.53 -46.94
C ASP D 88 -11.18 25.50 -45.77
N SER D 89 -12.15 26.40 -45.88
CA SER D 89 -12.39 27.38 -44.83
C SER D 89 -13.51 26.95 -43.89
N ASN D 90 -13.92 25.68 -43.99
CA ASN D 90 -14.94 25.12 -43.10
C ASN D 90 -14.60 23.71 -42.64
N LEU D 91 -13.89 22.97 -43.47
CA LEU D 91 -13.56 21.57 -43.18
C LEU D 91 -12.07 21.30 -43.32
N GLY D 92 -11.61 20.22 -42.69
CA GLY D 92 -10.23 19.80 -42.83
C GLY D 92 -9.31 20.30 -41.74
N ALA D 93 -8.38 21.18 -42.10
CA ALA D 93 -7.41 21.73 -41.16
C ALA D 93 -8.10 22.47 -40.02
N ILE D 94 -9.10 23.28 -40.36
CA ILE D 94 -9.82 24.06 -39.36
C ILE D 94 -10.66 23.14 -38.48
N GLY D 95 -11.02 21.97 -39.01
CA GLY D 95 -11.74 20.98 -38.26
C GLY D 95 -10.86 20.28 -37.23
N ALA D 96 -9.64 19.95 -37.64
CA ALA D 96 -8.69 19.31 -36.74
C ALA D 96 -8.26 20.26 -35.62
N ILE D 97 -8.25 21.55 -35.93
CA ILE D 97 -7.90 22.56 -34.93
C ILE D 97 -9.06 22.76 -33.96
N THR D 98 -10.28 22.78 -34.49
CA THR D 98 -11.48 22.96 -33.67
C THR D 98 -11.64 21.82 -32.66
N LYS D 99 -11.23 20.62 -33.05
CA LYS D 99 -11.42 19.44 -32.22
C LYS D 99 -10.24 19.14 -31.29
N TYR D 100 -9.02 19.23 -31.84
CA TYR D 100 -7.83 18.82 -31.09
C TYR D 100 -6.97 20.00 -30.63
N GLY D 101 -7.36 21.21 -31.00
CA GLY D 101 -6.56 22.39 -30.70
C GLY D 101 -6.83 23.00 -29.34
N SER D 102 -5.81 23.65 -28.79
CA SER D 102 -5.95 24.35 -27.52
C SER D 102 -6.72 25.65 -27.69
N GLU D 103 -7.02 26.31 -26.58
CA GLU D 103 -7.77 27.57 -26.60
C GLU D 103 -7.06 28.64 -27.43
N GLU D 104 -5.75 28.70 -27.30
CA GLU D 104 -4.94 29.65 -28.06
C GLU D 104 -4.95 29.32 -29.55
N GLN D 105 -4.75 28.04 -29.86
CA GLN D 105 -4.71 27.58 -31.25
C GLN D 105 -6.05 27.79 -31.94
N ILE D 106 -7.13 27.54 -31.23
CA ILE D 106 -8.47 27.71 -31.78
C ILE D 106 -8.76 29.18 -32.06
N LYS D 107 -8.46 30.05 -31.10
CA LYS D 107 -8.68 31.48 -31.25
C LYS D 107 -7.89 32.06 -32.42
N LEU D 108 -6.63 31.64 -32.54
CA LEU D 108 -5.78 32.08 -33.64
C LEU D 108 -6.37 31.71 -34.98
N ALA D 109 -6.80 30.45 -35.10
CA ALA D 109 -7.40 29.94 -36.33
C ALA D 109 -8.74 30.62 -36.60
N ALA D 110 -9.57 30.71 -35.57
CA ALA D 110 -10.90 31.29 -35.70
C ALA D 110 -10.85 32.74 -36.17
N ASP D 111 -9.98 33.53 -35.56
CA ASP D 111 -9.84 34.93 -35.93
C ASP D 111 -9.42 35.07 -37.39
N LEU D 112 -8.52 34.20 -37.83
CA LEU D 112 -8.04 34.23 -39.21
C LEU D 112 -9.13 33.84 -40.21
N VAL D 113 -9.78 32.70 -39.97
CA VAL D 113 -10.82 32.20 -40.86
C VAL D 113 -11.98 33.18 -40.96
N LEU D 114 -12.42 33.70 -39.82
CA LEU D 114 -13.52 34.67 -39.79
C LEU D 114 -13.13 36.02 -40.40
N ALA D 115 -11.83 36.23 -40.58
CA ALA D 115 -11.34 37.45 -41.22
C ALA D 115 -11.30 37.30 -42.73
N GLY D 116 -11.55 36.08 -43.21
CA GLY D 116 -11.60 35.82 -44.63
C GLY D 116 -10.44 34.98 -45.14
N ASP D 117 -9.72 34.34 -44.23
CA ASP D 117 -8.59 33.50 -44.60
C ASP D 117 -9.02 32.07 -44.91
N LYS D 118 -8.54 31.55 -46.03
CA LYS D 118 -8.73 30.14 -46.37
C LYS D 118 -7.50 29.35 -45.95
N PRO D 119 -7.61 28.58 -44.87
CA PRO D 119 -6.47 27.82 -44.34
C PRO D 119 -5.91 26.83 -45.35
N ALA D 120 -4.62 26.55 -45.26
CA ALA D 120 -3.98 25.59 -46.14
C ALA D 120 -3.47 24.40 -45.35
N ILE D 121 -3.81 23.20 -45.80
CA ILE D 121 -3.31 21.99 -45.16
C ILE D 121 -2.15 21.44 -45.99
N CYS D 122 -1.09 21.02 -45.31
CA CYS D 122 0.16 20.67 -45.99
C CYS D 122 0.62 19.27 -45.62
N ILE D 123 0.20 18.29 -46.42
CA ILE D 123 0.52 16.90 -46.14
C ILE D 123 1.33 16.25 -47.26
N SER D 124 0.84 16.42 -48.49
CA SER D 124 1.40 15.73 -49.65
C SER D 124 2.81 16.20 -50.00
N GLU D 125 3.64 15.26 -50.40
CA GLU D 125 5.01 15.55 -50.82
C GLU D 125 5.27 14.94 -52.20
N PRO D 126 6.18 15.55 -52.98
CA PRO D 126 6.53 15.08 -54.32
C PRO D 126 6.86 13.58 -54.39
N ASN D 127 7.36 13.01 -53.28
CA ASN D 127 7.64 11.58 -53.22
C ASN D 127 6.81 10.87 -52.14
N ALA D 128 5.77 11.55 -51.67
CA ALA D 128 4.88 10.98 -50.67
C ALA D 128 3.47 11.54 -50.82
N GLY D 129 2.67 10.89 -51.67
CA GLY D 129 1.31 11.31 -51.91
C GLY D 129 0.31 10.36 -51.29
N SER D 130 0.15 9.20 -51.93
CA SER D 130 -0.74 8.17 -51.42
C SER D 130 -0.13 7.53 -50.17
N ALA D 131 1.19 7.39 -50.17
CA ALA D 131 1.90 6.88 -49.00
C ALA D 131 2.31 8.03 -48.09
N ALA D 132 1.32 8.76 -47.60
CA ALA D 132 1.54 9.96 -46.78
C ALA D 132 2.31 9.65 -45.50
N SER D 133 2.19 8.42 -45.03
CA SER D 133 2.89 7.99 -43.83
C SER D 133 4.38 7.79 -44.07
N GLU D 134 4.83 8.07 -45.29
CA GLU D 134 6.24 7.99 -45.63
C GLU D 134 6.81 9.37 -45.92
N MET D 135 6.16 10.42 -45.40
CA MET D 135 6.59 11.79 -45.62
C MET D 135 7.98 12.03 -45.03
N THR D 136 8.78 12.86 -45.68
CA THR D 136 10.14 13.10 -45.26
C THR D 136 10.32 14.44 -44.55
N THR D 137 9.29 15.28 -44.59
CA THR D 137 9.32 16.54 -43.86
C THR D 137 9.41 16.26 -42.36
N ARG D 138 10.48 16.72 -41.73
CA ARG D 138 10.73 16.40 -40.33
C ARG D 138 10.66 17.63 -39.43
N ALA D 139 10.29 17.41 -38.18
CA ALA D 139 10.26 18.46 -37.18
C ALA D 139 11.09 18.05 -35.96
N ASP D 140 12.30 18.57 -35.87
CA ASP D 140 13.20 18.23 -34.77
C ASP D 140 12.97 19.14 -33.56
N LYS D 141 12.76 18.52 -32.41
CA LYS D 141 12.51 19.26 -31.17
C LYS D 141 13.78 19.98 -30.71
N ASN D 142 13.63 21.25 -30.39
CA ASN D 142 14.74 22.06 -29.90
C ASN D 142 14.28 22.98 -28.77
N GLY D 143 14.43 22.52 -27.54
CA GLY D 143 13.93 23.23 -26.38
C GLY D 143 12.41 23.15 -26.34
N ASP D 144 11.76 24.31 -26.36
CA ASP D 144 10.30 24.37 -26.42
C ASP D 144 9.84 24.69 -27.84
N HIS D 145 10.72 24.45 -28.80
CA HIS D 145 10.40 24.71 -30.20
C HIS D 145 10.58 23.46 -31.06
N TYR D 146 10.13 23.54 -32.30
CA TYR D 146 10.32 22.47 -33.27
C TYR D 146 10.85 23.03 -34.59
N ILE D 147 12.03 22.57 -34.99
CA ILE D 147 12.64 23.01 -36.24
C ILE D 147 12.15 22.17 -37.42
N LEU D 148 11.44 22.80 -38.34
CA LEU D 148 10.84 22.09 -39.47
C LEU D 148 11.69 22.19 -40.73
N ASN D 149 11.93 21.05 -41.36
CA ASN D 149 12.63 20.98 -42.63
C ASN D 149 11.96 19.99 -43.57
N GLY D 150 11.70 20.41 -44.80
CA GLY D 150 11.06 19.55 -45.78
C GLY D 150 10.42 20.31 -46.92
N GLU D 151 9.51 19.65 -47.63
CA GLU D 151 8.85 20.26 -48.78
C GLU D 151 7.50 19.59 -49.09
N LYS D 152 6.50 20.43 -49.34
CA LYS D 152 5.19 19.94 -49.77
C LYS D 152 4.89 20.49 -51.16
N TYR D 153 3.94 19.87 -51.86
CA TYR D 153 3.52 20.41 -53.15
C TYR D 153 2.02 20.28 -53.35
N TRP D 154 1.51 20.91 -54.40
CA TRP D 154 0.07 20.97 -54.69
C TRP D 154 -0.73 21.54 -53.53
N ILE D 155 -0.10 22.41 -52.74
CA ILE D 155 -0.78 23.02 -51.59
C ILE D 155 -1.82 24.03 -52.06
N THR D 156 -3.08 23.71 -51.80
CA THR D 156 -4.20 24.55 -52.20
C THR D 156 -4.27 25.83 -51.37
N GLY D 157 -4.00 26.96 -52.02
CA GLY D 157 -4.02 28.25 -51.34
C GLY D 157 -2.62 28.80 -51.09
N GLY D 158 -1.62 28.13 -51.65
CA GLY D 158 -0.23 28.55 -51.49
C GLY D 158 0.02 29.94 -52.05
N GLY D 159 0.35 30.88 -51.17
CA GLY D 159 0.63 32.24 -51.57
C GLY D 159 -0.48 33.19 -51.23
N VAL D 160 -1.66 32.66 -50.91
CA VAL D 160 -2.80 33.48 -50.53
C VAL D 160 -3.34 33.10 -49.16
N SER D 161 -3.04 31.87 -48.74
CA SER D 161 -3.44 31.40 -47.42
C SER D 161 -2.53 31.96 -46.35
N LYS D 162 -3.10 32.31 -45.20
CA LYS D 162 -2.31 32.76 -44.06
C LYS D 162 -2.07 31.61 -43.10
N LEU D 163 -3.16 30.98 -42.66
CA LEU D 163 -3.08 29.86 -41.72
C LEU D 163 -2.61 28.59 -42.43
N HIS D 164 -1.55 27.98 -41.91
CA HIS D 164 -1.04 26.74 -42.46
C HIS D 164 -0.98 25.65 -41.40
N LEU D 165 -1.51 24.47 -41.73
CA LEU D 165 -1.39 23.31 -40.88
C LEU D 165 -0.43 22.32 -41.54
N ILE D 166 0.75 22.17 -40.95
CA ILE D 166 1.81 21.38 -41.56
C ILE D 166 2.00 20.04 -40.87
N PHE D 167 1.95 18.97 -41.65
CA PHE D 167 2.20 17.63 -41.14
C PHE D 167 3.67 17.26 -41.33
N ALA D 168 4.30 16.78 -40.27
CA ALA D 168 5.71 16.44 -40.32
C ALA D 168 6.05 15.30 -39.36
N ARG D 169 7.11 14.57 -39.67
CA ARG D 169 7.59 13.50 -38.81
C ARG D 169 8.37 14.10 -37.64
N VAL D 170 7.88 13.90 -36.43
CA VAL D 170 8.49 14.51 -35.24
C VAL D 170 9.64 13.68 -34.69
N PHE D 171 10.77 14.33 -34.46
CA PHE D 171 11.94 13.66 -33.90
C PHE D 171 12.35 14.29 -32.56
N ASP D 172 12.72 13.44 -31.60
CA ASP D 172 13.15 13.89 -30.29
C ASP D 172 14.56 13.39 -29.99
N ASP D 173 15.54 14.28 -30.15
CA ASP D 173 16.96 13.96 -29.99
C ASP D 173 17.36 12.81 -30.92
N GLY D 174 16.80 12.81 -32.13
CA GLY D 174 17.10 11.79 -33.11
C GLY D 174 16.09 10.65 -33.11
N VAL D 175 15.35 10.52 -32.02
CA VAL D 175 14.37 9.45 -31.88
C VAL D 175 13.01 9.86 -32.43
N GLU D 176 12.48 9.05 -33.35
CA GLU D 176 11.21 9.35 -33.99
C GLU D 176 10.03 9.25 -33.03
N GLN D 177 9.12 10.21 -33.09
CA GLN D 177 7.97 10.26 -32.20
C GLN D 177 6.66 10.05 -32.95
N GLY D 178 6.73 10.13 -34.28
CA GLY D 178 5.54 9.98 -35.11
C GLY D 178 5.28 11.22 -35.95
N ILE D 179 4.05 11.36 -36.41
CA ILE D 179 3.68 12.49 -37.25
C ILE D 179 2.70 13.41 -36.53
N GLY D 180 3.06 14.69 -36.44
CA GLY D 180 2.21 15.67 -35.78
C GLY D 180 1.93 16.86 -36.69
N ALA D 181 0.89 17.63 -36.34
CA ALA D 181 0.54 18.81 -37.10
C ALA D 181 1.05 20.08 -36.44
N PHE D 182 1.54 21.01 -37.25
CA PHE D 182 2.09 22.26 -36.74
C PHE D 182 1.39 23.47 -37.35
N ILE D 183 1.08 24.45 -36.51
CA ILE D 183 0.40 25.67 -36.95
C ILE D 183 1.40 26.80 -37.18
N THR D 184 1.28 27.47 -38.32
CA THR D 184 2.06 28.66 -38.60
C THR D 184 1.24 29.64 -39.42
N VAL D 185 1.60 30.92 -39.35
CA VAL D 185 0.87 31.96 -40.06
C VAL D 185 1.79 32.72 -41.00
N LEU D 186 1.43 32.77 -42.28
CA LEU D 186 2.21 33.48 -43.29
C LEU D 186 1.64 34.85 -43.58
N ASP D 187 2.49 35.88 -43.51
CA ASP D 187 2.07 37.24 -43.87
C ASP D 187 3.18 37.97 -44.61
N ASP D 188 3.08 39.29 -44.69
CA ASP D 188 4.02 40.11 -45.46
C ASP D 188 5.46 39.99 -44.96
N HIS D 189 5.66 40.25 -43.67
CA HIS D 189 6.97 40.05 -43.07
C HIS D 189 7.22 38.54 -42.91
N GLY D 190 6.15 37.80 -42.68
CA GLY D 190 6.18 36.35 -42.69
C GLY D 190 7.04 35.69 -41.62
N PRO D 191 6.90 34.36 -41.49
CA PRO D 191 7.78 33.56 -40.63
C PRO D 191 9.03 33.12 -41.39
N GLU D 192 10.20 33.26 -40.76
CA GLU D 192 11.45 32.89 -41.41
C GLU D 192 11.55 31.37 -41.55
N GLY D 193 11.85 30.91 -42.76
CA GLY D 193 11.96 29.48 -43.02
C GLY D 193 10.80 28.94 -43.82
N LEU D 194 9.73 29.72 -43.92
CA LEU D 194 8.56 29.33 -44.69
C LEU D 194 8.58 29.99 -46.07
N LYS D 195 8.80 29.19 -47.10
CA LYS D 195 8.95 29.71 -48.46
C LYS D 195 7.94 29.10 -49.42
N VAL D 196 7.19 29.96 -50.11
CA VAL D 196 6.23 29.51 -51.11
C VAL D 196 6.95 29.12 -52.40
N GLY D 197 6.78 27.87 -52.83
CA GLY D 197 7.43 27.37 -54.02
C GLY D 197 6.72 27.77 -55.30
N ARG D 198 7.12 27.17 -56.41
CA ARG D 198 6.54 27.46 -57.71
C ARG D 198 5.07 27.03 -57.77
N ARG D 199 4.27 27.79 -58.52
CA ARG D 199 2.87 27.45 -58.70
C ARG D 199 2.73 26.31 -59.70
N LEU D 200 1.88 25.34 -59.38
CA LEU D 200 1.59 24.24 -60.29
C LEU D 200 0.27 24.52 -60.99
N TYR D 201 0.35 24.93 -62.25
CA TYR D 201 -0.86 25.25 -63.03
C TYR D 201 -1.61 23.98 -63.37
N ALA D 202 -2.92 23.99 -63.14
CA ALA D 202 -3.72 22.78 -63.19
C ALA D 202 -4.71 22.76 -64.35
N MET D 203 -5.30 21.59 -64.58
CA MET D 203 -6.27 21.39 -65.64
C MET D 203 -7.54 22.21 -65.40
N GLY D 204 -7.98 22.25 -64.15
CA GLY D 204 -9.18 22.98 -63.79
C GLY D 204 -9.13 23.52 -62.37
N VAL D 205 -10.23 24.14 -61.95
CA VAL D 205 -10.32 24.85 -60.67
C VAL D 205 -9.09 25.76 -60.52
N ARG D 206 -8.84 26.55 -61.56
CA ARG D 206 -7.63 27.34 -61.68
C ARG D 206 -7.65 28.59 -60.81
N GLY D 207 -8.81 28.91 -60.25
CA GLY D 207 -8.95 30.09 -59.42
C GLY D 207 -8.17 30.05 -58.12
N ILE D 208 -7.75 28.86 -57.71
CA ILE D 208 -6.95 28.72 -56.50
C ILE D 208 -5.56 28.20 -56.83
N PRO D 209 -4.52 28.96 -56.45
CA PRO D 209 -3.13 28.59 -56.75
C PRO D 209 -2.67 27.34 -56.01
N GLU D 210 -2.15 26.38 -56.76
CA GLU D 210 -1.56 25.17 -56.20
C GLU D 210 -0.04 25.30 -56.29
N THR D 211 0.64 25.36 -55.16
CA THR D 211 2.08 25.61 -55.17
C THR D 211 2.87 24.58 -54.38
N HIS D 212 4.18 24.57 -54.64
CA HIS D 212 5.11 23.88 -53.76
C HIS D 212 5.26 24.69 -52.48
N LEU D 213 5.83 24.08 -51.45
CA LEU D 213 6.01 24.77 -50.19
C LEU D 213 7.25 24.22 -49.47
N GLU D 214 8.18 25.10 -49.15
CA GLU D 214 9.45 24.67 -48.55
C GLU D 214 9.58 25.12 -47.10
N PHE D 215 10.29 24.31 -46.32
CA PHE D 215 10.57 24.64 -44.92
C PHE D 215 12.08 24.59 -44.68
N HIS D 216 12.67 25.75 -44.37
CA HIS D 216 14.10 25.82 -44.12
C HIS D 216 14.36 26.30 -42.70
N ASP D 217 14.51 25.34 -41.78
CA ASP D 217 14.66 25.61 -40.36
C ASP D 217 13.54 26.49 -39.84
N LEU D 218 12.31 26.11 -40.17
CA LEU D 218 11.12 26.84 -39.72
C LEU D 218 10.90 26.64 -38.23
N LYS D 219 11.01 27.71 -37.47
CA LYS D 219 10.88 27.64 -36.00
C LYS D 219 9.42 27.72 -35.56
N ILE D 220 8.93 26.62 -35.00
CA ILE D 220 7.57 26.56 -34.47
C ILE D 220 7.59 26.26 -32.98
N HIS D 221 6.93 27.11 -32.20
CA HIS D 221 6.85 26.91 -30.76
C HIS D 221 5.94 25.73 -30.43
N LYS D 222 6.16 25.08 -29.30
CA LYS D 222 5.42 23.88 -28.92
C LYS D 222 3.94 24.17 -28.66
N SER D 223 3.63 25.44 -28.39
CA SER D 223 2.25 25.86 -28.16
C SER D 223 1.48 25.96 -29.46
N MET D 224 2.18 25.77 -30.58
CA MET D 224 1.55 25.80 -31.89
C MET D 224 1.56 24.42 -32.54
N MET D 225 2.02 23.41 -31.81
CA MET D 225 1.90 22.03 -32.24
C MET D 225 0.67 21.41 -31.62
N ILE D 226 -0.18 20.79 -32.43
CA ILE D 226 -1.35 20.10 -31.93
C ILE D 226 -0.92 18.87 -31.13
N THR D 227 -1.15 18.91 -29.82
CA THR D 227 -0.67 17.85 -28.93
C THR D 227 -1.79 16.90 -28.50
N PHE D 228 -1.39 15.69 -28.14
CA PHE D 228 -2.33 14.68 -27.67
C PHE D 228 -1.82 14.05 -26.38
N PRO D 229 -2.74 13.80 -25.43
CA PRO D 229 -2.39 13.19 -24.14
C PRO D 229 -1.90 11.74 -24.27
N ASP D 230 -2.21 11.10 -25.40
CA ASP D 230 -1.87 9.69 -25.60
C ASP D 230 -0.81 9.48 -26.68
N GLY D 231 0.04 10.48 -26.89
CA GLY D 231 1.15 10.37 -27.81
C GLY D 231 0.81 10.76 -29.25
N LEU D 232 1.83 10.75 -30.11
CA LEU D 232 1.67 11.12 -31.50
C LEU D 232 1.41 9.91 -32.40
N LYS D 233 1.53 8.72 -31.83
CA LYS D 233 1.27 7.48 -32.58
C LYS D 233 -0.17 7.47 -33.08
N ARG D 234 -1.11 7.76 -32.19
CA ARG D 234 -2.52 7.87 -32.54
C ARG D 234 -2.85 9.26 -33.07
N GLY D 235 -1.87 10.16 -32.99
CA GLY D 235 -2.04 11.53 -33.43
C GLY D 235 -2.31 11.66 -34.92
N PHE D 236 -1.49 10.99 -35.73
CA PHE D 236 -1.66 10.99 -37.17
C PHE D 236 -3.02 10.45 -37.58
N ALA D 237 -3.47 9.39 -36.90
CA ALA D 237 -4.76 8.79 -37.18
C ALA D 237 -5.89 9.74 -36.83
N ALA D 238 -5.74 10.44 -35.71
CA ALA D 238 -6.76 11.38 -35.24
C ALA D 238 -6.86 12.60 -36.17
N LEU D 239 -5.72 13.05 -36.67
CA LEU D 239 -5.68 14.19 -37.58
C LEU D 239 -6.34 13.83 -38.92
N MET D 240 -6.05 12.63 -39.42
CA MET D 240 -6.62 12.19 -40.69
C MET D 240 -8.12 11.95 -40.58
N SER D 241 -8.61 11.77 -39.36
CA SER D 241 -10.04 11.63 -39.12
C SER D 241 -10.77 12.92 -39.47
N ALA D 242 -10.12 14.05 -39.22
CA ALA D 242 -10.68 15.35 -39.57
C ALA D 242 -10.79 15.50 -41.08
N TYR D 243 -9.91 14.80 -41.80
CA TYR D 243 -9.88 14.87 -43.25
C TYR D 243 -11.06 14.13 -43.88
N ASN D 244 -11.71 13.27 -43.10
CA ASN D 244 -12.91 12.58 -43.56
C ASN D 244 -14.02 13.58 -43.86
N ALA D 245 -14.03 14.68 -43.13
CA ALA D 245 -14.99 15.75 -43.36
C ALA D 245 -14.67 16.50 -44.64
N GLN D 246 -13.38 16.70 -44.90
CA GLN D 246 -12.92 17.38 -46.11
C GLN D 246 -13.30 16.58 -47.35
N ARG D 247 -13.17 15.27 -47.28
CA ARG D 247 -13.51 14.40 -48.39
C ARG D 247 -14.99 14.52 -48.74
N VAL D 248 -15.84 14.61 -47.72
CA VAL D 248 -17.27 14.78 -47.94
C VAL D 248 -17.52 16.14 -48.58
N GLY D 249 -16.82 17.16 -48.10
CA GLY D 249 -16.91 18.49 -48.67
C GLY D 249 -16.41 18.53 -50.10
N ALA D 250 -15.30 17.84 -50.36
CA ALA D 250 -14.73 17.78 -51.71
C ALA D 250 -15.70 17.10 -52.66
N GLY D 251 -16.35 16.06 -52.18
CA GLY D 251 -17.36 15.35 -52.96
C GLY D 251 -18.54 16.25 -53.28
N ALA D 252 -18.87 17.14 -52.34
CA ALA D 252 -19.96 18.08 -52.51
C ALA D 252 -19.65 19.11 -53.59
N VAL D 253 -18.36 19.41 -53.78
CA VAL D 253 -17.95 20.31 -54.85
C VAL D 253 -18.15 19.64 -56.21
N ALA D 254 -17.65 18.41 -56.33
CA ALA D 254 -17.81 17.62 -57.54
C ALA D 254 -19.29 17.46 -57.89
N LEU D 255 -20.11 17.24 -56.87
CA LEU D 255 -21.56 17.14 -57.07
C LEU D 255 -22.14 18.46 -57.56
N GLY D 256 -21.68 19.56 -56.96
CA GLY D 256 -22.12 20.88 -57.36
C GLY D 256 -21.79 21.19 -58.80
N ILE D 257 -20.57 20.85 -59.21
CA ILE D 257 -20.13 21.04 -60.59
C ILE D 257 -21.01 20.23 -61.53
N ALA D 258 -21.21 18.96 -61.19
CA ALA D 258 -22.01 18.06 -62.01
C ALA D 258 -23.46 18.50 -62.10
N GLN D 259 -24.02 18.93 -60.97
CA GLN D 259 -25.40 19.40 -60.91
C GLN D 259 -25.60 20.60 -61.84
N CYS D 260 -24.65 21.52 -61.81
CA CYS D 260 -24.71 22.72 -62.65
C CYS D 260 -24.68 22.37 -64.14
N ALA D 261 -23.74 21.52 -64.52
CA ALA D 261 -23.63 21.08 -65.91
C ALA D 261 -24.88 20.30 -66.32
N PHE D 262 -25.44 19.56 -65.38
CA PHE D 262 -26.66 18.80 -65.61
C PHE D 262 -27.84 19.73 -65.93
N GLU D 263 -28.01 20.76 -65.09
CA GLU D 263 -29.10 21.72 -65.28
C GLU D 263 -28.95 22.48 -66.60
N GLU D 264 -27.72 22.86 -66.93
CA GLU D 264 -27.45 23.59 -68.16
C GLU D 264 -27.56 22.68 -69.38
N GLY D 265 -27.28 21.39 -69.18
CA GLY D 265 -27.43 20.41 -70.23
C GLY D 265 -28.89 20.16 -70.56
N VAL D 266 -29.71 20.06 -69.51
CA VAL D 266 -31.14 19.84 -69.68
C VAL D 266 -31.80 21.03 -70.37
N ALA D 267 -31.48 22.23 -69.90
CA ALA D 267 -32.04 23.45 -70.46
C ALA D 267 -31.70 23.62 -71.93
N TYR D 268 -30.51 23.15 -72.32
CA TYR D 268 -30.08 23.25 -73.71
C TYR D 268 -30.87 22.29 -74.60
N LEU D 269 -31.17 21.11 -74.08
CA LEU D 269 -31.91 20.10 -74.84
C LEU D 269 -33.31 20.57 -75.18
N LYS D 270 -33.84 21.48 -74.36
CA LYS D 270 -35.21 21.96 -74.54
C LYS D 270 -35.31 23.13 -75.51
N ARG D 271 -34.23 23.88 -75.67
CA ARG D 271 -34.25 25.05 -76.55
C ARG D 271 -33.52 24.81 -77.87
N ARG D 272 -32.53 23.92 -77.86
CA ARG D 272 -31.81 23.58 -79.08
C ARG D 272 -32.64 22.63 -79.92
N GLU D 273 -32.76 22.92 -81.21
CA GLU D 273 -33.59 22.10 -82.08
C GLU D 273 -32.83 21.55 -83.27
N GLN D 274 -33.09 20.27 -83.58
CA GLN D 274 -32.58 19.64 -84.79
C GLN D 274 -33.67 18.76 -85.38
N PHE D 275 -33.62 18.58 -86.69
CA PHE D 275 -34.63 17.82 -87.42
C PHE D 275 -36.03 18.39 -87.19
N GLY D 276 -36.09 19.70 -86.93
CA GLY D 276 -37.35 20.40 -86.79
C GLY D 276 -37.98 20.32 -85.41
N ARG D 277 -37.21 19.91 -84.41
CA ARG D 277 -37.75 19.76 -83.06
C ARG D 277 -36.66 19.80 -81.99
N PRO D 278 -37.04 20.16 -80.75
CA PRO D 278 -36.11 20.15 -79.61
C PRO D 278 -35.43 18.80 -79.42
N LEU D 279 -34.21 18.83 -78.86
CA LEU D 279 -33.44 17.61 -78.64
C LEU D 279 -34.04 16.77 -77.52
N ALA D 280 -34.87 17.41 -76.69
CA ALA D 280 -35.46 16.74 -75.53
C ALA D 280 -36.54 15.73 -75.95
N GLU D 281 -36.83 15.67 -77.24
CA GLU D 281 -37.83 14.73 -77.76
C GLU D 281 -37.18 13.45 -78.29
N PHE D 282 -35.85 13.41 -78.24
CA PHE D 282 -35.12 12.20 -78.64
C PHE D 282 -34.90 11.29 -77.43
N GLN D 283 -35.44 10.07 -77.52
CA GLN D 283 -35.45 9.13 -76.41
C GLN D 283 -34.05 8.81 -75.89
N GLY D 284 -33.10 8.63 -76.80
CA GLY D 284 -31.73 8.33 -76.42
C GLY D 284 -31.12 9.38 -75.51
N LEU D 285 -31.41 10.64 -75.79
CA LEU D 285 -30.94 11.74 -74.95
C LEU D 285 -31.74 11.79 -73.65
N GLN D 286 -33.01 11.45 -73.74
CA GLN D 286 -33.88 11.42 -72.56
C GLN D 286 -33.36 10.44 -71.52
N TRP D 287 -32.90 9.28 -71.98
CA TRP D 287 -32.37 8.26 -71.09
C TRP D 287 -31.02 8.70 -70.50
N MET D 288 -30.24 9.46 -71.28
CA MET D 288 -28.99 10.01 -70.78
C MET D 288 -29.26 10.99 -69.65
N VAL D 289 -30.31 11.79 -69.81
CA VAL D 289 -30.76 12.69 -68.76
C VAL D 289 -31.21 11.89 -67.55
N ALA D 290 -31.95 10.81 -67.80
CA ALA D 290 -32.43 9.94 -66.73
C ALA D 290 -31.29 9.33 -65.94
N ASP D 291 -30.29 8.81 -66.64
CA ASP D 291 -29.14 8.19 -66.01
C ASP D 291 -28.37 9.17 -65.11
N MET D 292 -28.18 10.38 -65.61
CA MET D 292 -27.45 11.40 -64.86
C MET D 292 -28.22 11.79 -63.59
N SER D 293 -29.52 12.00 -63.72
CA SER D 293 -30.35 12.39 -62.58
C SER D 293 -30.32 11.31 -61.49
N VAL D 294 -30.32 10.05 -61.90
CA VAL D 294 -30.29 8.94 -60.95
C VAL D 294 -28.99 8.91 -60.17
N GLN D 295 -27.86 9.06 -60.87
CA GLN D 295 -26.56 9.02 -60.22
C GLN D 295 -26.33 10.25 -59.33
N LEU D 296 -26.85 11.39 -59.75
CA LEU D 296 -26.75 12.62 -58.97
C LEU D 296 -27.54 12.51 -57.66
N GLU D 297 -28.76 11.97 -57.75
CA GLU D 297 -29.59 11.76 -56.57
C GLU D 297 -28.90 10.82 -55.58
N ALA D 298 -28.33 9.74 -56.10
CA ALA D 298 -27.60 8.79 -55.26
C ALA D 298 -26.38 9.45 -54.63
N ALA D 299 -25.65 10.22 -55.43
CA ALA D 299 -24.45 10.90 -54.96
C ALA D 299 -24.77 11.87 -53.83
N ARG D 300 -25.82 12.66 -54.02
CA ARG D 300 -26.24 13.62 -53.01
C ARG D 300 -26.66 12.90 -51.73
N LEU D 301 -27.28 11.74 -51.88
CA LEU D 301 -27.68 10.94 -50.74
C LEU D 301 -26.47 10.34 -50.02
N MET D 302 -25.50 9.87 -50.79
CA MET D 302 -24.27 9.30 -50.22
C MET D 302 -23.50 10.34 -49.41
N LEU D 303 -23.41 11.54 -49.94
CA LEU D 303 -22.68 12.61 -49.26
C LEU D 303 -23.36 13.05 -47.98
N ARG D 304 -24.65 13.35 -48.06
CA ARG D 304 -25.41 13.80 -46.89
C ARG D 304 -25.47 12.73 -45.80
N SER D 305 -25.54 11.47 -46.22
CA SER D 305 -25.52 10.35 -45.28
C SER D 305 -24.18 10.26 -44.58
N ALA D 306 -23.09 10.46 -45.33
CA ALA D 306 -21.76 10.42 -44.76
C ALA D 306 -21.54 11.62 -43.83
N ALA D 307 -22.13 12.76 -44.19
CA ALA D 307 -21.96 13.99 -43.41
C ALA D 307 -22.52 13.87 -42.00
N VAL D 308 -23.57 13.06 -41.83
CA VAL D 308 -24.21 12.91 -40.52
C VAL D 308 -23.73 11.67 -39.79
N SER D 309 -22.80 10.94 -40.40
CA SER D 309 -22.26 9.73 -39.79
C SER D 309 -21.08 10.06 -38.87
N GLY D 310 -20.62 9.06 -38.14
CA GLY D 310 -19.48 9.23 -37.25
C GLY D 310 -19.78 10.08 -36.04
N GLU D 311 -18.74 10.43 -35.29
CA GLU D 311 -18.89 11.25 -34.10
C GLU D 311 -18.67 12.72 -34.43
N THR D 312 -17.48 13.24 -34.13
CA THR D 312 -17.15 14.62 -34.45
C THR D 312 -16.94 14.77 -35.95
N PHE D 313 -16.35 13.74 -36.56
CA PHE D 313 -16.12 13.73 -38.00
C PHE D 313 -16.86 12.56 -38.65
N PRO D 314 -17.19 12.68 -39.95
CA PRO D 314 -17.86 11.61 -40.68
C PRO D 314 -17.10 10.29 -40.59
N ASP D 315 -17.82 9.17 -40.68
CA ASP D 315 -17.20 7.85 -40.64
C ASP D 315 -16.22 7.70 -41.80
N ILE D 316 -15.05 7.14 -41.50
CA ILE D 316 -13.96 7.03 -42.46
C ILE D 316 -14.37 6.30 -43.75
N ASN D 317 -15.22 5.29 -43.63
CA ASN D 317 -15.59 4.47 -44.77
C ASN D 317 -16.77 5.01 -45.56
N LYS D 318 -17.76 5.55 -44.85
CA LYS D 318 -18.88 6.18 -45.53
C LYS D 318 -18.44 7.43 -46.28
N ALA D 319 -17.49 8.17 -45.70
CA ALA D 319 -16.92 9.32 -46.37
C ALA D 319 -16.13 8.87 -47.61
N ALA D 320 -15.41 7.76 -47.48
CA ALA D 320 -14.65 7.22 -48.61
C ALA D 320 -15.59 6.73 -49.71
N GLN D 321 -16.61 5.97 -49.34
CA GLN D 321 -17.60 5.48 -50.29
C GLN D 321 -18.31 6.62 -51.00
N ALA D 322 -18.60 7.68 -50.26
CA ALA D 322 -19.30 8.82 -50.83
C ALA D 322 -18.39 9.61 -51.77
N LYS D 323 -17.14 9.78 -51.37
CA LYS D 323 -16.18 10.51 -52.19
C LYS D 323 -15.92 9.79 -53.51
N ILE D 324 -15.80 8.47 -53.44
CA ILE D 324 -15.64 7.65 -54.63
C ILE D 324 -16.81 7.83 -55.59
N PHE D 325 -18.02 7.72 -55.04
CA PHE D 325 -19.24 7.79 -55.84
C PHE D 325 -19.43 9.18 -56.44
N ALA D 326 -19.31 10.20 -55.60
CA ALA D 326 -19.55 11.58 -56.04
C ALA D 326 -18.55 12.04 -57.09
N ALA D 327 -17.29 11.71 -56.91
CA ALA D 327 -16.24 12.16 -57.82
C ALA D 327 -16.35 11.50 -59.18
N GLU D 328 -16.60 10.20 -59.19
CA GLU D 328 -16.73 9.46 -60.44
C GLU D 328 -18.05 9.82 -61.14
N THR D 329 -19.07 10.14 -60.34
CA THR D 329 -20.33 10.61 -60.89
C THR D 329 -20.13 11.93 -61.61
N ALA D 330 -19.36 12.82 -60.99
CA ALA D 330 -19.09 14.13 -61.56
C ALA D 330 -18.39 14.03 -62.91
N ASN D 331 -17.39 13.15 -63.01
CA ASN D 331 -16.64 13.00 -64.25
C ASN D 331 -17.53 12.56 -65.41
N LYS D 332 -18.47 11.67 -65.13
CA LYS D 332 -19.36 11.17 -66.17
C LYS D 332 -20.44 12.20 -66.53
N VAL D 333 -21.05 12.78 -65.50
CA VAL D 333 -22.13 13.74 -65.73
C VAL D 333 -21.66 14.95 -66.54
N THR D 334 -20.52 15.51 -66.17
CA THR D 334 -19.98 16.67 -66.88
C THR D 334 -19.67 16.34 -68.34
N ASN D 335 -19.07 15.17 -68.58
CA ASN D 335 -18.75 14.75 -69.94
C ASN D 335 -20.01 14.52 -70.79
N ASP D 336 -21.04 13.94 -70.18
CA ASP D 336 -22.28 13.67 -70.88
C ASP D 336 -23.08 14.97 -71.08
N ALA D 337 -23.00 15.87 -70.12
CA ALA D 337 -23.65 17.17 -70.22
C ALA D 337 -23.01 18.01 -71.32
N LEU D 338 -21.70 17.86 -71.47
CA LEU D 338 -20.98 18.53 -72.54
C LEU D 338 -21.45 18.01 -73.89
N GLN D 339 -21.69 16.71 -73.95
CA GLN D 339 -22.10 16.04 -75.18
C GLN D 339 -23.42 16.60 -75.70
N PHE D 340 -24.28 17.06 -74.78
CA PHE D 340 -25.56 17.63 -75.16
C PHE D 340 -25.40 18.91 -75.97
N PHE D 341 -24.35 19.67 -75.69
CA PHE D 341 -24.12 20.94 -76.38
C PHE D 341 -23.46 20.73 -77.74
N GLY D 342 -22.98 19.51 -77.99
CA GLY D 342 -22.34 19.19 -79.25
C GLY D 342 -21.06 19.96 -79.46
N SER D 343 -20.92 20.56 -80.64
CA SER D 343 -19.73 21.33 -80.98
C SER D 343 -19.54 22.49 -80.00
N SER D 344 -20.65 23.13 -79.63
CA SER D 344 -20.63 24.25 -78.70
C SER D 344 -20.09 23.86 -77.33
N GLY D 345 -20.22 22.59 -76.97
CA GLY D 345 -19.72 22.10 -75.70
C GLY D 345 -18.21 22.03 -75.68
N TYR D 346 -17.61 21.89 -76.85
CA TYR D 346 -16.16 21.79 -76.97
C TYR D 346 -15.53 23.18 -77.03
N GLY D 347 -16.36 24.20 -77.19
CA GLY D 347 -15.89 25.57 -77.26
C GLY D 347 -15.74 26.21 -75.89
N ARG D 348 -14.69 27.00 -75.71
CA ARG D 348 -14.39 27.60 -74.42
C ARG D 348 -15.30 28.80 -74.12
N HIS D 349 -16.10 29.20 -75.10
CA HIS D 349 -17.08 30.27 -74.90
C HIS D 349 -18.33 29.74 -74.18
N ASN D 350 -18.33 28.45 -73.91
CA ASN D 350 -19.35 27.82 -73.08
C ASN D 350 -18.69 27.18 -71.86
N PRO D 351 -19.40 27.17 -70.72
CA PRO D 351 -18.81 26.68 -69.47
C PRO D 351 -18.74 25.15 -69.37
N MET D 352 -19.18 24.45 -70.41
CA MET D 352 -19.27 23.00 -70.37
C MET D 352 -17.91 22.32 -70.25
N GLU D 353 -16.96 22.77 -71.06
CA GLU D 353 -15.64 22.15 -71.07
C GLU D 353 -14.89 22.44 -69.77
N ARG D 354 -15.23 23.56 -69.12
CA ARG D 354 -14.61 23.92 -67.85
C ARG D 354 -15.04 22.98 -66.73
N HIS D 355 -16.30 22.57 -66.79
CA HIS D 355 -16.87 21.65 -65.81
C HIS D 355 -16.11 20.32 -65.78
N VAL D 356 -15.81 19.79 -66.95
CA VAL D 356 -15.05 18.56 -67.05
C VAL D 356 -13.65 18.71 -66.45
N ARG D 357 -13.00 19.82 -66.79
CA ARG D 357 -11.66 20.10 -66.28
C ARG D 357 -11.64 20.28 -64.76
N ASP D 358 -12.67 20.94 -64.23
CA ASP D 358 -12.76 21.16 -62.79
C ASP D 358 -13.07 19.86 -62.04
N ALA D 359 -14.01 19.08 -62.55
CA ALA D 359 -14.46 17.87 -61.89
C ALA D 359 -13.38 16.80 -61.80
N ARG D 360 -12.43 16.83 -62.74
CA ARG D 360 -11.46 15.75 -62.90
C ARG D 360 -10.55 15.55 -61.69
N MET D 361 -10.26 16.61 -60.96
CA MET D 361 -9.31 16.52 -59.85
C MET D 361 -9.81 15.69 -58.67
N PHE D 362 -11.12 15.56 -58.53
CA PHE D 362 -11.68 15.03 -57.29
C PHE D 362 -11.58 13.50 -57.15
N THR D 363 -11.05 12.83 -58.17
CA THR D 363 -10.71 11.42 -58.04
C THR D 363 -9.25 11.27 -57.66
N ILE D 364 -8.59 12.40 -57.45
CA ILE D 364 -7.15 12.42 -57.16
C ILE D 364 -6.83 13.12 -55.85
N ALA D 365 -7.31 14.35 -55.71
CA ALA D 365 -6.98 15.18 -54.55
C ALA D 365 -7.68 14.69 -53.28
N GLY D 366 -6.93 14.65 -52.18
CA GLY D 366 -7.45 14.25 -50.90
C GLY D 366 -7.63 12.74 -50.79
N GLY D 367 -6.70 12.00 -51.40
CA GLY D 367 -6.80 10.56 -51.45
C GLY D 367 -7.45 10.12 -52.74
N THR D 368 -6.70 9.39 -53.57
CA THR D 368 -7.20 8.99 -54.89
C THR D 368 -8.36 8.00 -54.78
N ALA D 369 -9.10 7.87 -55.88
CA ALA D 369 -10.21 6.93 -55.94
C ALA D 369 -9.72 5.50 -55.71
N GLN D 370 -8.47 5.25 -56.06
CA GLN D 370 -7.87 3.93 -55.88
C GLN D 370 -7.60 3.66 -54.39
N ILE D 371 -6.94 4.62 -53.75
CA ILE D 371 -6.61 4.50 -52.34
C ILE D 371 -7.88 4.39 -51.49
N LEU D 372 -8.91 5.13 -51.86
CA LEU D 372 -10.18 5.09 -51.16
C LEU D 372 -10.84 3.71 -51.29
N ARG D 373 -10.66 3.07 -52.43
CA ARG D 373 -11.18 1.72 -52.64
C ARG D 373 -10.50 0.73 -51.73
N THR D 374 -9.21 0.92 -51.50
CA THR D 374 -8.46 0.08 -50.57
C THR D 374 -9.00 0.29 -49.15
N GLN D 375 -9.26 1.55 -48.81
CA GLN D 375 -9.81 1.90 -47.51
C GLN D 375 -11.16 1.21 -47.26
N VAL D 376 -12.05 1.31 -48.24
CA VAL D 376 -13.37 0.69 -48.15
C VAL D 376 -13.24 -0.83 -48.07
N ALA D 377 -12.33 -1.39 -48.87
CA ALA D 377 -12.10 -2.83 -48.88
C ALA D 377 -11.64 -3.35 -47.52
N SER D 378 -10.79 -2.58 -46.85
CA SER D 378 -10.25 -2.97 -45.55
C SER D 378 -11.36 -3.06 -44.50
N LYS D 379 -12.34 -2.19 -44.62
CA LYS D 379 -13.50 -2.21 -43.74
C LYS D 379 -14.36 -3.45 -43.97
N ILE D 380 -14.73 -3.67 -45.23
CA ILE D 380 -15.57 -4.80 -45.61
C ILE D 380 -14.91 -6.13 -45.30
N LEU D 381 -13.63 -6.25 -45.66
CA LEU D 381 -12.88 -7.48 -45.44
C LEU D 381 -12.35 -7.57 -44.00
N ASP D 382 -12.61 -6.51 -43.23
CA ASP D 382 -12.25 -6.46 -41.81
C ASP D 382 -10.80 -6.87 -41.57
N MET D 383 -9.89 -6.27 -42.31
CA MET D 383 -8.48 -6.60 -42.23
C MET D 383 -7.61 -5.45 -42.70
N LYS D 384 -6.42 -5.31 -42.12
CA LYS D 384 -5.46 -4.33 -42.61
C LYS D 384 -4.98 -4.75 -44.00
N LEU D 385 -4.88 -3.78 -44.89
CA LEU D 385 -4.41 -4.04 -46.24
C LEU D 385 -3.12 -3.28 -46.52
N PRO D 386 -1.98 -3.84 -46.06
CA PRO D 386 -0.68 -3.20 -46.26
C PRO D 386 -0.29 -3.19 -47.74
N GLN D 387 0.36 -2.12 -48.18
CA GLN D 387 0.72 -1.98 -49.59
C GLN D 387 2.19 -2.25 -49.84
N THR D 388 2.97 -2.36 -48.77
CA THR D 388 4.40 -2.61 -48.88
C THR D 388 4.67 -4.04 -49.34
N ARG D 389 5.90 -4.30 -49.78
CA ARG D 389 6.27 -5.62 -50.29
C ARG D 389 6.28 -6.68 -49.20
N ASP D 390 6.61 -6.29 -47.98
CA ASP D 390 6.77 -7.24 -46.89
C ASP D 390 5.61 -7.20 -45.89
N GLY D 391 4.50 -6.60 -46.29
CA GLY D 391 3.33 -6.52 -45.44
C GLY D 391 2.59 -7.83 -45.35
N TYR D 392 2.48 -8.51 -46.50
CA TYR D 392 1.74 -9.76 -46.65
C TYR D 392 0.44 -9.81 -45.85
N TYR E 2 -26.15 0.16 35.10
CA TYR E 2 -25.34 -0.51 34.09
C TYR E 2 -25.17 0.34 32.84
N GLU E 3 -25.40 1.64 32.98
CA GLU E 3 -25.23 2.57 31.86
C GLU E 3 -24.48 3.82 32.29
N LEU E 4 -24.26 4.72 31.34
CA LEU E 4 -23.46 5.92 31.59
C LEU E 4 -24.27 7.03 32.25
N THR E 5 -23.65 7.71 33.22
CA THR E 5 -24.23 8.89 33.82
C THR E 5 -24.30 10.02 32.80
N PRO E 6 -25.20 10.99 32.99
CA PRO E 6 -25.31 12.13 32.08
C PRO E 6 -23.98 12.85 31.85
N GLU E 7 -23.15 12.93 32.88
CA GLU E 7 -21.85 13.58 32.76
C GLU E 7 -20.89 12.72 31.94
N GLN E 8 -21.04 11.40 32.05
CA GLN E 8 -20.20 10.49 31.30
C GLN E 8 -20.53 10.50 29.81
N ARG E 9 -21.81 10.71 29.48
CA ARG E 9 -22.22 10.77 28.08
C ARG E 9 -21.75 12.06 27.43
N THR E 10 -21.74 13.14 28.19
CA THR E 10 -21.20 14.41 27.70
C THR E 10 -19.70 14.26 27.46
N LEU E 11 -19.00 13.63 28.39
CA LEU E 11 -17.58 13.34 28.24
C LEU E 11 -17.35 12.45 27.03
N GLN E 12 -18.24 11.48 26.83
CA GLN E 12 -18.15 10.56 25.70
C GLN E 12 -18.33 11.30 24.38
N THR E 13 -19.31 12.20 24.35
CA THR E 13 -19.59 12.99 23.15
C THR E 13 -18.39 13.88 22.80
N GLN E 14 -17.81 14.52 23.81
CA GLN E 14 -16.66 15.38 23.60
C GLN E 14 -15.48 14.59 23.03
N ALA E 15 -15.31 13.37 23.51
CA ALA E 15 -14.23 12.51 23.02
C ALA E 15 -14.52 12.05 21.59
N ARG E 16 -15.79 11.76 21.31
CA ARG E 16 -16.19 11.33 19.97
C ARG E 16 -16.05 12.45 18.95
N GLU E 17 -16.39 13.67 19.35
CA GLU E 17 -16.28 14.82 18.46
C GLU E 17 -14.85 15.04 18.01
N LEU E 18 -13.91 14.93 18.95
CA LEU E 18 -12.50 15.14 18.65
C LEU E 18 -11.95 14.05 17.72
N ALA E 19 -12.28 12.79 18.06
CA ALA E 19 -11.76 11.65 17.30
C ALA E 19 -12.29 11.63 15.87
N GLN E 20 -13.55 12.02 15.69
CA GLN E 20 -14.16 11.98 14.37
C GLN E 20 -13.78 13.18 13.50
N SER E 21 -13.68 14.36 14.12
CA SER E 21 -13.41 15.57 13.35
C SER E 21 -11.93 15.74 13.04
N VAL E 22 -11.06 15.20 13.89
CA VAL E 22 -9.63 15.42 13.76
C VAL E 22 -8.82 14.14 13.52
N PHE E 23 -9.04 13.14 14.37
CA PHE E 23 -8.18 11.95 14.37
C PHE E 23 -8.48 10.96 13.25
N ALA E 24 -9.75 10.83 12.88
CA ALA E 24 -10.19 9.79 11.95
C ALA E 24 -9.53 9.90 10.56
N SER E 25 -9.40 11.12 10.07
CA SER E 25 -8.87 11.34 8.72
C SER E 25 -7.35 11.12 8.64
N THR E 26 -6.72 10.90 9.78
CA THR E 26 -5.26 10.77 9.83
C THR E 26 -4.82 9.32 10.06
N ALA E 27 -5.78 8.44 10.33
CA ALA E 27 -5.48 7.06 10.69
C ALA E 27 -4.74 6.30 9.59
N VAL E 28 -5.14 6.54 8.35
CA VAL E 28 -4.51 5.85 7.21
C VAL E 28 -3.06 6.28 7.03
N GLN E 29 -2.82 7.59 6.98
CA GLN E 29 -1.47 8.12 6.79
C GLN E 29 -0.56 7.74 7.95
N THR E 30 -1.11 7.76 9.16
CA THR E 30 -0.35 7.41 10.36
C THR E 30 0.20 6.00 10.28
N ASP E 31 -0.66 5.06 9.90
CA ASP E 31 -0.24 3.67 9.72
C ASP E 31 0.73 3.54 8.55
N LEU E 32 0.49 4.31 7.50
CA LEU E 32 1.32 4.28 6.30
C LEU E 32 2.75 4.76 6.57
N THR E 33 2.87 5.92 7.21
CA THR E 33 4.17 6.53 7.45
C THR E 33 4.88 5.94 8.66
N GLU E 34 4.10 5.34 9.56
CA GLU E 34 4.61 4.80 10.82
C GLU E 34 5.29 5.88 11.66
N GLN E 35 4.76 7.10 11.57
CA GLN E 35 5.35 8.22 12.29
C GLN E 35 4.45 8.70 13.42
N TYR E 36 5.07 9.10 14.53
CA TYR E 36 4.35 9.61 15.69
C TYR E 36 3.64 10.92 15.34
N PRO E 37 2.30 10.89 15.31
CA PRO E 37 1.50 12.05 14.90
C PRO E 37 1.42 13.12 15.98
N TRP E 38 2.45 13.95 16.06
CA TRP E 38 2.54 14.99 17.09
C TRP E 38 1.37 15.96 17.04
N ASP E 39 0.89 16.27 15.84
CA ASP E 39 -0.24 17.18 15.67
C ASP E 39 -1.50 16.67 16.38
N ASN E 40 -1.68 15.36 16.37
CA ASN E 40 -2.84 14.76 17.04
C ASN E 40 -2.67 14.75 18.55
N VAL E 41 -1.45 14.48 19.00
CA VAL E 41 -1.13 14.50 20.42
C VAL E 41 -1.37 15.89 21.02
N ALA E 42 -1.04 16.92 20.25
CA ALA E 42 -1.25 18.29 20.70
C ALA E 42 -2.73 18.59 20.90
N GLN E 43 -3.56 18.11 19.97
CA GLN E 43 -5.00 18.32 20.07
C GLN E 43 -5.60 17.46 21.19
N LEU E 44 -5.02 16.29 21.42
CA LEU E 44 -5.45 15.41 22.48
C LEU E 44 -5.20 16.04 23.83
N ARG E 45 -4.10 16.79 23.92
CA ARG E 45 -3.74 17.52 25.13
C ARG E 45 -4.66 18.71 25.37
N ASP E 46 -4.83 19.53 24.34
CA ASP E 46 -5.63 20.76 24.46
C ASP E 46 -7.08 20.47 24.79
N ALA E 47 -7.54 19.28 24.44
CA ALA E 47 -8.91 18.87 24.73
C ALA E 47 -9.03 18.28 26.13
N GLY E 48 -7.89 18.19 26.82
CA GLY E 48 -7.86 17.71 28.19
C GLY E 48 -8.06 16.20 28.32
N PHE E 49 -7.52 15.44 27.37
CA PHE E 49 -7.69 14.00 27.37
C PHE E 49 -6.38 13.29 27.73
N MET E 50 -5.44 14.05 28.28
CA MET E 50 -4.19 13.49 28.78
C MET E 50 -4.05 13.80 30.27
N GLY E 51 -3.57 12.83 31.04
CA GLY E 51 -3.46 12.98 32.49
C GLY E 51 -4.80 13.25 33.12
N MET E 52 -5.82 12.52 32.67
CA MET E 52 -7.19 12.76 33.11
C MET E 52 -7.43 12.38 34.58
N MET E 53 -6.72 11.38 35.05
CA MET E 53 -6.90 10.90 36.42
C MET E 53 -6.00 11.63 37.41
N LEU E 54 -5.21 12.57 36.91
CA LEU E 54 -4.38 13.40 37.78
C LEU E 54 -5.27 14.30 38.64
N PRO E 55 -4.88 14.51 39.91
CA PRO E 55 -5.62 15.41 40.82
C PRO E 55 -5.73 16.82 40.27
N THR E 56 -6.81 17.51 40.62
CA THR E 56 -7.02 18.88 40.15
C THR E 56 -6.01 19.84 40.77
N SER E 57 -5.34 19.39 41.83
CA SER E 57 -4.33 20.19 42.52
C SER E 57 -3.07 20.34 41.68
N VAL E 58 -2.83 19.41 40.76
CA VAL E 58 -1.64 19.45 39.93
C VAL E 58 -1.97 19.75 38.46
N GLY E 59 -3.22 20.13 38.21
CA GLY E 59 -3.64 20.52 36.88
C GLY E 59 -4.48 19.47 36.17
N GLY E 60 -4.67 18.33 36.83
CA GLY E 60 -5.49 17.26 36.28
C GLY E 60 -6.97 17.57 36.40
N ARG E 61 -7.80 16.61 35.98
CA ARG E 61 -9.25 16.78 36.05
C ARG E 61 -9.86 15.81 37.05
N GLY E 62 -9.01 14.93 37.58
CA GLY E 62 -9.41 14.00 38.63
C GLY E 62 -10.56 13.07 38.27
N LEU E 63 -10.54 12.53 37.06
CA LEU E 63 -11.59 11.62 36.63
C LEU E 63 -11.26 10.18 37.00
N SER E 64 -12.22 9.28 36.81
CA SER E 64 -12.08 7.89 37.20
C SER E 64 -11.51 7.03 36.08
N THR E 65 -11.22 5.77 36.40
CA THR E 65 -10.72 4.82 35.42
C THR E 65 -11.77 4.56 34.34
N LEU E 66 -13.03 4.50 34.77
CA LEU E 66 -14.14 4.31 33.84
C LEU E 66 -14.25 5.46 32.85
N ASP E 67 -14.06 6.67 33.34
CA ASP E 67 -14.10 7.87 32.50
C ASP E 67 -13.09 7.79 31.37
N THR E 68 -11.89 7.33 31.69
CA THR E 68 -10.83 7.22 30.70
C THR E 68 -11.16 6.16 29.67
N VAL E 69 -11.61 5.00 30.14
CA VAL E 69 -12.00 3.88 29.27
C VAL E 69 -13.04 4.33 28.25
N ILE E 70 -13.98 5.16 28.69
CA ILE E 70 -14.98 5.74 27.79
C ILE E 70 -14.32 6.59 26.71
N VAL E 71 -13.34 7.40 27.12
CA VAL E 71 -12.61 8.24 26.18
C VAL E 71 -11.73 7.40 25.26
N ILE E 72 -10.98 6.47 25.85
CA ILE E 72 -10.08 5.60 25.12
C ILE E 72 -10.75 4.88 23.94
N GLU E 73 -11.92 4.29 24.19
CA GLU E 73 -12.64 3.56 23.16
C GLU E 73 -12.99 4.45 21.97
N GLU E 74 -13.44 5.67 22.26
CA GLU E 74 -13.79 6.62 21.21
C GLU E 74 -12.59 7.01 20.37
N MET E 75 -11.43 7.12 21.02
CA MET E 75 -10.20 7.47 20.32
C MET E 75 -9.72 6.31 19.45
N ALA E 76 -9.89 5.09 19.97
CA ALA E 76 -9.46 3.90 19.24
C ALA E 76 -10.34 3.63 18.02
N LYS E 77 -11.59 4.06 18.10
CA LYS E 77 -12.53 3.93 16.98
C LYS E 77 -12.09 4.77 15.79
N ALA E 78 -11.33 5.82 16.04
CA ALA E 78 -10.83 6.67 14.97
C ALA E 78 -9.45 6.23 14.51
N CYS E 79 -8.58 5.93 15.46
CA CYS E 79 -7.20 5.55 15.18
C CYS E 79 -6.61 4.75 16.33
N ALA E 80 -6.07 3.59 16.01
CA ALA E 80 -5.52 2.70 17.03
C ALA E 80 -4.33 3.33 17.75
N THR E 81 -3.57 4.14 17.01
CA THR E 81 -2.45 4.86 17.59
C THR E 81 -2.93 5.87 18.63
N MET E 82 -3.98 6.61 18.29
CA MET E 82 -4.60 7.53 19.23
C MET E 82 -5.13 6.82 20.47
N GLY E 83 -5.63 5.60 20.27
CA GLY E 83 -6.15 4.81 21.36
C GLY E 83 -5.08 4.47 22.36
N ARG E 84 -3.94 3.99 21.87
CA ARG E 84 -2.84 3.59 22.74
C ARG E 84 -2.20 4.79 23.43
N ILE E 85 -2.17 5.92 22.73
CA ILE E 85 -1.62 7.14 23.28
C ILE E 85 -2.47 7.62 24.45
N THR E 86 -3.79 7.57 24.26
CA THR E 86 -4.72 7.96 25.31
C THR E 86 -4.59 7.06 26.54
N VAL E 87 -4.18 5.82 26.31
CA VAL E 87 -3.97 4.87 27.40
C VAL E 87 -2.72 5.21 28.22
N ASP E 88 -1.58 5.28 27.53
CA ASP E 88 -0.30 5.52 28.19
C ASP E 88 -0.24 6.86 28.91
N SER E 89 -1.02 7.83 28.43
CA SER E 89 -0.99 9.18 28.99
C SER E 89 -2.07 9.39 30.05
N ASN E 90 -2.74 8.30 30.43
CA ASN E 90 -3.79 8.35 31.45
C ASN E 90 -3.73 7.17 32.40
N LEU E 91 -3.15 6.06 31.94
CA LEU E 91 -3.11 4.84 32.72
C LEU E 91 -1.72 4.21 32.69
N GLY E 92 -1.45 3.33 33.65
CA GLY E 92 -0.19 2.63 33.70
C GLY E 92 0.87 3.34 34.50
N ALA E 93 1.90 3.84 33.83
CA ALA E 93 3.02 4.50 34.49
C ALA E 93 2.57 5.70 35.30
N ILE E 94 1.76 6.56 34.68
CA ILE E 94 1.28 7.76 35.34
C ILE E 94 0.35 7.41 36.50
N GLY E 95 -0.29 6.24 36.42
CA GLY E 95 -1.17 5.78 37.48
C GLY E 95 -0.40 5.39 38.72
N ALA E 96 0.71 4.70 38.53
CA ALA E 96 1.57 4.31 39.63
C ALA E 96 2.19 5.54 40.31
N ILE E 97 2.59 6.51 39.50
CA ILE E 97 3.18 7.74 40.01
C ILE E 97 2.15 8.55 40.80
N THR E 98 0.92 8.56 40.30
CA THR E 98 -0.17 9.28 40.96
C THR E 98 -0.46 8.71 42.35
N LYS E 99 -0.32 7.39 42.48
CA LYS E 99 -0.66 6.71 43.73
C LYS E 99 0.52 6.63 44.70
N TYR E 100 1.65 6.10 44.24
CA TYR E 100 2.77 5.82 45.12
C TYR E 100 3.89 6.85 45.04
N GLY E 101 3.69 7.89 44.23
CA GLY E 101 4.73 8.89 44.03
C GLY E 101 4.68 10.04 45.04
N SER E 102 5.84 10.64 45.29
CA SER E 102 5.93 11.79 46.18
C SER E 102 5.41 13.04 45.49
N GLU E 103 5.35 14.16 46.23
CA GLU E 103 4.85 15.41 45.69
C GLU E 103 5.71 15.92 44.54
N GLU E 104 7.02 15.72 44.64
CA GLU E 104 7.95 16.13 43.60
C GLU E 104 7.81 15.25 42.37
N GLN E 105 7.68 13.94 42.60
CA GLN E 105 7.55 12.97 41.51
C GLN E 105 6.26 13.18 40.74
N ILE E 106 5.17 13.46 41.46
CA ILE E 106 3.88 13.71 40.83
C ILE E 106 3.90 14.99 40.00
N LYS E 107 4.46 16.05 40.59
CA LYS E 107 4.56 17.35 39.93
C LYS E 107 5.35 17.24 38.62
N LEU E 108 6.45 16.50 38.66
CA LEU E 108 7.29 16.31 37.49
C LEU E 108 6.55 15.56 36.39
N ALA E 109 5.84 14.50 36.78
CA ALA E 109 5.08 13.68 35.84
C ALA E 109 3.88 14.46 35.28
N ALA E 110 3.16 15.14 36.16
CA ALA E 110 1.97 15.88 35.77
C ALA E 110 2.29 16.98 34.76
N ASP E 111 3.37 17.71 34.99
CA ASP E 111 3.76 18.81 34.12
C ASP E 111 4.11 18.31 32.72
N LEU E 112 4.78 17.17 32.66
CA LEU E 112 5.15 16.56 31.38
C LEU E 112 3.92 16.10 30.60
N VAL E 113 3.08 15.31 31.26
CA VAL E 113 1.88 14.78 30.61
C VAL E 113 0.94 15.88 30.14
N LEU E 114 0.70 16.87 30.99
CA LEU E 114 -0.19 17.97 30.64
C LEU E 114 0.41 18.90 29.60
N ALA E 115 1.70 18.70 29.31
CA ALA E 115 2.37 19.45 28.24
C ALA E 115 2.24 18.70 26.91
N GLY E 116 1.80 17.45 26.99
CA GLY E 116 1.60 16.64 25.79
C GLY E 116 2.51 15.44 25.69
N ASP E 117 3.18 15.10 26.79
CA ASP E 117 4.08 13.95 26.79
C ASP E 117 3.31 12.65 27.05
N LYS E 118 3.62 11.63 26.26
CA LYS E 118 3.09 10.29 26.49
C LYS E 118 4.15 9.46 27.20
N PRO E 119 3.97 9.23 28.51
CA PRO E 119 4.93 8.46 29.31
C PRO E 119 5.18 7.07 28.75
N ALA E 120 6.36 6.52 29.02
CA ALA E 120 6.69 5.18 28.59
C ALA E 120 7.04 4.31 29.79
N ILE E 121 6.47 3.12 29.86
CA ILE E 121 6.78 2.19 30.93
C ILE E 121 7.79 1.15 30.42
N CYS E 122 8.78 0.82 31.25
CA CYS E 122 9.87 -0.04 30.84
C CYS E 122 10.02 -1.26 31.74
N ILE E 123 9.37 -2.35 31.38
CA ILE E 123 9.43 -3.58 32.16
C ILE E 123 10.06 -4.71 31.35
N SER E 124 9.52 -4.93 30.16
CA SER E 124 9.86 -6.11 29.36
C SER E 124 11.30 -6.11 28.86
N GLU E 125 11.89 -7.29 28.85
CA GLU E 125 13.25 -7.49 28.37
C GLU E 125 13.28 -8.65 27.38
N PRO E 126 14.25 -8.64 26.44
CA PRO E 126 14.39 -9.68 25.41
C PRO E 126 14.34 -11.11 25.96
N ASN E 127 14.73 -11.29 27.22
CA ASN E 127 14.66 -12.61 27.84
C ASN E 127 13.80 -12.60 29.09
N ALA E 128 12.98 -11.57 29.23
CA ALA E 128 12.08 -11.45 30.37
C ALA E 128 10.83 -10.67 29.99
N GLY E 129 9.78 -11.40 29.61
CA GLY E 129 8.51 -10.78 29.26
C GLY E 129 7.39 -11.28 30.15
N SER E 130 6.97 -12.53 29.92
CA SER E 130 5.96 -13.16 30.75
C SER E 130 6.49 -13.34 32.17
N ALA E 131 7.72 -13.82 32.26
CA ALA E 131 8.40 -13.96 33.54
C ALA E 131 9.14 -12.67 33.88
N ALA E 132 8.38 -11.61 34.13
CA ALA E 132 8.95 -10.28 34.35
C ALA E 132 9.83 -10.22 35.60
N SER E 133 9.60 -11.15 36.52
CA SER E 133 10.37 -11.20 37.76
C SER E 133 11.79 -11.72 37.53
N GLU E 134 12.09 -12.11 36.29
CA GLU E 134 13.43 -12.59 35.95
C GLU E 134 14.21 -11.53 35.18
N MET E 135 13.83 -10.26 35.36
CA MET E 135 14.50 -9.16 34.66
C MET E 135 15.94 -9.01 35.13
N THR E 136 16.85 -8.75 34.18
CA THR E 136 18.27 -8.66 34.48
C THR E 136 18.73 -7.21 34.65
N THR E 137 17.85 -6.26 34.32
CA THR E 137 18.16 -4.85 34.52
C THR E 137 18.29 -4.59 36.02
N ARG E 138 19.46 -4.12 36.44
CA ARG E 138 19.74 -3.94 37.86
C ARG E 138 20.01 -2.49 38.23
N ALA E 139 19.74 -2.16 39.49
CA ALA E 139 19.95 -0.81 40.00
C ALA E 139 20.77 -0.83 41.29
N ASP E 140 22.09 -0.73 41.15
CA ASP E 140 22.98 -0.74 42.31
C ASP E 140 22.98 0.61 43.01
N LYS E 141 22.84 0.58 44.34
CA LYS E 141 22.81 1.81 45.13
C LYS E 141 24.22 2.39 45.29
N ASN E 142 24.32 3.71 45.09
CA ASN E 142 25.58 4.41 45.25
C ASN E 142 25.36 5.72 45.97
N GLY E 143 25.45 5.69 47.30
CA GLY E 143 25.19 6.87 48.12
C GLY E 143 23.73 7.24 48.07
N ASP E 144 23.45 8.46 47.63
CA ASP E 144 22.06 8.91 47.45
C ASP E 144 21.62 8.70 46.00
N HIS E 145 22.37 7.87 45.28
CA HIS E 145 22.07 7.60 43.87
C HIS E 145 21.92 6.10 43.59
N TYR E 146 21.36 5.80 42.43
CA TYR E 146 21.28 4.42 41.95
C TYR E 146 21.77 4.36 40.50
N ILE E 147 22.79 3.56 40.25
CA ILE E 147 23.25 3.36 38.88
C ILE E 147 22.46 2.22 38.22
N LEU E 148 22.03 2.44 36.99
CA LEU E 148 21.18 1.46 36.30
C LEU E 148 21.90 0.85 35.11
N ASN E 149 21.85 -0.48 35.02
CA ASN E 149 22.44 -1.20 33.90
C ASN E 149 21.54 -2.34 33.44
N GLY E 150 21.18 -2.31 32.15
CA GLY E 150 20.31 -3.33 31.58
C GLY E 150 19.75 -2.92 30.24
N GLU E 151 18.79 -3.69 29.76
CA GLU E 151 18.18 -3.41 28.46
C GLU E 151 16.71 -3.80 28.42
N LYS E 152 15.88 -2.91 27.90
CA LYS E 152 14.46 -3.18 27.68
C LYS E 152 14.17 -3.21 26.18
N TYR E 153 13.02 -3.74 25.78
CA TYR E 153 12.63 -3.69 24.38
C TYR E 153 11.11 -3.56 24.23
N TRP E 154 10.66 -3.33 23.00
CA TRP E 154 9.26 -3.06 22.70
C TRP E 154 8.70 -1.93 23.56
N ILE E 155 9.53 -0.93 23.85
CA ILE E 155 9.09 0.21 24.64
C ILE E 155 8.20 1.12 23.81
N THR E 156 6.94 1.21 24.20
CA THR E 156 5.97 2.03 23.47
C THR E 156 6.20 3.51 23.72
N GLY E 157 6.78 4.18 22.72
CA GLY E 157 7.08 5.59 22.81
C GLY E 157 8.57 5.86 22.82
N GLY E 158 9.36 4.85 22.52
CA GLY E 158 10.81 4.98 22.48
C GLY E 158 11.27 6.00 21.46
N GLY E 159 11.84 7.10 21.94
CA GLY E 159 12.35 8.14 21.06
C GLY E 159 11.45 9.34 20.97
N VAL E 160 10.21 9.20 21.46
CA VAL E 160 9.26 10.31 21.47
C VAL E 160 8.75 10.59 22.88
N SER E 161 8.85 9.58 23.76
CA SER E 161 8.43 9.75 25.15
C SER E 161 9.52 10.46 25.94
N LYS E 162 9.11 11.33 26.86
CA LYS E 162 10.05 12.01 27.74
C LYS E 162 10.09 11.33 29.10
N LEU E 163 8.92 11.19 29.73
CA LEU E 163 8.82 10.54 31.03
C LEU E 163 8.96 9.02 30.90
N HIS E 164 9.91 8.46 31.65
CA HIS E 164 10.13 7.02 31.65
C HIS E 164 10.03 6.45 33.05
N LEU E 165 9.33 5.32 33.16
CA LEU E 165 9.23 4.59 34.42
C LEU E 165 9.92 3.23 34.27
N ILE E 166 11.12 3.12 34.82
CA ILE E 166 11.95 1.94 34.61
C ILE E 166 11.92 0.97 35.78
N PHE E 167 11.73 -0.31 35.48
CA PHE E 167 11.75 -1.36 36.50
C PHE E 167 13.09 -2.08 36.48
N ALA E 168 13.74 -2.16 37.63
CA ALA E 168 15.05 -2.80 37.72
C ALA E 168 15.24 -3.55 39.04
N ARG E 169 16.16 -4.51 39.04
CA ARG E 169 16.46 -5.28 40.24
C ARG E 169 17.39 -4.46 41.16
N VAL E 170 16.84 -4.02 42.28
CA VAL E 170 17.58 -3.16 43.20
C VAL E 170 18.57 -3.95 44.06
N PHE E 171 19.81 -3.49 44.11
CA PHE E 171 20.85 -4.12 44.92
C PHE E 171 21.45 -3.13 45.92
N ASP E 172 21.84 -3.63 47.08
CA ASP E 172 22.46 -2.80 48.11
C ASP E 172 23.78 -3.43 48.55
N ASP E 173 24.88 -2.90 48.02
CA ASP E 173 26.23 -3.43 48.26
C ASP E 173 26.33 -4.90 47.88
N GLY E 174 25.56 -5.30 46.87
CA GLY E 174 25.59 -6.68 46.39
C GLY E 174 24.40 -7.50 46.89
N VAL E 175 23.67 -6.96 47.85
CA VAL E 175 22.52 -7.65 48.42
C VAL E 175 21.21 -7.19 47.76
N GLU E 176 20.49 -8.14 47.16
CA GLU E 176 19.26 -7.84 46.45
C GLU E 176 18.17 -7.30 47.37
N GLN E 177 17.46 -6.28 46.89
CA GLN E 177 16.41 -5.62 47.67
C GLN E 177 15.03 -5.87 47.08
N GLY E 178 14.99 -6.20 45.79
CA GLY E 178 13.74 -6.47 45.10
C GLY E 178 13.61 -5.75 43.78
N ILE E 179 12.40 -5.32 43.47
CA ILE E 179 12.10 -4.66 42.20
C ILE E 179 11.30 -3.39 42.41
N GLY E 180 11.88 -2.25 42.02
CA GLY E 180 11.26 -0.96 42.22
C GLY E 180 11.27 -0.09 40.97
N ALA E 181 10.43 0.94 40.95
CA ALA E 181 10.32 1.81 39.79
C ALA E 181 11.23 3.03 39.90
N PHE E 182 11.75 3.47 38.75
CA PHE E 182 12.65 4.63 38.69
C PHE E 182 12.16 5.64 37.66
N ILE E 183 12.14 6.91 38.05
CA ILE E 183 11.68 7.97 37.16
C ILE E 183 12.83 8.75 36.54
N THR E 184 12.85 8.81 35.21
CA THR E 184 13.83 9.61 34.48
C THR E 184 13.17 10.34 33.33
N VAL E 185 13.78 11.45 32.90
CA VAL E 185 13.22 12.25 31.82
C VAL E 185 14.21 12.34 30.65
N LEU E 186 13.74 12.00 29.46
CA LEU E 186 14.57 12.03 28.27
C LEU E 186 14.29 13.28 27.43
N ASP E 187 15.32 14.08 27.20
CA ASP E 187 15.19 15.27 26.35
C ASP E 187 16.38 15.40 25.41
N ASP E 188 16.53 16.58 24.82
CA ASP E 188 17.54 16.82 23.79
C ASP E 188 18.97 16.62 24.31
N HIS E 189 19.33 17.35 25.38
CA HIS E 189 20.62 17.13 26.00
C HIS E 189 20.62 15.80 26.74
N GLY E 190 19.46 15.44 27.27
CA GLY E 190 19.22 14.12 27.83
C GLY E 190 20.03 13.74 29.05
N PRO E 191 19.62 12.65 29.72
CA PRO E 191 20.38 12.06 30.82
C PRO E 191 21.45 11.10 30.31
N GLU E 192 22.68 11.24 30.80
CA GLU E 192 23.76 10.37 30.38
C GLU E 192 23.52 8.94 30.87
N GLY E 193 23.62 7.98 29.96
CA GLY E 193 23.41 6.59 30.30
C GLY E 193 22.14 6.03 29.71
N LEU E 194 21.20 6.91 29.40
CA LEU E 194 19.93 6.51 28.80
C LEU E 194 20.01 6.57 27.27
N LYS E 195 20.04 5.41 26.63
CA LYS E 195 20.20 5.35 25.18
C LYS E 195 19.07 4.58 24.50
N VAL E 196 18.41 5.24 23.56
CA VAL E 196 17.38 4.59 22.75
C VAL E 196 18.04 3.60 21.78
N GLY E 197 17.46 2.42 21.66
CA GLY E 197 17.98 1.40 20.77
C GLY E 197 17.28 1.39 19.43
N ARG E 198 17.46 0.31 18.67
CA ARG E 198 16.83 0.16 17.37
C ARG E 198 15.31 0.08 17.50
N ARG E 199 14.61 0.53 16.46
CA ARG E 199 13.16 0.46 16.44
C ARG E 199 12.70 -0.92 16.01
N LEU E 200 11.65 -1.42 16.66
CA LEU E 200 11.04 -2.68 16.27
C LEU E 200 9.77 -2.41 15.47
N TYR E 201 9.84 -2.60 14.16
CA TYR E 201 8.69 -2.34 13.30
C TYR E 201 7.65 -3.45 13.49
N ALA E 202 6.38 -3.04 13.59
CA ALA E 202 5.33 -3.96 14.01
C ALA E 202 4.28 -4.22 12.94
N MET E 203 3.42 -5.20 13.21
CA MET E 203 2.33 -5.58 12.32
C MET E 203 1.30 -4.47 12.19
N GLY E 204 0.94 -3.87 13.32
CA GLY E 204 -0.06 -2.82 13.35
C GLY E 204 0.21 -1.79 14.43
N VAL E 205 -0.70 -0.82 14.55
CA VAL E 205 -0.51 0.34 15.42
C VAL E 205 0.89 0.91 15.20
N ARG E 206 1.22 1.17 13.94
CA ARG E 206 2.57 1.52 13.55
C ARG E 206 2.90 2.99 13.82
N GLY E 207 1.87 3.76 14.21
CA GLY E 207 2.05 5.17 14.50
C GLY E 207 2.88 5.46 15.73
N ILE E 208 3.08 4.45 16.57
CA ILE E 208 3.90 4.62 17.76
C ILE E 208 5.16 3.77 17.67
N PRO E 209 6.33 4.42 17.82
CA PRO E 209 7.61 3.71 17.73
C PRO E 209 7.83 2.73 18.88
N GLU E 210 8.14 1.49 18.53
CA GLU E 210 8.48 0.47 19.52
C GLU E 210 9.98 0.19 19.42
N THR E 211 10.74 0.60 20.42
CA THR E 211 12.19 0.49 20.36
C THR E 211 12.80 -0.27 21.52
N HIS E 212 14.07 -0.63 21.37
CA HIS E 212 14.86 -1.11 22.50
C HIS E 212 15.26 0.10 23.34
N LEU E 213 15.73 -0.15 24.55
CA LEU E 213 16.17 0.92 25.44
C LEU E 213 17.28 0.41 26.35
N GLU E 214 18.44 1.07 26.28
CA GLU E 214 19.61 0.62 27.03
C GLU E 214 19.96 1.54 28.18
N PHE E 215 20.53 0.97 29.24
CA PHE E 215 20.97 1.75 30.38
C PHE E 215 22.45 1.47 30.66
N HIS E 216 23.28 2.49 30.53
CA HIS E 216 24.71 2.36 30.78
C HIS E 216 25.14 3.27 31.91
N ASP E 217 25.15 2.73 33.13
CA ASP E 217 25.47 3.49 34.34
C ASP E 217 24.56 4.70 34.49
N LEU E 218 23.28 4.52 34.19
CA LEU E 218 22.31 5.60 34.30
C LEU E 218 22.16 6.05 35.74
N LYS E 219 22.72 7.21 36.06
CA LYS E 219 22.75 7.71 37.42
C LYS E 219 21.45 8.44 37.78
N ILE E 220 20.63 7.80 38.61
CA ILE E 220 19.38 8.41 39.06
C ILE E 220 19.44 8.68 40.57
N HIS E 221 18.74 9.72 41.00
CA HIS E 221 18.75 10.13 42.40
C HIS E 221 17.70 9.38 43.22
N LYS E 222 17.86 9.41 44.55
CA LYS E 222 16.91 8.78 45.46
C LYS E 222 15.50 9.35 45.32
N SER E 223 15.41 10.66 45.07
CA SER E 223 14.14 11.35 45.05
C SER E 223 13.31 11.05 43.79
N MET E 224 13.86 10.27 42.88
CA MET E 224 13.14 9.89 41.67
C MET E 224 12.87 8.39 41.62
N MET E 225 13.16 7.72 42.73
CA MET E 225 12.78 6.32 42.90
C MET E 225 11.51 6.24 43.74
N ILE E 226 10.52 5.51 43.25
CA ILE E 226 9.28 5.33 44.00
C ILE E 226 9.54 4.47 45.22
N THR E 227 9.36 5.05 46.41
CA THR E 227 9.68 4.36 47.65
C THR E 227 8.43 3.90 48.39
N PHE E 228 8.57 2.82 49.14
CA PHE E 228 7.49 2.29 49.96
C PHE E 228 7.97 2.08 51.40
N PRO E 229 7.14 2.48 52.37
CA PRO E 229 7.47 2.34 53.80
C PRO E 229 7.60 0.88 54.25
N ASP E 230 7.09 -0.05 53.46
CA ASP E 230 7.08 -1.46 53.84
C ASP E 230 7.99 -2.33 52.97
N GLY E 231 8.98 -1.71 52.33
CA GLY E 231 9.96 -2.44 51.56
C GLY E 231 9.69 -2.52 50.07
N LEU E 232 10.63 -3.08 49.33
CA LEU E 232 10.52 -3.19 47.88
C LEU E 232 9.94 -4.54 47.45
N LYS E 233 9.87 -5.48 48.39
CA LYS E 233 9.31 -6.80 48.12
C LYS E 233 7.82 -6.67 47.78
N ARG E 234 7.13 -5.78 48.49
CA ARG E 234 5.73 -5.52 48.23
C ARG E 234 5.57 -4.42 47.18
N GLY E 235 6.69 -3.78 46.84
CA GLY E 235 6.69 -2.72 45.84
C GLY E 235 6.38 -3.26 44.46
N PHE E 236 6.93 -4.43 44.13
CA PHE E 236 6.69 -5.06 42.84
C PHE E 236 5.19 -5.30 42.63
N ALA E 237 4.54 -5.88 43.63
CA ALA E 237 3.11 -6.17 43.56
C ALA E 237 2.28 -4.89 43.49
N ALA E 238 2.74 -3.85 44.18
CA ALA E 238 2.02 -2.59 44.24
C ALA E 238 2.07 -1.85 42.90
N LEU E 239 3.22 -1.94 42.22
CA LEU E 239 3.40 -1.26 40.95
C LEU E 239 2.62 -1.94 39.84
N MET E 240 2.59 -3.27 39.87
CA MET E 240 1.85 -4.05 38.87
C MET E 240 0.34 -3.91 39.06
N SER E 241 -0.07 -3.47 40.23
CA SER E 241 -1.48 -3.20 40.51
C SER E 241 -1.98 -2.05 39.63
N ALA E 242 -1.09 -1.09 39.39
CA ALA E 242 -1.41 0.03 38.53
C ALA E 242 -1.55 -0.40 37.08
N TYR E 243 -0.91 -1.53 36.75
CA TYR E 243 -0.96 -2.05 35.39
C TYR E 243 -2.28 -2.75 35.10
N ASN E 244 -3.07 -3.01 36.14
CA ASN E 244 -4.40 -3.58 35.96
C ASN E 244 -5.31 -2.57 35.28
N ALA E 245 -5.00 -1.30 35.45
CA ALA E 245 -5.75 -0.23 34.79
C ALA E 245 -5.29 -0.08 33.34
N GLN E 246 -4.00 -0.38 33.11
CA GLN E 246 -3.43 -0.35 31.77
C GLN E 246 -4.10 -1.42 30.90
N ARG E 247 -4.31 -2.60 31.47
CA ARG E 247 -4.93 -3.70 30.76
C ARG E 247 -6.37 -3.39 30.37
N VAL E 248 -7.10 -2.74 31.26
CA VAL E 248 -8.48 -2.35 30.96
C VAL E 248 -8.48 -1.32 29.85
N GLY E 249 -7.54 -0.39 29.91
CA GLY E 249 -7.40 0.63 28.88
C GLY E 249 -7.01 0.03 27.55
N ALA E 250 -6.07 -0.90 27.57
CA ALA E 250 -5.62 -1.59 26.36
C ALA E 250 -6.75 -2.40 25.76
N GLY E 251 -7.57 -2.99 26.61
CA GLY E 251 -8.73 -3.75 26.16
C GLY E 251 -9.76 -2.85 25.51
N ALA E 252 -9.79 -1.59 25.94
CA ALA E 252 -10.72 -0.61 25.37
C ALA E 252 -10.27 -0.19 23.97
N VAL E 253 -8.96 -0.25 23.74
CA VAL E 253 -8.44 0.07 22.41
C VAL E 253 -8.83 -1.03 21.42
N ALA E 254 -8.65 -2.27 21.85
CA ALA E 254 -9.06 -3.42 21.05
C ALA E 254 -10.54 -3.34 20.72
N LEU E 255 -11.34 -2.95 21.71
CA LEU E 255 -12.78 -2.82 21.53
C LEU E 255 -13.12 -1.71 20.55
N GLY E 256 -12.42 -0.59 20.66
CA GLY E 256 -12.62 0.54 19.77
C GLY E 256 -12.30 0.20 18.33
N ILE E 257 -11.18 -0.48 18.12
CA ILE E 257 -10.80 -0.97 16.81
C ILE E 257 -11.89 -1.89 16.24
N ALA E 258 -12.34 -2.82 17.07
CA ALA E 258 -13.37 -3.77 16.67
C ALA E 258 -14.69 -3.07 16.35
N GLN E 259 -15.07 -2.15 17.22
CA GLN E 259 -16.31 -1.39 17.05
C GLN E 259 -16.30 -0.60 15.76
N CYS E 260 -15.16 -0.03 15.42
CA CYS E 260 -15.00 0.74 14.20
C CYS E 260 -15.15 -0.15 12.97
N ALA E 261 -14.43 -1.27 12.96
CA ALA E 261 -14.52 -2.25 11.89
C ALA E 261 -15.96 -2.77 11.77
N PHE E 262 -16.60 -2.98 12.92
CA PHE E 262 -17.98 -3.43 12.97
C PHE E 262 -18.91 -2.45 12.26
N GLU E 263 -18.82 -1.17 12.63
CA GLU E 263 -19.67 -0.14 12.05
C GLU E 263 -19.43 0.00 10.54
N GLU E 264 -18.17 -0.06 10.13
CA GLU E 264 -17.81 0.04 8.73
C GLU E 264 -18.34 -1.14 7.93
N GLY E 265 -18.25 -2.34 8.51
CA GLY E 265 -18.75 -3.53 7.86
C GLY E 265 -20.26 -3.54 7.72
N VAL E 266 -20.94 -3.11 8.77
CA VAL E 266 -22.41 -3.05 8.75
C VAL E 266 -22.90 -2.09 7.69
N ALA E 267 -22.26 -0.93 7.60
CA ALA E 267 -22.62 0.08 6.61
C ALA E 267 -22.38 -0.43 5.19
N TYR E 268 -21.29 -1.17 5.00
CA TYR E 268 -20.95 -1.70 3.68
C TYR E 268 -21.97 -2.73 3.23
N LEU E 269 -22.44 -3.56 4.15
CA LEU E 269 -23.43 -4.59 3.83
C LEU E 269 -24.74 -3.98 3.33
N LYS E 270 -25.03 -2.77 3.75
CA LYS E 270 -26.28 -2.12 3.40
C LYS E 270 -26.21 -1.34 2.08
N ARG E 271 -25.01 -0.97 1.65
CA ARG E 271 -24.89 -0.24 0.39
C ARG E 271 -24.36 -1.12 -0.74
N ARG E 272 -23.50 -2.08 -0.42
CA ARG E 272 -22.98 -3.00 -1.42
C ARG E 272 -24.07 -3.97 -1.86
N GLU E 273 -24.20 -4.15 -3.17
CA GLU E 273 -25.26 -5.02 -3.70
C GLU E 273 -24.73 -6.12 -4.60
N GLN E 274 -25.22 -7.33 -4.34
CA GLN E 274 -24.96 -8.47 -5.22
C GLN E 274 -26.27 -9.24 -5.38
N PHE E 275 -26.44 -9.84 -6.54
CA PHE E 275 -27.67 -10.58 -6.88
C PHE E 275 -28.89 -9.67 -6.81
N GLY E 276 -28.68 -8.38 -7.11
CA GLY E 276 -29.76 -7.42 -7.21
C GLY E 276 -30.29 -6.86 -5.90
N ARG E 277 -29.52 -7.02 -4.82
CA ARG E 277 -29.95 -6.53 -3.53
C ARG E 277 -28.78 -6.32 -2.57
N PRO E 278 -28.99 -5.51 -1.51
CA PRO E 278 -27.96 -5.32 -0.48
C PRO E 278 -27.56 -6.63 0.19
N LEU E 279 -26.29 -6.74 0.56
CA LEU E 279 -25.77 -7.93 1.22
C LEU E 279 -26.45 -8.15 2.57
N ALA E 280 -26.97 -7.08 3.14
CA ALA E 280 -27.62 -7.13 4.45
C ALA E 280 -28.88 -7.98 4.45
N GLU E 281 -29.38 -8.31 3.26
CA GLU E 281 -30.59 -9.11 3.16
C GLU E 281 -30.29 -10.61 3.21
N PHE E 282 -29.00 -10.96 3.24
CA PHE E 282 -28.60 -12.36 3.33
C PHE E 282 -28.47 -12.80 4.79
N GLN E 283 -29.19 -13.85 5.15
CA GLN E 283 -29.30 -14.27 6.55
C GLN E 283 -27.98 -14.69 7.16
N GLY E 284 -27.16 -15.39 6.38
CA GLY E 284 -25.85 -15.81 6.86
C GLY E 284 -24.98 -14.65 7.30
N LEU E 285 -25.04 -13.55 6.57
CA LEU E 285 -24.31 -12.34 6.93
C LEU E 285 -24.98 -11.63 8.11
N GLN E 286 -26.30 -11.72 8.18
CA GLN E 286 -27.04 -11.12 9.29
C GLN E 286 -26.64 -11.76 10.61
N TRP E 287 -26.52 -13.08 10.62
CA TRP E 287 -26.15 -13.80 11.83
C TRP E 287 -24.70 -13.52 12.22
N MET E 288 -23.84 -13.33 11.23
CA MET E 288 -22.47 -12.90 11.49
C MET E 288 -22.49 -11.54 12.19
N VAL E 289 -23.33 -10.64 11.69
CA VAL E 289 -23.50 -9.33 12.31
C VAL E 289 -24.00 -9.46 13.75
N ALA E 290 -25.02 -10.29 13.95
CA ALA E 290 -25.60 -10.51 15.27
C ALA E 290 -24.55 -11.02 16.24
N ASP E 291 -23.74 -11.98 15.80
CA ASP E 291 -22.71 -12.56 16.64
C ASP E 291 -21.67 -11.54 17.04
N MET E 292 -21.29 -10.66 16.12
CA MET E 292 -20.32 -9.61 16.41
C MET E 292 -20.92 -8.61 17.40
N SER E 293 -22.17 -8.22 17.16
CA SER E 293 -22.89 -7.33 18.05
C SER E 293 -22.95 -7.85 19.49
N VAL E 294 -23.25 -9.14 19.64
CA VAL E 294 -23.34 -9.76 20.96
C VAL E 294 -22.01 -9.76 21.70
N GLN E 295 -20.94 -10.11 20.98
CA GLN E 295 -19.62 -10.19 21.60
C GLN E 295 -19.09 -8.80 21.95
N LEU E 296 -19.47 -7.79 21.17
CA LEU E 296 -19.03 -6.42 21.42
C LEU E 296 -19.68 -5.87 22.70
N GLU E 297 -20.98 -6.09 22.86
CA GLU E 297 -21.69 -5.65 24.05
C GLU E 297 -21.12 -6.30 25.31
N ALA E 298 -20.83 -7.58 25.22
CA ALA E 298 -20.24 -8.30 26.34
C ALA E 298 -18.84 -7.77 26.65
N ALA E 299 -18.07 -7.50 25.61
CA ALA E 299 -16.72 -6.97 25.79
C ALA E 299 -16.75 -5.60 26.48
N ARG E 300 -17.65 -4.74 26.04
CA ARG E 300 -17.79 -3.42 26.64
C ARG E 300 -18.22 -3.52 28.10
N LEU E 301 -19.18 -4.41 28.38
CA LEU E 301 -19.65 -4.61 29.74
C LEU E 301 -18.54 -5.17 30.62
N MET E 302 -17.71 -6.05 30.07
CA MET E 302 -16.61 -6.63 30.81
C MET E 302 -15.57 -5.57 31.17
N LEU E 303 -15.26 -4.70 30.23
CA LEU E 303 -14.27 -3.65 30.44
C LEU E 303 -14.76 -2.62 31.45
N ARG E 304 -15.97 -2.11 31.24
CA ARG E 304 -16.52 -1.08 32.12
C ARG E 304 -16.70 -1.59 33.54
N SER E 305 -17.11 -2.84 33.67
CA SER E 305 -17.25 -3.49 34.98
C SER E 305 -15.91 -3.59 35.68
N ALA E 306 -14.87 -3.93 34.92
CA ALA E 306 -13.53 -4.03 35.47
C ALA E 306 -13.00 -2.66 35.87
N ALA E 307 -13.40 -1.64 35.12
CA ALA E 307 -12.90 -0.29 35.34
C ALA E 307 -13.38 0.29 36.67
N VAL E 308 -14.51 -0.20 37.16
CA VAL E 308 -15.07 0.29 38.41
C VAL E 308 -14.84 -0.67 39.57
N SER E 309 -14.03 -1.70 39.33
CA SER E 309 -13.71 -2.68 40.35
C SER E 309 -12.47 -2.25 41.14
N GLY E 310 -12.18 -3.00 42.21
CA GLY E 310 -11.01 -2.73 43.03
C GLY E 310 -11.09 -1.42 43.79
N GLU E 311 -9.96 -0.98 44.32
CA GLU E 311 -9.90 0.27 45.08
C GLU E 311 -9.38 1.41 44.21
N THR E 312 -8.07 1.64 44.25
CA THR E 312 -7.44 2.67 43.42
C THR E 312 -7.40 2.21 41.97
N PHE E 313 -7.01 0.94 41.78
CA PHE E 313 -6.93 0.35 40.45
C PHE E 313 -7.93 -0.78 40.31
N PRO E 314 -8.35 -1.08 39.07
CA PRO E 314 -9.22 -2.23 38.77
C PRO E 314 -8.72 -3.53 39.38
N ASP E 315 -9.65 -4.41 39.76
CA ASP E 315 -9.30 -5.70 40.33
C ASP E 315 -8.46 -6.50 39.35
N ILE E 316 -7.42 -7.15 39.87
CA ILE E 316 -6.45 -7.88 39.06
C ILE E 316 -7.10 -8.98 38.21
N ASN E 317 -8.16 -9.60 38.73
CA ASN E 317 -8.79 -10.71 38.03
C ASN E 317 -9.90 -10.25 37.09
N LYS E 318 -10.64 -9.22 37.48
CA LYS E 318 -11.68 -8.67 36.62
C LYS E 318 -11.05 -7.94 35.43
N ALA E 319 -9.86 -7.39 35.63
CA ALA E 319 -9.13 -6.74 34.55
C ALA E 319 -8.57 -7.77 33.59
N ALA E 320 -8.05 -8.87 34.15
CA ALA E 320 -7.52 -9.95 33.35
C ALA E 320 -8.61 -10.59 32.49
N GLN E 321 -9.78 -10.81 33.09
CA GLN E 321 -10.91 -11.39 32.37
C GLN E 321 -11.39 -10.49 31.24
N ALA E 322 -11.51 -9.20 31.54
CA ALA E 322 -11.98 -8.23 30.55
C ALA E 322 -10.98 -8.10 29.41
N LYS E 323 -9.69 -8.17 29.74
CA LYS E 323 -8.64 -8.06 28.74
C LYS E 323 -8.62 -9.29 27.83
N ILE E 324 -8.80 -10.46 28.43
CA ILE E 324 -8.90 -11.70 27.65
C ILE E 324 -10.06 -11.63 26.68
N PHE E 325 -11.21 -11.19 27.17
CA PHE E 325 -12.41 -11.15 26.36
C PHE E 325 -12.35 -10.10 25.26
N ALA E 326 -11.96 -8.87 25.63
CA ALA E 326 -11.94 -7.76 24.67
C ALA E 326 -10.96 -8.01 23.52
N ALA E 327 -9.76 -8.47 23.85
CA ALA E 327 -8.73 -8.71 22.86
C ALA E 327 -9.13 -9.79 21.86
N GLU E 328 -9.63 -10.91 22.36
CA GLU E 328 -10.01 -12.02 21.50
C GLU E 328 -11.26 -11.70 20.69
N THR E 329 -12.14 -10.88 21.26
CA THR E 329 -13.28 -10.38 20.53
C THR E 329 -12.84 -9.51 19.37
N ALA E 330 -11.81 -8.69 19.61
CA ALA E 330 -11.31 -7.77 18.60
C ALA E 330 -10.75 -8.50 17.38
N ASN E 331 -10.00 -9.57 17.62
CA ASN E 331 -9.39 -10.32 16.54
C ASN E 331 -10.43 -10.97 15.62
N LYS E 332 -11.50 -11.48 16.20
CA LYS E 332 -12.55 -12.14 15.42
C LYS E 332 -13.42 -11.12 14.68
N VAL E 333 -13.80 -10.05 15.38
CA VAL E 333 -14.67 -9.04 14.79
C VAL E 333 -14.02 -8.34 13.60
N THR E 334 -12.76 -7.93 13.75
CA THR E 334 -12.06 -7.25 12.67
C THR E 334 -11.91 -8.16 11.45
N ASN E 335 -11.63 -9.44 11.68
CA ASN E 335 -11.50 -10.39 10.59
C ASN E 335 -12.83 -10.63 9.86
N ASP E 336 -13.91 -10.75 10.63
CA ASP E 336 -15.23 -10.97 10.04
C ASP E 336 -15.74 -9.73 9.32
N ALA E 337 -15.46 -8.56 9.89
CA ALA E 337 -15.85 -7.30 9.27
C ALA E 337 -15.10 -7.11 7.95
N LEU E 338 -13.86 -7.58 7.91
CA LEU E 338 -13.06 -7.56 6.69
C LEU E 338 -13.73 -8.43 5.62
N GLN E 339 -14.24 -9.58 6.05
CA GLN E 339 -14.86 -10.53 5.14
C GLN E 339 -16.07 -9.94 4.43
N PHE E 340 -16.78 -9.04 5.12
CA PHE E 340 -17.93 -8.36 4.53
C PHE E 340 -17.56 -7.55 3.29
N PHE E 341 -16.35 -7.02 3.28
CA PHE E 341 -15.89 -6.21 2.16
C PHE E 341 -15.44 -7.07 0.98
N GLY E 342 -15.21 -8.34 1.23
CA GLY E 342 -14.74 -9.25 0.19
C GLY E 342 -13.33 -8.91 -0.24
N SER E 343 -13.12 -8.84 -1.55
CA SER E 343 -11.78 -8.55 -2.10
C SER E 343 -11.28 -7.18 -1.65
N SER E 344 -12.17 -6.21 -1.59
CA SER E 344 -11.82 -4.85 -1.17
C SER E 344 -11.27 -4.82 0.26
N GLY E 345 -11.71 -5.76 1.09
CA GLY E 345 -11.24 -5.84 2.46
C GLY E 345 -9.78 -6.25 2.55
N TYR E 346 -9.26 -6.83 1.47
CA TYR E 346 -7.89 -7.29 1.44
C TYR E 346 -6.96 -6.21 0.89
N GLY E 347 -7.54 -5.15 0.34
CA GLY E 347 -6.77 -4.05 -0.21
C GLY E 347 -6.38 -3.03 0.84
N ARG E 348 -5.16 -2.52 0.76
CA ARG E 348 -4.67 -1.57 1.75
C ARG E 348 -5.27 -0.17 1.54
N HIS E 349 -5.99 0.01 0.43
CA HIS E 349 -6.70 1.27 0.18
C HIS E 349 -7.97 1.34 1.01
N ASN E 350 -8.29 0.24 1.70
CA ASN E 350 -9.38 0.21 2.67
C ASN E 350 -8.81 -0.06 4.06
N PRO E 351 -9.50 0.42 5.11
CA PRO E 351 -8.93 0.35 6.46
C PRO E 351 -9.13 -1.00 7.14
N MET E 352 -9.84 -1.92 6.48
CA MET E 352 -10.22 -3.18 7.10
C MET E 352 -9.03 -4.07 7.44
N GLU E 353 -8.08 -4.19 6.52
CA GLU E 353 -6.91 -5.03 6.76
C GLU E 353 -6.04 -4.44 7.87
N ARG E 354 -6.10 -3.12 8.04
CA ARG E 354 -5.36 -2.44 9.10
C ARG E 354 -5.97 -2.76 10.47
N HIS E 355 -7.30 -2.82 10.53
CA HIS E 355 -8.00 -3.16 11.76
C HIS E 355 -7.53 -4.51 12.30
N VAL E 356 -7.35 -5.48 11.42
CA VAL E 356 -6.88 -6.80 11.82
C VAL E 356 -5.45 -6.73 12.35
N ARG E 357 -4.60 -6.00 11.63
CA ARG E 357 -3.21 -5.84 12.05
C ARG E 357 -3.12 -5.12 13.39
N ASP E 358 -3.92 -4.07 13.56
CA ASP E 358 -3.89 -3.27 14.78
C ASP E 358 -4.36 -4.04 16.01
N ALA E 359 -5.43 -4.81 15.85
CA ALA E 359 -6.05 -5.51 16.98
C ALA E 359 -5.22 -6.70 17.46
N ARG E 360 -4.37 -7.23 16.58
CA ARG E 360 -3.65 -8.47 16.85
C ARG E 360 -2.68 -8.39 18.04
N MET E 361 -2.24 -7.18 18.38
CA MET E 361 -1.24 -7.02 19.46
C MET E 361 -1.81 -7.21 20.87
N PHE E 362 -3.12 -7.09 21.01
CA PHE E 362 -3.71 -6.96 22.33
C PHE E 362 -3.91 -8.30 23.06
N THR E 363 -3.58 -9.40 22.38
CA THR E 363 -3.54 -10.70 23.03
C THR E 363 -2.11 -11.01 23.45
N ILE E 364 -1.22 -10.04 23.27
CA ILE E 364 0.20 -10.22 23.55
C ILE E 364 0.76 -9.15 24.48
N ALA E 365 0.62 -7.88 24.08
CA ALA E 365 1.20 -6.77 24.83
C ALA E 365 0.51 -6.56 26.17
N GLY E 366 1.30 -6.33 27.21
CA GLY E 366 0.78 -6.11 28.55
C GLY E 366 0.33 -7.39 29.22
N GLY E 367 1.04 -8.48 28.95
CA GLY E 367 0.66 -9.78 29.45
C GLY E 367 -0.22 -10.51 28.45
N THR E 368 0.28 -11.63 27.93
CA THR E 368 -0.43 -12.39 26.91
C THR E 368 -1.72 -13.01 27.45
N ALA E 369 -2.60 -13.40 26.54
CA ALA E 369 -3.88 -14.00 26.92
C ALA E 369 -3.67 -15.30 27.70
N GLN E 370 -2.55 -15.97 27.41
CA GLN E 370 -2.20 -17.21 28.11
C GLN E 370 -1.82 -16.93 29.55
N ILE E 371 -1.02 -15.88 29.75
CA ILE E 371 -0.57 -15.50 31.08
C ILE E 371 -1.75 -14.99 31.90
N LEU E 372 -2.68 -14.31 31.25
CA LEU E 372 -3.87 -13.80 31.91
C LEU E 372 -4.79 -14.94 32.36
N ARG E 373 -4.85 -15.99 31.55
CA ARG E 373 -5.67 -17.16 31.88
C ARG E 373 -5.16 -17.85 33.14
N THR E 374 -3.84 -17.94 33.26
CA THR E 374 -3.20 -18.51 34.44
C THR E 374 -3.52 -17.66 35.67
N GLN E 375 -3.52 -16.34 35.47
CA GLN E 375 -3.85 -15.40 36.53
C GLN E 375 -5.28 -15.59 37.04
N VAL E 376 -6.21 -15.71 36.10
CA VAL E 376 -7.62 -15.91 36.44
C VAL E 376 -7.82 -17.26 37.13
N ALA E 377 -7.16 -18.29 36.61
CA ALA E 377 -7.25 -19.62 37.16
C ALA E 377 -6.72 -19.69 38.60
N SER E 378 -5.72 -18.86 38.90
CA SER E 378 -5.15 -18.82 40.25
C SER E 378 -6.15 -18.27 41.25
N LYS E 379 -7.03 -17.40 40.77
CA LYS E 379 -8.08 -16.82 41.62
C LYS E 379 -9.21 -17.82 41.88
N ILE E 380 -9.70 -18.43 40.80
CA ILE E 380 -10.81 -19.38 40.90
C ILE E 380 -10.41 -20.61 41.71
N LEU E 381 -9.24 -21.15 41.43
CA LEU E 381 -8.72 -22.31 42.16
C LEU E 381 -8.18 -21.92 43.53
N ASP E 382 -8.06 -20.61 43.75
CA ASP E 382 -7.57 -20.06 45.03
C ASP E 382 -6.23 -20.69 45.42
N MET E 383 -5.24 -20.54 44.55
CA MET E 383 -3.92 -21.11 44.79
C MET E 383 -2.89 -20.46 43.87
N LYS E 384 -1.64 -20.43 44.33
CA LYS E 384 -0.55 -19.94 43.49
C LYS E 384 -0.29 -20.94 42.37
N LEU E 385 0.06 -20.43 41.20
CA LEU E 385 0.35 -21.29 40.06
C LEU E 385 1.77 -21.03 39.54
N PRO E 386 2.76 -21.63 40.21
CA PRO E 386 4.16 -21.49 39.80
C PRO E 386 4.43 -22.18 38.47
N GLN E 387 5.15 -21.50 37.58
CA GLN E 387 5.41 -22.04 36.25
C GLN E 387 6.75 -22.78 36.21
N THR E 388 7.55 -22.62 37.25
CA THR E 388 8.87 -23.23 37.32
C THR E 388 8.78 -24.74 37.41
N ARG E 389 9.92 -25.41 37.19
CA ARG E 389 9.97 -26.87 37.20
C ARG E 389 9.87 -27.45 38.60
N ASP E 390 10.02 -26.61 39.62
CA ASP E 390 10.07 -27.09 41.00
C ASP E 390 9.09 -26.37 41.91
N GLY E 391 8.08 -25.74 41.34
CA GLY E 391 7.11 -25.00 42.12
C GLY E 391 5.93 -25.84 42.58
N TYR E 392 5.84 -27.06 42.05
CA TYR E 392 4.72 -27.96 42.31
C TYR E 392 3.38 -27.32 41.92
N TYR F 2 -7.90 -42.52 -2.30
CA TYR F 2 -8.56 -41.94 -1.13
C TYR F 2 -10.03 -42.35 -1.06
N GLU F 3 -10.36 -43.48 -1.68
CA GLU F 3 -11.73 -43.98 -1.68
C GLU F 3 -11.76 -45.49 -1.43
N LEU F 4 -12.96 -46.02 -1.18
CA LEU F 4 -13.11 -47.43 -0.86
C LEU F 4 -12.97 -48.31 -2.10
N THR F 5 -12.36 -49.48 -1.92
CA THR F 5 -12.23 -50.46 -2.98
C THR F 5 -13.59 -51.11 -3.24
N PRO F 6 -13.78 -51.69 -4.44
CA PRO F 6 -15.02 -52.42 -4.76
C PRO F 6 -15.36 -53.50 -3.74
N GLU F 7 -14.34 -54.09 -3.12
CA GLU F 7 -14.55 -55.10 -2.08
C GLU F 7 -15.04 -54.45 -0.79
N GLN F 8 -14.54 -53.25 -0.51
CA GLN F 8 -14.87 -52.53 0.71
C GLN F 8 -16.27 -51.93 0.65
N ARG F 9 -16.72 -51.56 -0.55
CA ARG F 9 -18.07 -51.04 -0.72
C ARG F 9 -19.09 -52.16 -0.56
N THR F 10 -18.73 -53.36 -1.01
CA THR F 10 -19.58 -54.53 -0.84
C THR F 10 -19.72 -54.86 0.64
N LEU F 11 -18.59 -54.83 1.35
CA LEU F 11 -18.59 -55.05 2.80
C LEU F 11 -19.39 -53.98 3.52
N GLN F 12 -19.31 -52.75 3.00
CA GLN F 12 -20.05 -51.61 3.56
C GLN F 12 -21.54 -51.79 3.38
N THR F 13 -21.95 -52.22 2.19
CA THR F 13 -23.35 -52.43 1.88
C THR F 13 -23.94 -53.54 2.77
N GLN F 14 -23.18 -54.61 2.94
CA GLN F 14 -23.60 -55.72 3.80
C GLN F 14 -23.79 -55.27 5.25
N ALA F 15 -22.91 -54.40 5.71
CA ALA F 15 -23.00 -53.87 7.07
C ALA F 15 -24.18 -52.93 7.22
N ARG F 16 -24.42 -52.13 6.18
CA ARG F 16 -25.52 -51.17 6.20
C ARG F 16 -26.87 -51.86 6.16
N GLU F 17 -27.00 -52.88 5.30
CA GLU F 17 -28.24 -53.62 5.18
C GLU F 17 -28.64 -54.27 6.50
N LEU F 18 -27.67 -54.83 7.22
CA LEU F 18 -27.94 -55.43 8.51
C LEU F 18 -28.36 -54.39 9.53
N ALA F 19 -27.60 -53.29 9.59
CA ALA F 19 -27.86 -52.23 10.55
C ALA F 19 -29.21 -51.56 10.33
N GLN F 20 -29.59 -51.39 9.07
CA GLN F 20 -30.84 -50.69 8.74
C GLN F 20 -32.08 -51.58 8.82
N SER F 21 -31.92 -52.86 8.51
CA SER F 21 -33.07 -53.75 8.47
C SER F 21 -33.36 -54.39 9.82
N VAL F 22 -32.35 -54.46 10.68
CA VAL F 22 -32.49 -55.15 11.96
C VAL F 22 -32.21 -54.24 13.16
N PHE F 23 -31.09 -53.54 13.14
CA PHE F 23 -30.61 -52.82 14.30
C PHE F 23 -31.28 -51.46 14.52
N ALA F 24 -31.65 -50.78 13.44
CA ALA F 24 -32.18 -49.42 13.52
C ALA F 24 -33.49 -49.33 14.32
N SER F 25 -34.36 -50.32 14.16
CA SER F 25 -35.67 -50.30 14.81
C SER F 25 -35.60 -50.67 16.29
N THR F 26 -34.40 -51.01 16.76
CA THR F 26 -34.22 -51.43 18.16
C THR F 26 -33.46 -50.40 18.99
N ALA F 27 -32.96 -49.36 18.32
CA ALA F 27 -32.12 -48.35 18.97
C ALA F 27 -32.84 -47.63 20.09
N VAL F 28 -34.07 -47.21 19.84
CA VAL F 28 -34.86 -46.47 20.83
C VAL F 28 -35.13 -47.34 22.05
N GLN F 29 -35.57 -48.56 21.82
CA GLN F 29 -35.91 -49.48 22.91
C GLN F 29 -34.66 -49.83 23.73
N THR F 30 -33.54 -50.06 23.04
CA THR F 30 -32.28 -50.37 23.69
C THR F 30 -31.85 -49.28 24.67
N ASP F 31 -32.04 -48.02 24.25
CA ASP F 31 -31.70 -46.88 25.10
C ASP F 31 -32.65 -46.78 26.29
N LEU F 32 -33.92 -47.12 26.07
CA LEU F 32 -34.92 -47.08 27.13
C LEU F 32 -34.69 -48.14 28.20
N THR F 33 -34.59 -49.39 27.78
CA THR F 33 -34.47 -50.51 28.72
C THR F 33 -33.09 -50.60 29.35
N GLU F 34 -32.09 -50.04 28.66
CA GLU F 34 -30.69 -50.12 29.07
C GLU F 34 -30.25 -51.58 29.22
N GLN F 35 -30.74 -52.43 28.35
CA GLN F 35 -30.44 -53.86 28.42
C GLN F 35 -29.59 -54.32 27.23
N TYR F 36 -28.63 -55.19 27.53
CA TYR F 36 -27.75 -55.76 26.52
C TYR F 36 -28.55 -56.59 25.51
N PRO F 37 -28.66 -56.10 24.27
CA PRO F 37 -29.48 -56.73 23.23
C PRO F 37 -28.88 -58.01 22.67
N TRP F 38 -29.14 -59.14 23.31
CA TRP F 38 -28.56 -60.42 22.92
C TRP F 38 -28.96 -60.84 21.50
N ASP F 39 -30.22 -60.59 21.14
CA ASP F 39 -30.71 -60.99 19.83
C ASP F 39 -29.99 -60.26 18.70
N ASN F 40 -29.63 -59.01 18.94
CA ASN F 40 -28.86 -58.24 17.98
C ASN F 40 -27.44 -58.75 17.85
N VAL F 41 -26.85 -59.13 18.98
CA VAL F 41 -25.49 -59.67 19.01
C VAL F 41 -25.39 -60.96 18.21
N ALA F 42 -26.40 -61.82 18.35
CA ALA F 42 -26.46 -63.08 17.61
C ALA F 42 -26.48 -62.84 16.11
N GLN F 43 -27.27 -61.86 15.68
CA GLN F 43 -27.34 -61.50 14.26
C GLN F 43 -26.03 -60.90 13.79
N LEU F 44 -25.40 -60.11 14.66
CA LEU F 44 -24.10 -59.51 14.37
C LEU F 44 -23.06 -60.60 14.15
N ARG F 45 -23.15 -61.66 14.96
CA ARG F 45 -22.25 -62.80 14.83
C ARG F 45 -22.50 -63.58 13.55
N ASP F 46 -23.75 -63.93 13.30
CA ASP F 46 -24.13 -64.75 12.15
C ASP F 46 -23.90 -64.01 10.83
N ALA F 47 -23.70 -62.71 10.89
CA ALA F 47 -23.41 -61.92 9.70
C ALA F 47 -21.91 -61.79 9.49
N GLY F 48 -21.14 -62.34 10.43
CA GLY F 48 -19.69 -62.34 10.32
C GLY F 48 -19.06 -60.99 10.60
N PHE F 49 -19.63 -60.26 11.55
CA PHE F 49 -19.11 -58.93 11.90
C PHE F 49 -18.47 -58.93 13.27
N MET F 50 -18.11 -60.11 13.76
CA MET F 50 -17.42 -60.24 15.04
C MET F 50 -16.14 -61.02 14.87
N GLY F 51 -15.04 -60.49 15.41
CA GLY F 51 -13.73 -61.10 15.25
C GLY F 51 -13.30 -61.14 13.80
N MET F 52 -13.49 -60.02 13.11
CA MET F 52 -13.22 -59.94 11.68
C MET F 52 -11.72 -59.96 11.36
N MET F 53 -10.91 -59.47 12.29
CA MET F 53 -9.46 -59.37 12.06
C MET F 53 -8.72 -60.64 12.50
N LEU F 54 -9.45 -61.59 13.07
CA LEU F 54 -8.86 -62.88 13.41
C LEU F 54 -8.42 -63.59 12.14
N PRO F 55 -7.32 -64.35 12.21
CA PRO F 55 -6.85 -65.13 11.05
C PRO F 55 -7.87 -66.16 10.61
N THR F 56 -7.84 -66.52 9.33
CA THR F 56 -8.78 -67.52 8.79
C THR F 56 -8.52 -68.90 9.38
N SER F 57 -7.30 -69.10 9.89
CA SER F 57 -6.91 -70.38 10.47
C SER F 57 -7.69 -70.69 11.74
N VAL F 58 -8.15 -69.64 12.43
CA VAL F 58 -8.90 -69.83 13.66
C VAL F 58 -10.37 -69.48 13.49
N GLY F 59 -10.79 -69.32 12.23
CA GLY F 59 -12.18 -69.07 11.92
C GLY F 59 -12.51 -67.61 11.60
N GLY F 60 -11.50 -66.75 11.69
CA GLY F 60 -11.70 -65.34 11.41
C GLY F 60 -11.78 -65.06 9.93
N ARG F 61 -12.00 -63.80 9.57
CA ARG F 61 -12.09 -63.41 8.17
C ARG F 61 -10.80 -62.78 7.69
N GLY F 62 -9.91 -62.45 8.62
CA GLY F 62 -8.63 -61.86 8.30
C GLY F 62 -8.75 -60.49 7.65
N LEU F 63 -9.69 -59.69 8.12
CA LEU F 63 -9.93 -58.36 7.56
C LEU F 63 -9.03 -57.32 8.21
N SER F 64 -8.91 -56.17 7.56
CA SER F 64 -8.04 -55.09 8.02
C SER F 64 -8.73 -54.17 9.02
N THR F 65 -7.95 -53.26 9.61
CA THR F 65 -8.50 -52.29 10.55
C THR F 65 -9.46 -51.34 9.83
N LEU F 66 -9.10 -50.98 8.60
CA LEU F 66 -9.96 -50.13 7.78
C LEU F 66 -11.29 -50.82 7.49
N ASP F 67 -11.25 -52.13 7.28
CA ASP F 67 -12.45 -52.91 7.02
C ASP F 67 -13.42 -52.81 8.19
N THR F 68 -12.91 -52.96 9.41
CA THR F 68 -13.73 -52.89 10.61
C THR F 68 -14.34 -51.50 10.78
N VAL F 69 -13.51 -50.47 10.61
CA VAL F 69 -13.95 -49.09 10.73
C VAL F 69 -15.14 -48.80 9.80
N ILE F 70 -15.06 -49.31 8.58
CA ILE F 70 -16.16 -49.20 7.63
C ILE F 70 -17.44 -49.84 8.18
N VAL F 71 -17.29 -51.03 8.77
CA VAL F 71 -18.43 -51.76 9.32
C VAL F 71 -18.96 -51.10 10.58
N ILE F 72 -18.05 -50.68 11.45
CA ILE F 72 -18.41 -50.06 12.73
C ILE F 72 -19.29 -48.83 12.55
N GLU F 73 -18.93 -47.97 11.60
CA GLU F 73 -19.67 -46.73 11.37
C GLU F 73 -21.11 -47.00 10.94
N GLU F 74 -21.30 -48.04 10.14
CA GLU F 74 -22.64 -48.38 9.66
C GLU F 74 -23.52 -48.88 10.80
N MET F 75 -22.92 -49.61 11.73
CA MET F 75 -23.64 -50.11 12.90
C MET F 75 -24.01 -48.95 13.83
N ALA F 76 -23.07 -48.01 13.99
CA ALA F 76 -23.28 -46.85 14.86
C ALA F 76 -24.38 -45.95 14.31
N LYS F 77 -24.50 -45.90 12.98
CA LYS F 77 -25.52 -45.08 12.33
C LYS F 77 -26.92 -45.58 12.63
N ALA F 78 -27.01 -46.85 13.04
CA ALA F 78 -28.30 -47.43 13.40
C ALA F 78 -28.49 -47.46 14.91
N CYS F 79 -27.42 -47.82 15.63
CA CYS F 79 -27.48 -47.92 17.09
C CYS F 79 -26.09 -47.80 17.68
N ALA F 80 -25.92 -46.86 18.61
CA ALA F 80 -24.62 -46.60 19.22
C ALA F 80 -24.14 -47.79 20.04
N THR F 81 -25.07 -48.50 20.65
CA THR F 81 -24.76 -49.71 21.40
C THR F 81 -24.18 -50.76 20.45
N MET F 82 -24.80 -50.91 19.29
CA MET F 82 -24.30 -51.84 18.26
C MET F 82 -22.92 -51.45 17.79
N GLY F 83 -22.67 -50.15 17.69
CA GLY F 83 -21.38 -49.65 17.27
C GLY F 83 -20.27 -50.05 18.23
N ARG F 84 -20.48 -49.79 19.51
CA ARG F 84 -19.49 -50.11 20.53
C ARG F 84 -19.24 -51.61 20.64
N ILE F 85 -20.31 -52.40 20.51
CA ILE F 85 -20.20 -53.86 20.54
C ILE F 85 -19.36 -54.35 19.37
N THR F 86 -19.58 -53.76 18.19
CA THR F 86 -18.79 -54.09 17.02
C THR F 86 -17.32 -53.75 17.22
N VAL F 87 -17.05 -52.68 17.96
CA VAL F 87 -15.68 -52.27 18.25
C VAL F 87 -14.96 -53.27 19.16
N ASP F 88 -15.56 -53.54 20.32
CA ASP F 88 -14.94 -54.41 21.32
C ASP F 88 -14.80 -55.85 20.83
N SER F 89 -15.64 -56.25 19.89
CA SER F 89 -15.60 -57.63 19.39
C SER F 89 -14.78 -57.73 18.10
N ASN F 90 -14.02 -56.68 17.81
CA ASN F 90 -13.14 -56.68 16.64
C ASN F 90 -11.81 -55.98 16.92
N LEU F 91 -11.81 -55.07 17.88
CA LEU F 91 -10.63 -54.28 18.20
C LEU F 91 -10.38 -54.26 19.70
N GLY F 92 -9.16 -53.89 20.09
CA GLY F 92 -8.81 -53.77 21.49
C GLY F 92 -8.20 -55.02 22.09
N ALA F 93 -8.94 -55.66 22.99
CA ALA F 93 -8.47 -56.87 23.66
C ALA F 93 -8.16 -57.99 22.66
N ILE F 94 -9.11 -58.26 21.78
CA ILE F 94 -8.96 -59.33 20.80
C ILE F 94 -7.81 -59.02 19.84
N GLY F 95 -7.50 -57.74 19.67
CA GLY F 95 -6.41 -57.32 18.82
C GLY F 95 -5.07 -57.63 19.47
N ALA F 96 -4.97 -57.38 20.78
CA ALA F 96 -3.75 -57.65 21.52
C ALA F 96 -3.49 -59.14 21.62
N ILE F 97 -4.55 -59.91 21.85
CA ILE F 97 -4.44 -61.36 21.95
C ILE F 97 -4.05 -61.97 20.61
N THR F 98 -4.59 -61.41 19.53
CA THR F 98 -4.29 -61.91 18.19
C THR F 98 -2.81 -61.73 17.84
N LYS F 99 -2.23 -60.63 18.32
CA LYS F 99 -0.86 -60.28 17.99
C LYS F 99 0.16 -60.92 18.94
N TYR F 100 -0.06 -60.75 20.25
CA TYR F 100 0.92 -61.16 21.24
C TYR F 100 0.57 -62.45 21.98
N GLY F 101 -0.58 -63.04 21.64
CA GLY F 101 -1.04 -64.22 22.33
C GLY F 101 -0.52 -65.53 21.76
N SER F 102 -0.51 -66.57 22.58
CA SER F 102 -0.07 -67.89 22.14
C SER F 102 -1.19 -68.59 21.38
N GLU F 103 -0.89 -69.78 20.85
CA GLU F 103 -1.86 -70.55 20.09
C GLU F 103 -3.09 -70.92 20.93
N GLU F 104 -2.84 -71.28 22.18
CA GLU F 104 -3.92 -71.63 23.10
C GLU F 104 -4.74 -70.40 23.47
N GLN F 105 -4.06 -69.28 23.68
CA GLN F 105 -4.71 -68.03 24.06
C GLN F 105 -5.57 -67.48 22.91
N ILE F 106 -5.06 -67.59 21.69
CA ILE F 106 -5.78 -67.13 20.52
C ILE F 106 -7.03 -67.96 20.27
N LYS F 107 -6.87 -69.29 20.31
CA LYS F 107 -7.99 -70.21 20.08
C LYS F 107 -9.11 -70.00 21.10
N LEU F 108 -8.75 -69.87 22.36
CA LEU F 108 -9.73 -69.62 23.43
C LEU F 108 -10.50 -68.33 23.17
N ALA F 109 -9.78 -67.28 22.78
CA ALA F 109 -10.38 -65.99 22.50
C ALA F 109 -11.22 -66.04 21.23
N ALA F 110 -10.67 -66.65 20.19
CA ALA F 110 -11.35 -66.73 18.90
C ALA F 110 -12.68 -67.48 19.01
N ASP F 111 -12.66 -68.61 19.71
CA ASP F 111 -13.86 -69.43 19.87
C ASP F 111 -14.97 -68.67 20.59
N LEU F 112 -14.60 -67.90 21.61
CA LEU F 112 -15.57 -67.12 22.36
C LEU F 112 -16.17 -66.00 21.52
N VAL F 113 -15.31 -65.22 20.86
CA VAL F 113 -15.75 -64.10 20.05
C VAL F 113 -16.62 -64.56 18.88
N LEU F 114 -16.18 -65.60 18.19
CA LEU F 114 -16.93 -66.14 17.06
C LEU F 114 -18.22 -66.84 17.50
N ALA F 115 -18.42 -66.92 18.81
CA ALA F 115 -19.65 -67.50 19.36
C ALA F 115 -20.62 -66.40 19.78
N GLY F 116 -20.16 -65.16 19.75
CA GLY F 116 -21.01 -64.02 20.07
C GLY F 116 -20.66 -63.33 21.37
N ASP F 117 -19.44 -63.55 21.85
CA ASP F 117 -18.99 -62.90 23.08
C ASP F 117 -18.27 -61.59 22.78
N LYS F 118 -18.61 -60.56 23.56
CA LYS F 118 -17.95 -59.26 23.44
C LYS F 118 -16.94 -59.10 24.57
N PRO F 119 -15.64 -59.26 24.26
CA PRO F 119 -14.56 -59.20 25.25
C PRO F 119 -14.56 -57.89 26.04
N ALA F 120 -14.03 -57.94 27.26
CA ALA F 120 -14.02 -56.76 28.12
C ALA F 120 -12.59 -56.33 28.47
N ILE F 121 -12.25 -55.11 28.08
CA ILE F 121 -10.98 -54.50 28.45
C ILE F 121 -11.03 -54.03 29.90
N CYS F 122 -10.02 -54.41 30.68
CA CYS F 122 -9.97 -54.05 32.09
C CYS F 122 -8.68 -53.31 32.44
N ILE F 123 -8.71 -52.00 32.33
CA ILE F 123 -7.53 -51.17 32.61
C ILE F 123 -7.80 -50.10 33.65
N SER F 124 -8.87 -49.34 33.44
CA SER F 124 -9.18 -48.17 34.25
C SER F 124 -9.54 -48.52 35.69
N GLU F 125 -9.17 -47.63 36.61
CA GLU F 125 -9.45 -47.78 38.03
C GLU F 125 -10.02 -46.47 38.60
N PRO F 126 -10.84 -46.57 39.66
CA PRO F 126 -11.44 -45.40 40.31
C PRO F 126 -10.42 -44.31 40.66
N ASN F 127 -9.17 -44.69 40.86
CA ASN F 127 -8.11 -43.72 41.15
C ASN F 127 -6.97 -43.81 40.14
N ALA F 128 -7.23 -44.45 39.01
CA ALA F 128 -6.23 -44.58 37.96
C ALA F 128 -6.88 -44.66 36.58
N GLY F 129 -7.27 -43.51 36.05
CA GLY F 129 -7.89 -43.44 34.73
C GLY F 129 -6.91 -42.98 33.68
N SER F 130 -6.66 -41.67 33.63
CA SER F 130 -5.70 -41.10 32.71
C SER F 130 -4.30 -41.60 33.05
N ALA F 131 -3.99 -41.63 34.34
CA ALA F 131 -2.74 -42.21 34.81
C ALA F 131 -2.87 -43.72 34.94
N ALA F 132 -2.96 -44.40 33.81
CA ALA F 132 -3.16 -45.84 33.79
C ALA F 132 -1.97 -46.59 34.38
N SER F 133 -0.79 -46.00 34.26
CA SER F 133 0.42 -46.61 34.79
C SER F 133 0.52 -46.44 36.31
N GLU F 134 -0.51 -45.84 36.90
CA GLU F 134 -0.58 -45.68 38.35
C GLU F 134 -1.59 -46.67 38.94
N MET F 135 -1.93 -47.70 38.16
CA MET F 135 -2.88 -48.71 38.59
C MET F 135 -2.40 -49.45 39.84
N THR F 136 -3.32 -49.77 40.73
CA THR F 136 -2.98 -50.42 41.99
C THR F 136 -3.37 -51.90 42.02
N THR F 137 -3.96 -52.38 40.93
CA THR F 137 -4.27 -53.79 40.81
C THR F 137 -2.98 -54.59 40.79
N ARG F 138 -2.98 -55.73 41.49
CA ARG F 138 -1.74 -56.44 41.76
C ARG F 138 -1.78 -57.89 41.26
N ALA F 139 -0.68 -58.33 40.67
CA ALA F 139 -0.56 -59.71 40.20
C ALA F 139 0.72 -60.35 40.70
N ASP F 140 0.64 -60.99 41.87
CA ASP F 140 1.80 -61.65 42.46
C ASP F 140 1.96 -63.06 41.92
N LYS F 141 3.20 -63.45 41.65
CA LYS F 141 3.49 -64.79 41.15
C LYS F 141 3.46 -65.82 42.27
N ASN F 142 2.79 -66.94 42.02
CA ASN F 142 2.69 -68.01 43.01
C ASN F 142 2.83 -69.38 42.35
N GLY F 143 4.07 -69.76 42.07
CA GLY F 143 4.35 -71.00 41.37
C GLY F 143 4.24 -70.81 39.87
N ASP F 144 3.31 -71.55 39.26
CA ASP F 144 3.02 -71.37 37.84
C ASP F 144 1.74 -70.56 37.66
N HIS F 145 1.31 -69.93 38.75
CA HIS F 145 0.09 -69.13 38.73
C HIS F 145 0.37 -67.68 39.14
N TYR F 146 -0.64 -66.83 38.95
CA TYR F 146 -0.57 -65.45 39.39
C TYR F 146 -1.84 -65.09 40.16
N ILE F 147 -1.67 -64.63 41.40
CA ILE F 147 -2.81 -64.24 42.21
C ILE F 147 -3.10 -62.75 41.99
N LEU F 148 -4.34 -62.46 41.59
CA LEU F 148 -4.73 -61.08 41.26
C LEU F 148 -5.60 -60.46 42.35
N ASN F 149 -5.34 -59.19 42.64
CA ASN F 149 -6.09 -58.45 43.65
C ASN F 149 -6.15 -56.96 43.32
N GLY F 150 -7.36 -56.44 43.14
CA GLY F 150 -7.55 -55.04 42.82
C GLY F 150 -8.98 -54.74 42.40
N GLU F 151 -9.19 -53.59 41.77
CA GLU F 151 -10.52 -53.19 41.33
C GLU F 151 -10.48 -52.34 40.07
N LYS F 152 -11.43 -52.59 39.17
CA LYS F 152 -11.61 -51.80 37.97
C LYS F 152 -13.00 -51.18 37.98
N TYR F 153 -13.24 -50.18 37.13
CA TYR F 153 -14.58 -49.63 36.99
C TYR F 153 -14.85 -49.16 35.56
N TRP F 154 -16.11 -48.85 35.28
CA TRP F 154 -16.56 -48.51 33.93
C TRP F 154 -16.15 -49.57 32.90
N ILE F 155 -16.22 -50.83 33.31
CA ILE F 155 -15.91 -51.94 32.40
C ILE F 155 -17.05 -52.16 31.43
N THR F 156 -16.78 -51.96 30.15
CA THR F 156 -17.78 -52.12 29.10
C THR F 156 -18.07 -53.59 28.84
N GLY F 157 -19.29 -54.00 29.17
CA GLY F 157 -19.70 -55.38 28.99
C GLY F 157 -19.67 -56.15 30.30
N GLY F 158 -19.54 -55.41 31.40
CA GLY F 158 -19.51 -56.01 32.72
C GLY F 158 -20.81 -56.72 33.06
N GLY F 159 -20.73 -58.03 33.23
CA GLY F 159 -21.90 -58.83 33.57
C GLY F 159 -22.44 -59.61 32.39
N VAL F 160 -21.99 -59.26 31.19
CA VAL F 160 -22.42 -59.96 29.97
C VAL F 160 -21.23 -60.48 29.17
N SER F 161 -20.06 -59.90 29.42
CA SER F 161 -18.85 -60.35 28.74
C SER F 161 -18.30 -61.62 29.39
N LYS F 162 -17.78 -62.52 28.57
CA LYS F 162 -17.15 -63.72 29.07
C LYS F 162 -15.64 -63.55 29.12
N LEU F 163 -15.05 -63.27 27.96
CA LEU F 163 -13.61 -63.06 27.86
C LEU F 163 -13.20 -61.74 28.51
N HIS F 164 -12.23 -61.80 29.40
CA HIS F 164 -11.71 -60.60 30.07
C HIS F 164 -10.20 -60.49 29.92
N LEU F 165 -9.74 -59.31 29.52
CA LEU F 165 -8.30 -59.04 29.44
C LEU F 165 -7.93 -58.05 30.54
N ILE F 166 -7.36 -58.58 31.62
CA ILE F 166 -7.06 -57.77 32.80
C ILE F 166 -5.62 -57.29 32.84
N PHE F 167 -5.45 -55.98 32.94
CA PHE F 167 -4.13 -55.36 33.08
C PHE F 167 -3.80 -55.21 34.55
N ALA F 168 -2.66 -55.76 34.98
CA ALA F 168 -2.29 -55.72 36.38
C ALA F 168 -0.78 -55.61 36.57
N ARG F 169 -0.37 -54.93 37.65
CA ARG F 169 1.05 -54.78 37.97
C ARG F 169 1.60 -56.09 38.53
N VAL F 170 2.61 -56.64 37.86
CA VAL F 170 3.16 -57.94 38.20
C VAL F 170 4.28 -57.85 39.23
N PHE F 171 4.22 -58.69 40.26
CA PHE F 171 5.25 -58.75 41.28
C PHE F 171 5.84 -60.15 41.42
N ASP F 172 7.16 -60.25 41.47
CA ASP F 172 7.85 -61.52 41.66
C ASP F 172 8.54 -61.58 43.01
N ASP F 173 7.93 -62.30 43.95
CA ASP F 173 8.46 -62.45 45.31
C ASP F 173 8.63 -61.08 45.98
N GLY F 174 7.76 -60.14 45.64
CA GLY F 174 7.79 -58.82 46.23
C GLY F 174 8.34 -57.74 45.32
N VAL F 175 9.27 -58.11 44.43
CA VAL F 175 9.87 -57.14 43.53
C VAL F 175 8.99 -56.93 42.31
N GLU F 176 9.05 -55.74 41.73
CA GLU F 176 8.17 -55.36 40.63
C GLU F 176 8.73 -55.77 39.28
N GLN F 177 7.83 -56.15 38.37
CA GLN F 177 8.21 -56.57 37.02
C GLN F 177 7.58 -55.64 35.97
N GLY F 178 6.69 -54.78 36.42
CA GLY F 178 5.90 -53.94 35.53
C GLY F 178 4.46 -54.39 35.52
N ILE F 179 3.76 -54.15 34.41
CA ILE F 179 2.38 -54.62 34.28
C ILE F 179 2.24 -55.58 33.11
N GLY F 180 1.21 -56.42 33.17
CA GLY F 180 0.95 -57.39 32.12
C GLY F 180 -0.52 -57.70 31.95
N ALA F 181 -0.87 -58.29 30.82
CA ALA F 181 -2.26 -58.62 30.52
C ALA F 181 -2.58 -60.06 30.89
N PHE F 182 -3.70 -60.25 31.56
CA PHE F 182 -4.13 -61.58 32.01
C PHE F 182 -5.48 -61.96 31.42
N ILE F 183 -5.57 -63.18 30.92
CA ILE F 183 -6.80 -63.67 30.29
C ILE F 183 -7.61 -64.58 31.21
N THR F 184 -8.87 -64.20 31.44
CA THR F 184 -9.77 -65.02 32.23
C THR F 184 -11.15 -65.09 31.56
N VAL F 185 -11.91 -66.12 31.87
CA VAL F 185 -13.23 -66.30 31.28
C VAL F 185 -14.32 -66.41 32.35
N LEU F 186 -15.35 -65.58 32.23
CA LEU F 186 -16.45 -65.59 33.19
C LEU F 186 -17.67 -66.32 32.63
N ASP F 187 -18.21 -67.25 33.42
CA ASP F 187 -19.44 -67.93 33.06
C ASP F 187 -20.34 -68.08 34.29
N ASP F 188 -21.39 -68.89 34.17
CA ASP F 188 -22.35 -69.08 35.26
C ASP F 188 -21.68 -69.58 36.53
N HIS F 189 -20.90 -70.64 36.40
CA HIS F 189 -20.15 -71.17 37.54
C HIS F 189 -19.00 -70.23 37.87
N GLY F 190 -18.39 -69.67 36.82
CA GLY F 190 -17.41 -68.61 36.97
C GLY F 190 -16.11 -68.98 37.64
N PRO F 191 -15.08 -68.14 37.46
CA PRO F 191 -13.80 -68.28 38.16
C PRO F 191 -13.87 -67.64 39.55
N GLU F 192 -13.37 -68.33 40.57
CA GLU F 192 -13.42 -67.83 41.93
C GLU F 192 -12.45 -66.67 42.12
N GLY F 193 -12.98 -65.54 42.58
CA GLY F 193 -12.17 -64.35 42.78
C GLY F 193 -12.56 -63.21 41.85
N LEU F 194 -13.32 -63.54 40.81
CA LEU F 194 -13.77 -62.55 39.85
C LEU F 194 -15.23 -62.15 40.11
N LYS F 195 -15.42 -60.98 40.70
CA LYS F 195 -16.76 -60.52 41.07
C LYS F 195 -17.15 -59.26 40.30
N VAL F 196 -18.35 -59.28 39.72
CA VAL F 196 -18.87 -58.12 39.00
C VAL F 196 -19.46 -57.11 39.99
N GLY F 197 -18.91 -55.89 39.98
CA GLY F 197 -19.35 -54.85 40.88
C GLY F 197 -20.66 -54.22 40.47
N ARG F 198 -20.97 -53.07 41.08
CA ARG F 198 -22.20 -52.34 40.78
C ARG F 198 -22.14 -51.77 39.36
N ARG F 199 -23.31 -51.63 38.75
CA ARG F 199 -23.39 -51.04 37.41
C ARG F 199 -23.43 -49.52 37.49
N LEU F 200 -22.66 -48.87 36.63
CA LEU F 200 -22.65 -47.42 36.55
C LEU F 200 -23.53 -46.96 35.39
N TYR F 201 -24.75 -46.53 35.71
CA TYR F 201 -25.69 -46.07 34.69
C TYR F 201 -25.19 -44.77 34.05
N ALA F 202 -25.23 -44.72 32.73
CA ALA F 202 -24.58 -43.65 31.99
C ALA F 202 -25.57 -42.69 31.31
N MET F 203 -25.03 -41.62 30.76
CA MET F 203 -25.80 -40.60 30.07
C MET F 203 -26.39 -41.15 28.76
N GLY F 204 -25.55 -41.86 28.01
CA GLY F 204 -25.96 -42.45 26.75
C GLY F 204 -25.26 -43.77 26.49
N VAL F 205 -25.51 -44.36 25.32
CA VAL F 205 -25.06 -45.71 25.00
C VAL F 205 -25.37 -46.65 26.17
N ARG F 206 -26.63 -46.60 26.61
CA ARG F 206 -27.06 -47.30 27.82
C ARG F 206 -27.29 -48.79 27.59
N GLY F 207 -27.25 -49.21 26.34
CA GLY F 207 -27.47 -50.60 26.00
C GLY F 207 -26.41 -51.54 26.56
N ILE F 208 -25.20 -51.04 26.74
CA ILE F 208 -24.13 -51.86 27.29
C ILE F 208 -23.86 -51.50 28.74
N PRO F 209 -23.92 -52.49 29.63
CA PRO F 209 -23.68 -52.26 31.06
C PRO F 209 -22.23 -51.85 31.36
N GLU F 210 -22.09 -50.77 32.13
CA GLU F 210 -20.79 -50.31 32.60
C GLU F 210 -20.70 -50.57 34.09
N THR F 211 -19.81 -51.48 34.50
CA THR F 211 -19.76 -51.91 35.89
C THR F 211 -18.38 -51.82 36.52
N HIS F 212 -18.35 -51.97 37.84
CA HIS F 212 -17.11 -52.18 38.57
C HIS F 212 -16.70 -53.64 38.43
N LEU F 213 -15.42 -53.93 38.68
CA LEU F 213 -14.93 -55.30 38.60
C LEU F 213 -13.88 -55.54 39.68
N GLU F 214 -14.18 -56.49 40.57
CA GLU F 214 -13.30 -56.77 41.70
C GLU F 214 -12.52 -58.05 41.53
N PHE F 215 -11.29 -58.08 42.07
CA PHE F 215 -10.46 -59.27 42.04
C PHE F 215 -10.03 -59.64 43.45
N HIS F 216 -10.54 -60.76 43.96
CA HIS F 216 -10.20 -61.23 45.29
C HIS F 216 -9.47 -62.55 45.23
N ASP F 217 -8.14 -62.47 45.21
CA ASP F 217 -7.28 -63.65 45.09
C ASP F 217 -7.60 -64.45 43.83
N LEU F 218 -7.80 -63.74 42.72
CA LEU F 218 -8.09 -64.40 41.45
C LEU F 218 -6.88 -65.18 40.95
N LYS F 219 -6.98 -66.50 41.00
CA LYS F 219 -5.88 -67.37 40.60
C LYS F 219 -5.91 -67.65 39.10
N ILE F 220 -4.94 -67.13 38.37
CA ILE F 220 -4.83 -67.37 36.93
C ILE F 220 -3.51 -68.07 36.61
N HIS F 221 -3.54 -68.95 35.61
CA HIS F 221 -2.36 -69.73 35.24
C HIS F 221 -1.40 -68.95 34.36
N LYS F 222 -0.14 -69.40 34.32
CA LYS F 222 0.91 -68.79 33.52
C LYS F 222 0.59 -68.81 32.03
N SER F 223 -0.09 -69.88 31.60
CA SER F 223 -0.40 -70.07 30.18
C SER F 223 -1.41 -69.05 29.66
N MET F 224 -2.08 -68.35 30.59
CA MET F 224 -3.08 -67.36 30.21
C MET F 224 -2.61 -65.93 30.46
N MET F 225 -1.32 -65.78 30.75
CA MET F 225 -0.71 -64.45 30.82
C MET F 225 0.01 -64.15 29.52
N ILE F 226 -0.31 -63.03 28.89
CA ILE F 226 0.34 -62.65 27.64
C ILE F 226 1.81 -62.33 27.91
N THR F 227 2.69 -63.20 27.43
CA THR F 227 4.12 -63.08 27.72
C THR F 227 4.89 -62.44 26.57
N PHE F 228 6.01 -61.82 26.92
CA PHE F 228 6.91 -61.22 25.93
C PHE F 228 8.33 -61.70 26.18
N PRO F 229 9.06 -62.05 25.09
CA PRO F 229 10.45 -62.52 25.18
C PRO F 229 11.41 -61.45 25.70
N ASP F 230 10.97 -60.20 25.71
CA ASP F 230 11.83 -59.09 26.12
C ASP F 230 11.32 -58.38 27.37
N GLY F 231 10.61 -59.12 28.22
CA GLY F 231 10.16 -58.58 29.50
C GLY F 231 8.86 -57.80 29.42
N LEU F 232 8.33 -57.45 30.58
CA LEU F 232 7.07 -56.72 30.68
C LEU F 232 7.29 -55.21 30.67
N LYS F 233 8.55 -54.80 30.54
CA LYS F 233 8.89 -53.38 30.49
C LYS F 233 8.38 -52.75 29.19
N ARG F 234 8.43 -53.51 28.11
CA ARG F 234 7.89 -53.07 26.83
C ARG F 234 6.48 -53.62 26.64
N GLY F 235 6.05 -54.45 27.58
CA GLY F 235 4.74 -55.09 27.52
C GLY F 235 3.60 -54.10 27.53
N PHE F 236 3.63 -53.17 28.49
CA PHE F 236 2.60 -52.15 28.59
C PHE F 236 2.50 -51.32 27.32
N ALA F 237 3.65 -50.99 26.74
CA ALA F 237 3.69 -50.21 25.51
C ALA F 237 3.14 -51.00 24.33
N ALA F 238 3.40 -52.30 24.32
CA ALA F 238 2.96 -53.17 23.24
C ALA F 238 1.46 -53.43 23.30
N LEU F 239 0.94 -53.56 24.52
CA LEU F 239 -0.48 -53.82 24.73
C LEU F 239 -1.32 -52.59 24.43
N MET F 240 -0.79 -51.42 24.75
CA MET F 240 -1.48 -50.17 24.48
C MET F 240 -1.40 -49.80 23.00
N SER F 241 -0.50 -50.45 22.28
CA SER F 241 -0.39 -50.25 20.84
C SER F 241 -1.62 -50.83 20.15
N ALA F 242 -2.14 -51.91 20.71
CA ALA F 242 -3.36 -52.53 20.19
C ALA F 242 -4.57 -51.65 20.48
N TYR F 243 -4.46 -50.79 21.49
CA TYR F 243 -5.55 -49.92 21.89
C TYR F 243 -5.68 -48.72 20.96
N ASN F 244 -4.70 -48.54 20.07
CA ASN F 244 -4.76 -47.49 19.07
C ASN F 244 -5.81 -47.84 18.02
N ALA F 245 -6.00 -49.13 17.80
CA ALA F 245 -7.04 -49.61 16.89
C ALA F 245 -8.41 -49.37 17.49
N GLN F 246 -8.51 -49.55 18.81
CA GLN F 246 -9.75 -49.33 19.53
CA GLN F 246 -9.75 -49.33 19.54
C GLN F 246 -10.19 -47.88 19.43
N ARG F 247 -9.23 -46.97 19.57
CA ARG F 247 -9.50 -45.54 19.50
C ARG F 247 -10.06 -45.14 18.14
N VAL F 248 -9.50 -45.72 17.08
CA VAL F 248 -10.00 -45.47 15.73
C VAL F 248 -11.43 -46.00 15.61
N GLY F 249 -11.67 -47.15 16.22
CA GLY F 249 -12.98 -47.76 16.21
C GLY F 249 -14.00 -46.94 16.98
N ALA F 250 -13.62 -46.48 18.16
CA ALA F 250 -14.49 -45.63 18.97
C ALA F 250 -14.79 -44.32 18.26
N GLY F 251 -13.84 -43.85 17.47
CA GLY F 251 -14.02 -42.64 16.68
C GLY F 251 -15.03 -42.85 15.57
N ALA F 252 -15.06 -44.08 15.05
CA ALA F 252 -16.00 -44.43 13.99
C ALA F 252 -17.43 -44.50 14.53
N VAL F 253 -17.58 -44.86 15.80
CA VAL F 253 -18.90 -44.88 16.42
C VAL F 253 -19.41 -43.47 16.56
N ALA F 254 -18.59 -42.58 17.10
CA ALA F 254 -18.94 -41.18 17.24
C ALA F 254 -19.31 -40.58 15.88
N LEU F 255 -18.53 -40.93 14.86
CA LEU F 255 -18.80 -40.47 13.50
C LEU F 255 -20.15 -41.01 13.01
N GLY F 256 -20.41 -42.28 13.28
CA GLY F 256 -21.65 -42.90 12.87
C GLY F 256 -22.86 -42.24 13.50
N ILE F 257 -22.76 -41.98 14.80
CA ILE F 257 -23.81 -41.28 15.53
C ILE F 257 -24.09 -39.92 14.89
N ALA F 258 -23.03 -39.14 14.68
CA ALA F 258 -23.15 -37.82 14.09
C ALA F 258 -23.70 -37.86 12.66
N GLN F 259 -23.22 -38.83 11.88
CA GLN F 259 -23.67 -39.01 10.51
C GLN F 259 -25.16 -39.30 10.48
N CYS F 260 -25.62 -40.11 11.43
CA CYS F 260 -27.04 -40.45 11.53
C CYS F 260 -27.87 -39.21 11.85
N ALA F 261 -27.46 -38.47 12.88
CA ALA F 261 -28.13 -37.24 13.27
C ALA F 261 -28.13 -36.23 12.13
N PHE F 262 -27.02 -36.18 11.39
CA PHE F 262 -26.85 -35.27 10.26
C PHE F 262 -27.88 -35.54 9.17
N GLU F 263 -28.01 -36.81 8.78
CA GLU F 263 -28.96 -37.20 7.75
C GLU F 263 -30.40 -36.93 8.19
N GLU F 264 -30.68 -37.20 9.45
CA GLU F 264 -32.02 -36.97 10.01
C GLU F 264 -32.34 -35.48 10.09
N GLY F 265 -31.33 -34.68 10.40
CA GLY F 265 -31.48 -33.24 10.47
C GLY F 265 -31.68 -32.63 9.10
N VAL F 266 -30.94 -33.12 8.11
CA VAL F 266 -31.06 -32.64 6.75
C VAL F 266 -32.44 -32.98 6.18
N ALA F 267 -32.89 -34.20 6.42
CA ALA F 267 -34.20 -34.63 5.96
C ALA F 267 -35.31 -33.79 6.58
N TYR F 268 -35.14 -33.43 7.85
CA TYR F 268 -36.15 -32.67 8.56
C TYR F 268 -36.26 -31.24 8.03
N LEU F 269 -35.12 -30.64 7.69
CA LEU F 269 -35.09 -29.29 7.15
C LEU F 269 -35.84 -29.18 5.83
N LYS F 270 -35.98 -30.29 5.13
CA LYS F 270 -36.60 -30.27 3.80
C LYS F 270 -38.11 -30.50 3.85
N ARG F 271 -38.61 -31.10 4.92
CA ARG F 271 -40.05 -31.34 5.03
C ARG F 271 -40.73 -30.39 6.01
N ARG F 272 -40.03 -30.01 7.07
CA ARG F 272 -40.57 -29.08 8.04
C ARG F 272 -40.63 -27.66 7.47
N GLU F 273 -41.78 -27.01 7.62
CA GLU F 273 -41.97 -25.69 7.07
C GLU F 273 -42.34 -24.64 8.11
N GLN F 274 -41.71 -23.47 8.00
CA GLN F 274 -42.09 -22.30 8.78
C GLN F 274 -42.03 -21.10 7.85
N PHE F 275 -42.84 -20.08 8.15
CA PHE F 275 -42.93 -18.89 7.31
C PHE F 275 -43.31 -19.24 5.88
N GLY F 276 -44.10 -20.30 5.72
CA GLY F 276 -44.63 -20.69 4.43
C GLY F 276 -43.65 -21.38 3.49
N ARG F 277 -42.56 -21.91 4.05
CA ARG F 277 -41.57 -22.60 3.23
C ARG F 277 -40.70 -23.53 4.07
N PRO F 278 -40.08 -24.54 3.42
CA PRO F 278 -39.15 -25.45 4.09
C PRO F 278 -37.99 -24.72 4.75
N LEU F 279 -37.53 -25.25 5.89
CA LEU F 279 -36.41 -24.65 6.62
C LEU F 279 -35.14 -24.64 5.78
N ALA F 280 -35.06 -25.52 4.80
CA ALA F 280 -33.87 -25.64 3.96
C ALA F 280 -33.62 -24.40 3.10
N GLU F 281 -34.61 -23.52 3.03
CA GLU F 281 -34.48 -22.31 2.21
C GLU F 281 -33.90 -21.15 3.02
N PHE F 282 -33.54 -21.40 4.27
CA PHE F 282 -32.92 -20.38 5.10
C PHE F 282 -31.40 -20.52 5.10
N GLN F 283 -30.72 -19.48 4.63
CA GLN F 283 -29.28 -19.52 4.40
C GLN F 283 -28.49 -19.84 5.66
N GLY F 284 -28.93 -19.28 6.79
CA GLY F 284 -28.27 -19.54 8.07
C GLY F 284 -28.25 -21.02 8.40
N LEU F 285 -29.32 -21.72 8.08
CA LEU F 285 -29.41 -23.16 8.32
C LEU F 285 -28.61 -23.92 7.26
N GLN F 286 -28.61 -23.40 6.04
CA GLN F 286 -27.86 -24.00 4.95
C GLN F 286 -26.36 -24.04 5.26
N TRP F 287 -25.85 -22.95 5.83
CA TRP F 287 -24.44 -22.87 6.17
C TRP F 287 -24.11 -23.79 7.35
N MET F 288 -25.07 -23.94 8.25
CA MET F 288 -24.92 -24.91 9.34
C MET F 288 -24.79 -26.32 8.77
N VAL F 289 -25.59 -26.63 7.76
CA VAL F 289 -25.52 -27.90 7.07
C VAL F 289 -24.18 -28.06 6.38
N ALA F 290 -23.75 -27.00 5.69
CA ALA F 290 -22.46 -26.99 5.01
C ALA F 290 -21.31 -27.24 5.99
N ASP F 291 -21.36 -26.58 7.14
CA ASP F 291 -20.33 -26.74 8.16
C ASP F 291 -20.25 -28.18 8.67
N MET F 292 -21.40 -28.78 8.91
CA MET F 292 -21.44 -30.14 9.43
C MET F 292 -20.87 -31.15 8.43
N SER F 293 -21.25 -31.00 7.17
CA SER F 293 -20.78 -31.92 6.12
C SER F 293 -19.26 -31.82 5.96
N VAL F 294 -18.74 -30.60 6.03
CA VAL F 294 -17.30 -30.37 5.93
C VAL F 294 -16.54 -31.09 7.04
N GLN F 295 -17.02 -30.95 8.27
CA GLN F 295 -16.37 -31.57 9.42
C GLN F 295 -16.52 -33.09 9.40
N LEU F 296 -17.64 -33.58 8.88
CA LEU F 296 -17.89 -35.02 8.80
C LEU F 296 -16.98 -35.69 7.77
N GLU F 297 -16.82 -35.05 6.63
CA GLU F 297 -15.92 -35.54 5.59
C GLU F 297 -14.49 -35.59 6.12
N ALA F 298 -14.08 -34.54 6.82
CA ALA F 298 -12.76 -34.47 7.39
C ALA F 298 -12.55 -35.52 8.46
N ALA F 299 -13.59 -35.74 9.28
CA ALA F 299 -13.53 -36.72 10.35
C ALA F 299 -13.39 -38.13 9.81
N ARG F 300 -14.07 -38.40 8.70
CA ARG F 300 -14.02 -39.73 8.08
C ARG F 300 -12.65 -39.97 7.44
N LEU F 301 -12.11 -38.94 6.82
CA LEU F 301 -10.78 -39.02 6.21
C LEU F 301 -9.71 -39.30 7.27
N MET F 302 -9.81 -38.60 8.40
CA MET F 302 -8.87 -38.78 9.50
C MET F 302 -8.89 -40.22 10.03
N LEU F 303 -10.10 -40.75 10.23
CA LEU F 303 -10.25 -42.10 10.77
C LEU F 303 -9.71 -43.15 9.80
N ARG F 304 -10.14 -43.07 8.55
CA ARG F 304 -9.70 -44.03 7.53
C ARG F 304 -8.20 -43.95 7.26
N SER F 305 -7.65 -42.74 7.35
CA SER F 305 -6.21 -42.57 7.17
C SER F 305 -5.42 -43.19 8.32
N ALA F 306 -5.94 -43.03 9.54
CA ALA F 306 -5.29 -43.60 10.72
C ALA F 306 -5.42 -45.12 10.73
N ALA F 307 -6.53 -45.62 10.20
CA ALA F 307 -6.80 -47.05 10.21
C ALA F 307 -5.80 -47.85 9.38
N VAL F 308 -5.26 -47.22 8.33
CA VAL F 308 -4.31 -47.90 7.45
C VAL F 308 -2.86 -47.54 7.80
N SER F 309 -2.69 -46.77 8.87
CA SER F 309 -1.36 -46.36 9.31
C SER F 309 -0.73 -47.41 10.22
N GLY F 310 0.57 -47.29 10.44
CA GLY F 310 1.28 -48.19 11.34
C GLY F 310 1.55 -49.56 10.73
N GLU F 311 1.89 -50.51 11.59
CA GLU F 311 2.18 -51.88 11.15
C GLU F 311 0.97 -52.78 11.35
N THR F 312 0.89 -53.40 12.52
CA THR F 312 -0.25 -54.23 12.88
C THR F 312 -1.41 -53.35 13.34
N PHE F 313 -1.06 -52.30 14.08
CA PHE F 313 -2.05 -51.38 14.63
C PHE F 313 -1.81 -49.97 14.10
N PRO F 314 -2.87 -49.14 14.08
CA PRO F 314 -2.78 -47.73 13.67
C PRO F 314 -1.69 -46.97 14.41
N ASP F 315 -1.12 -45.96 13.76
CA ASP F 315 -0.09 -45.13 14.38
C ASP F 315 -0.64 -44.45 15.62
N ILE F 316 0.15 -44.45 16.69
CA ILE F 316 -0.27 -43.93 17.99
C ILE F 316 -0.74 -42.48 17.91
N ASN F 317 -0.12 -41.67 17.06
CA ASN F 317 -0.44 -40.25 16.99
C ASN F 317 -1.50 -39.92 15.96
N LYS F 318 -1.51 -40.64 14.85
CA LYS F 318 -2.55 -40.46 13.84
C LYS F 318 -3.90 -40.90 14.40
N ALA F 319 -3.90 -41.99 15.16
CA ALA F 319 -5.11 -42.48 15.79
C ALA F 319 -5.58 -41.51 16.87
N ALA F 320 -4.63 -40.87 17.53
CA ALA F 320 -4.95 -39.88 18.55
C ALA F 320 -5.57 -38.64 17.92
N GLN F 321 -4.99 -38.22 16.79
CA GLN F 321 -5.51 -37.07 16.04
C GLN F 321 -6.90 -37.34 15.50
N ALA F 322 -7.10 -38.54 14.94
CA ALA F 322 -8.39 -38.91 14.36
C ALA F 322 -9.47 -39.04 15.44
N LYS F 323 -9.07 -39.56 16.61
CA LYS F 323 -10.01 -39.73 17.72
C LYS F 323 -10.45 -38.38 18.29
N ILE F 324 -9.49 -37.47 18.44
CA ILE F 324 -9.78 -36.11 18.91
C ILE F 324 -10.76 -35.41 17.97
N PHE F 325 -10.46 -35.49 16.68
CA PHE F 325 -11.24 -34.79 15.67
C PHE F 325 -12.66 -35.37 15.55
N ALA F 326 -12.75 -36.70 15.48
CA ALA F 326 -14.04 -37.36 15.28
C ALA F 326 -14.97 -37.18 16.48
N ALA F 327 -14.44 -37.30 17.69
CA ALA F 327 -15.25 -37.19 18.89
C ALA F 327 -15.81 -35.78 19.06
N GLU F 328 -14.95 -34.78 18.91
CA GLU F 328 -15.35 -33.39 19.06
C GLU F 328 -16.30 -32.98 17.94
N THR F 329 -16.11 -33.57 16.76
CA THR F 329 -17.01 -33.34 15.64
C THR F 329 -18.41 -33.86 15.96
N ALA F 330 -18.47 -35.07 16.53
CA ALA F 330 -19.73 -35.74 16.83
C ALA F 330 -20.59 -34.93 17.81
N ASN F 331 -19.95 -34.38 18.84
CA ASN F 331 -20.66 -33.58 19.83
C ASN F 331 -21.31 -32.34 19.22
N LYS F 332 -20.59 -31.67 18.33
CA LYS F 332 -21.10 -30.44 17.71
C LYS F 332 -22.16 -30.76 16.66
N VAL F 333 -21.89 -31.77 15.83
CA VAL F 333 -22.82 -32.16 14.78
C VAL F 333 -24.17 -32.62 15.35
N THR F 334 -24.13 -33.47 16.37
CA THR F 334 -25.36 -33.97 16.97
C THR F 334 -26.14 -32.84 17.64
N ASN F 335 -25.44 -31.96 18.35
CA ASN F 335 -26.10 -30.83 19.00
C ASN F 335 -26.76 -29.89 17.99
N ASP F 336 -26.07 -29.62 16.89
CA ASP F 336 -26.61 -28.73 15.87
C ASP F 336 -27.74 -29.40 15.09
N ALA F 337 -27.66 -30.72 14.94
CA ALA F 337 -28.70 -31.49 14.25
C ALA F 337 -29.99 -31.49 15.08
N LEU F 338 -29.84 -31.56 16.39
CA LEU F 338 -30.97 -31.47 17.31
C LEU F 338 -31.65 -30.12 17.15
N GLN F 339 -30.82 -29.08 16.98
CA GLN F 339 -31.32 -27.70 16.85
C GLN F 339 -32.27 -27.57 15.67
N PHE F 340 -31.97 -28.27 14.58
CA PHE F 340 -32.83 -28.27 13.39
C PHE F 340 -34.26 -28.70 13.70
N PHE F 341 -34.41 -29.60 14.67
CA PHE F 341 -35.73 -30.13 15.04
C PHE F 341 -36.49 -29.21 15.98
N GLY F 342 -35.81 -28.17 16.49
CA GLY F 342 -36.42 -27.25 17.42
C GLY F 342 -36.84 -27.92 18.71
N SER F 343 -38.05 -27.66 19.15
CA SER F 343 -38.57 -28.26 20.38
C SER F 343 -38.62 -29.78 20.29
N SER F 344 -38.97 -30.28 19.11
CA SER F 344 -39.05 -31.72 18.88
C SER F 344 -37.72 -32.43 19.15
N GLY F 345 -36.62 -31.71 18.95
CA GLY F 345 -35.30 -32.26 19.19
C GLY F 345 -35.04 -32.48 20.67
N TYR F 346 -35.72 -31.71 21.50
CA TYR F 346 -35.56 -31.81 22.94
C TYR F 346 -36.44 -32.91 23.53
N GLY F 347 -37.41 -33.37 22.75
CA GLY F 347 -38.31 -34.40 23.20
C GLY F 347 -37.73 -35.80 23.04
N ARG F 348 -37.96 -36.65 24.02
CA ARG F 348 -37.40 -38.00 24.01
C ARG F 348 -38.15 -38.94 23.07
N HIS F 349 -39.22 -38.43 22.45
CA HIS F 349 -39.94 -39.21 21.45
C HIS F 349 -39.29 -39.09 20.08
N ASN F 350 -38.19 -38.33 20.03
CA ASN F 350 -37.36 -38.24 18.84
C ASN F 350 -35.92 -38.61 19.19
N PRO F 351 -35.17 -39.17 18.23
CA PRO F 351 -33.85 -39.73 18.53
C PRO F 351 -32.73 -38.70 18.65
N MET F 352 -33.03 -37.43 18.44
CA MET F 352 -32.00 -36.39 18.38
C MET F 352 -31.32 -36.17 19.73
N GLU F 353 -32.10 -36.16 20.80
CA GLU F 353 -31.53 -35.95 22.13
C GLU F 353 -30.68 -37.14 22.57
N ARG F 354 -30.98 -38.33 22.03
CA ARG F 354 -30.21 -39.52 22.32
C ARG F 354 -28.83 -39.46 21.67
N HIS F 355 -28.79 -39.00 20.42
CA HIS F 355 -27.54 -38.86 19.68
C HIS F 355 -26.52 -38.02 20.43
N VAL F 356 -26.99 -36.93 21.04
CA VAL F 356 -26.12 -36.06 21.81
C VAL F 356 -25.59 -36.79 23.05
N ARG F 357 -26.48 -37.48 23.75
CA ARG F 357 -26.11 -38.24 24.93
C ARG F 357 -25.13 -39.37 24.58
N ASP F 358 -25.35 -40.01 23.43
CA ASP F 358 -24.51 -41.12 23.01
C ASP F 358 -23.10 -40.66 22.63
N ALA F 359 -23.01 -39.55 21.91
CA ALA F 359 -21.73 -39.07 21.38
C ALA F 359 -20.81 -38.52 22.47
N ARG F 360 -21.40 -38.05 23.57
CA ARG F 360 -20.66 -37.33 24.59
C ARG F 360 -19.52 -38.13 25.22
N MET F 361 -19.65 -39.46 25.25
CA MET F 361 -18.69 -40.29 25.95
C MET F 361 -17.34 -40.39 25.25
N PHE F 362 -17.31 -40.13 23.94
CA PHE F 362 -16.12 -40.44 23.14
C PHE F 362 -15.01 -39.40 23.27
N THR F 363 -15.25 -38.34 24.03
CA THR F 363 -14.19 -37.41 24.40
C THR F 363 -13.65 -37.76 25.77
N ILE F 364 -14.09 -38.89 26.31
CA ILE F 364 -13.69 -39.34 27.64
C ILE F 364 -13.15 -40.77 27.62
N ALA F 365 -13.96 -41.72 27.16
CA ALA F 365 -13.58 -43.12 27.17
C ALA F 365 -12.43 -43.41 26.21
N GLY F 366 -11.56 -44.35 26.61
CA GLY F 366 -10.41 -44.72 25.79
C GLY F 366 -9.42 -43.58 25.66
N GLY F 367 -9.12 -42.94 26.78
CA GLY F 367 -8.24 -41.78 26.78
C GLY F 367 -9.00 -40.52 26.45
N THR F 368 -9.04 -39.59 27.40
CA THR F 368 -9.78 -38.34 27.22
C THR F 368 -9.18 -37.50 26.10
N ALA F 369 -9.95 -36.54 25.60
CA ALA F 369 -9.50 -35.66 24.54
C ALA F 369 -8.30 -34.83 24.99
N GLN F 370 -8.17 -34.65 26.31
CA GLN F 370 -7.07 -33.89 26.87
C GLN F 370 -5.78 -34.71 26.86
N ILE F 371 -5.88 -35.96 27.27
CA ILE F 371 -4.73 -36.86 27.30
C ILE F 371 -4.21 -37.11 25.89
N LEU F 372 -5.12 -37.21 24.93
CA LEU F 372 -4.74 -37.44 23.54
C LEU F 372 -4.01 -36.22 22.97
N ARG F 373 -4.36 -35.03 23.44
CA ARG F 373 -3.69 -33.80 23.02
C ARG F 373 -2.24 -33.79 23.47
N THR F 374 -2.02 -34.20 24.72
CA THR F 374 -0.67 -34.33 25.27
C THR F 374 0.12 -35.37 24.48
N GLN F 375 -0.54 -36.45 24.11
CA GLN F 375 0.09 -37.52 23.35
C GLN F 375 0.55 -37.05 21.97
N VAL F 376 -0.31 -36.30 21.30
CA VAL F 376 0.03 -35.73 19.99
C VAL F 376 1.15 -34.70 20.14
N ALA F 377 1.07 -33.91 21.21
CA ALA F 377 2.07 -32.88 21.48
C ALA F 377 3.46 -33.49 21.68
N SER F 378 3.52 -34.65 22.32
CA SER F 378 4.79 -35.32 22.58
C SER F 378 5.46 -35.75 21.28
N LYS F 379 4.65 -36.10 20.29
CA LYS F 379 5.15 -36.48 18.97
C LYS F 379 5.70 -35.28 18.22
N ILE F 380 4.90 -34.23 18.13
CA ILE F 380 5.26 -33.03 17.38
C ILE F 380 6.49 -32.35 17.97
N LEU F 381 6.50 -32.22 19.30
CA LEU F 381 7.61 -31.58 20.00
C LEU F 381 8.79 -32.55 20.16
N ASP F 382 8.54 -33.82 19.84
CA ASP F 382 9.55 -34.88 19.94
C ASP F 382 10.20 -34.92 21.32
N MET F 383 9.36 -34.96 22.35
CA MET F 383 9.85 -35.00 23.73
C MET F 383 8.82 -35.66 24.64
N LYS F 384 9.29 -36.37 25.66
CA LYS F 384 8.41 -36.94 26.66
C LYS F 384 7.74 -35.82 27.44
N LEU F 385 6.45 -35.98 27.72
CA LEU F 385 5.69 -34.97 28.46
C LEU F 385 5.16 -35.55 29.77
N PRO F 386 6.01 -35.59 30.81
CA PRO F 386 5.63 -36.12 32.12
C PRO F 386 4.59 -35.23 32.80
N GLN F 387 3.64 -35.83 33.49
CA GLN F 387 2.57 -35.08 34.13
C GLN F 387 2.77 -34.99 35.64
N THR F 388 3.84 -35.62 36.13
CA THR F 388 4.16 -35.59 37.56
C THR F 388 4.83 -34.27 37.94
N ARG F 389 4.90 -33.99 39.24
CA ARG F 389 5.45 -32.75 39.74
C ARG F 389 6.96 -32.63 39.55
N ASP F 390 7.63 -33.78 39.39
CA ASP F 390 9.08 -33.81 39.32
C ASP F 390 9.60 -34.41 38.02
N GLY F 391 8.82 -34.28 36.95
CA GLY F 391 9.21 -34.85 35.67
C GLY F 391 9.89 -33.86 34.75
N TYR F 392 9.90 -32.59 35.15
CA TYR F 392 10.45 -31.49 34.35
C TYR F 392 9.68 -31.32 33.03
PA FAD G . 5.00 35.49 -6.86
O1A FAD G . 4.39 36.82 -7.24
O2A FAD G . 4.42 34.20 -7.37
O5B FAD G . 6.55 35.54 -7.22
C5B FAD G . 7.27 34.37 -7.61
C4B FAD G . 8.72 34.80 -7.77
O4B FAD G . 8.78 35.76 -8.83
C3B FAD G . 9.24 35.47 -6.52
O3B FAD G . 10.56 34.98 -6.25
C2B FAD G . 9.32 36.94 -6.85
O2B FAD G . 10.46 37.55 -6.21
C1B FAD G . 9.45 36.94 -8.37
N9A FAD G . 8.81 38.14 -8.95
C8A FAD G . 7.49 38.42 -8.95
N7A FAD G . 7.25 39.60 -9.57
C5A FAD G . 8.43 40.10 -9.98
C6A FAD G . 8.89 41.30 -10.71
N6A FAD G . 8.01 42.24 -11.12
N1A FAD G . 10.21 41.43 -10.94
C2A FAD G . 11.10 40.50 -10.52
N3A FAD G . 10.76 39.38 -9.87
C4A FAD G . 9.45 39.12 -9.58
N1 FAD G . 0.06 36.90 2.74
C2 FAD G . -0.90 37.57 3.43
O2 FAD G . -1.65 38.36 2.80
N3 FAD G . -1.07 37.44 4.75
C4 FAD G . -0.31 36.63 5.49
O4 FAD G . -0.49 36.52 6.72
C4X FAD G . 0.75 35.85 4.81
N5 FAD G . 1.56 35.01 5.49
C5X FAD G . 2.52 34.30 4.85
C6 FAD G . 3.32 33.44 5.58
C7 FAD G . 4.31 32.71 4.93
C7M FAD G . 5.18 31.78 5.73
C8 FAD G . 4.51 32.85 3.47
C8M FAD G . 5.59 32.06 2.78
C9 FAD G . 3.70 33.71 2.74
C9A FAD G . 2.71 34.44 3.37
N10 FAD G . 1.89 35.33 2.66
C10 FAD G . 0.89 36.03 3.36
C1' FAD G . 2.02 35.50 1.20
C2' FAD G . 3.15 36.47 0.84
O2' FAD G . 3.05 37.69 1.59
C3' FAD G . 3.06 36.81 -0.64
O3' FAD G . 2.62 35.65 -1.37
C4' FAD G . 4.41 37.27 -1.16
O4' FAD G . 4.27 38.56 -1.74
C5' FAD G . 4.90 36.29 -2.22
O5' FAD G . 3.94 36.27 -3.28
P FAD G . 3.88 35.04 -4.31
O1P FAD G . 2.57 35.13 -5.06
O2P FAD G . 4.25 33.78 -3.57
O3P FAD G . 5.11 35.45 -5.26
N1A COA H . 4.66 51.20 2.05
C2A COA H . 4.20 52.42 1.69
N3A COA H . 3.66 52.68 0.49
C4A COA H . 3.55 51.71 -0.45
C5A COA H . 4.03 50.35 -0.14
C6A COA H . 4.61 50.14 1.21
N6A COA H . 5.07 48.93 1.58
N7A COA H . 3.79 49.60 -1.22
C8A COA H . 3.21 50.39 -2.16
N9A COA H . 3.06 51.65 -1.70
C1B COA H . 2.47 52.80 -2.43
C2B COA H . 3.48 53.44 -3.38
O2B COA H . 4.12 54.55 -2.75
C3B COA H . 2.62 53.91 -4.53
O3B COA H . 2.13 55.20 -4.18
P3B COA H . 2.04 56.40 -5.24
O7A COA H . 3.25 56.22 -6.11
O8A COA H . 2.07 57.65 -4.39
O9A COA H . 0.72 56.16 -5.94
C4B COA H . 1.46 52.92 -4.55
O4B COA H . 1.38 52.35 -3.25
C5B COA H . 1.69 51.78 -5.54
O5B COA H . 2.33 52.22 -6.73
P1A COA H . 3.47 51.28 -7.39
O1A COA H . 4.36 50.76 -6.29
O2A COA H . 4.07 52.02 -8.56
O3A COA H . 2.60 50.04 -7.95
P2A COA H . 3.34 48.68 -8.41
O4A COA H . 2.48 48.02 -9.47
O5A COA H . 4.79 48.96 -8.67
O6A COA H . 3.22 47.80 -7.06
CBP COA H . 3.95 46.39 -5.28
CCP COA H . 4.23 46.87 -6.70
CDP COA H . 4.02 47.59 -4.35
CEP COA H . 2.58 45.75 -5.22
CAP COA H . 5.02 45.37 -4.88
OAP COA H . 6.32 45.93 -5.18
C9P COA H . 4.99 45.02 -3.41
O9P COA H . 5.67 45.62 -2.61
N8P COA H . 4.19 44.02 -3.05
C7P COA H . 4.71 42.91 -2.26
C6P COA H . 3.64 41.90 -1.86
C5P COA H . 3.05 42.28 -0.53
O5P COA H . 3.30 43.35 -0.01
N4P COA H . 2.24 41.37 0.03
C3P COA H . 1.87 41.47 1.43
C2P COA H . 1.09 40.25 1.91
S1P COA H . 2.00 39.42 3.23
PA FAD I . 33.03 17.01 13.00
O1A FAD I . 34.38 16.35 13.04
O2A FAD I . 32.16 17.05 14.23
O5B FAD I . 33.21 18.50 12.44
C5B FAD I . 32.36 19.57 12.89
C4B FAD I . 32.67 20.79 12.04
O4B FAD I . 34.02 21.20 12.25
C3B FAD I . 32.52 20.47 10.56
O3B FAD I . 31.83 21.54 9.91
C2B FAD I . 33.94 20.42 10.03
O2B FAD I . 34.01 20.96 8.70
C1B FAD I . 34.73 21.25 11.02
N9A FAD I . 36.10 20.71 11.20
C8A FAD I . 36.42 19.52 11.74
N7A FAD I . 37.77 19.34 11.75
C5A FAD I . 38.32 20.43 11.19
C6A FAD I . 39.70 20.90 10.89
N6A FAD I . 40.78 20.12 11.19
N1A FAD I . 39.84 22.10 10.30
C2A FAD I . 38.78 22.87 10.00
N3A FAD I . 37.51 22.51 10.25
C4A FAD I . 37.22 21.33 10.82
N1 FAD I . 29.71 7.95 7.71
C2 FAD I . 30.00 6.69 7.28
O2 FAD I . 31.06 6.15 7.68
N3 FAD I . 29.21 6.00 6.44
C4 FAD I . 28.07 6.50 5.97
O4 FAD I . 27.35 5.83 5.19
C4X FAD I . 27.67 7.87 6.39
N5 FAD I . 26.52 8.44 5.96
C5X FAD I . 26.18 9.69 6.35
C6 FAD I . 24.99 10.25 5.88
C7 FAD I . 24.62 11.52 6.28
C7M FAD I . 23.34 12.12 5.77
C8 FAD I . 25.49 12.30 7.21
C8M FAD I . 25.08 13.69 7.63
C9 FAD I . 26.67 11.74 7.68
C9A FAD I . 27.05 10.46 7.28
N10 FAD I . 28.25 9.88 7.74
C10 FAD I . 28.57 8.58 7.32
C1' FAD I . 29.14 10.59 8.67
C2' FAD I . 30.04 11.58 7.93
O2' FAD I . 30.64 10.96 6.78
C3' FAD I . 31.14 12.07 8.85
O3' FAD I . 30.58 12.30 10.16
C4' FAD I . 31.74 13.36 8.32
O4' FAD I . 33.16 13.21 8.22
C5' FAD I . 31.41 14.51 9.27
O5' FAD I . 32.04 14.25 10.53
P FAD I . 31.48 14.93 11.86
O1P FAD I . 31.98 14.15 13.05
O2P FAD I . 29.99 15.17 11.69
O3P FAD I . 32.23 16.36 11.76
N1A COA J . 42.22 9.39 -0.61
C2A COA J . 43.43 8.78 -0.64
N3A COA J . 44.32 8.85 0.36
C4A COA J . 44.05 9.55 1.49
C5A COA J . 42.76 10.23 1.61
C6A COA J . 41.82 10.10 0.47
N6A COA J . 40.61 10.70 0.50
N7A COA J . 42.75 10.82 2.81
C8A COA J . 43.94 10.55 3.42
N9A COA J . 44.72 9.79 2.62
C1B COA J . 46.07 9.29 2.94
C2B COA J . 47.13 10.37 2.88
O2B COA J . 47.73 10.43 1.58
C3B COA J . 48.16 9.93 3.90
O3B COA J . 49.16 9.16 3.24
P3B COA J . 50.72 9.38 3.55
O7A COA J . 51.00 10.79 3.07
O8A COA J . 51.40 8.29 2.75
O9A COA J . 50.81 9.20 5.05
C4B COA J . 47.40 9.02 4.86
O4B COA J . 46.11 8.80 4.29
C5B COA J . 47.26 9.62 6.25
O5B COA J . 47.25 11.04 6.19
P1A COA J . 45.88 11.84 6.51
O1A COA J . 44.80 10.81 6.70
O2A COA J . 45.73 12.93 5.48
O3A COA J . 46.17 12.55 7.93
P2A COA J . 45.11 13.60 8.53
O4A COA J . 45.19 13.54 10.03
O5A COA J . 45.26 14.90 7.79
O6A COA J . 43.70 12.96 8.08
CBP COA J . 41.49 13.08 7.16
CCP COA J . 42.52 13.76 8.03
CDP COA J . 42.16 12.64 5.87
CEP COA J . 40.91 11.87 7.88
CAP COA J . 40.39 14.09 6.83
OAP COA J . 40.90 15.02 5.88
C9P COA J . 39.17 13.43 6.24
O9P COA J . 39.16 13.04 5.08
N8P COA J . 38.11 13.31 7.05
C7P COA J . 36.89 12.64 6.64
C6P COA J . 37.07 11.13 6.58
C5P COA J . 36.03 10.55 5.66
O5P COA J . 36.14 10.66 4.45
N4P COA J . 35.00 9.91 6.24
C3P COA J . 34.06 9.15 5.44
C2P COA J . 32.87 8.69 6.25
S1P COA J . 31.37 8.88 5.24
PA FAD K . -18.76 -9.55 -2.86
O1A FAD K . -19.76 -10.17 -3.82
O2A FAD K . -18.57 -8.06 -2.77
O5B FAD K . -19.09 -10.11 -1.40
C5B FAD K . -18.89 -9.32 -0.23
C4B FAD K . -19.17 -10.23 0.94
O4B FAD K . -20.53 -10.64 0.89
C3B FAD K . -18.31 -11.49 0.84
O3B FAD K . -17.75 -11.76 2.12
C2B FAD K . -19.28 -12.61 0.49
O2B FAD K . -18.93 -13.79 1.21
C1B FAD K . -20.63 -12.06 0.94
N9A FAD K . -21.69 -12.51 0.02
C8A FAD K . -21.79 -12.21 -1.28
N7A FAD K . -22.89 -12.78 -1.83
C5A FAD K . -23.52 -13.47 -0.86
C6A FAD K . -24.73 -14.31 -0.77
N6A FAD K . -25.52 -14.53 -1.85
N1A FAD K . -25.01 -14.85 0.44
C2A FAD K . -24.24 -14.64 1.52
N3A FAD K . -23.12 -13.89 1.50
C4A FAD K . -22.72 -13.30 0.36
N1 FAD K . -10.64 -12.26 -9.61
C2 FAD K . -10.32 -12.67 -10.86
O2 FAD K . -11.24 -12.73 -11.71
N3 FAD K . -9.08 -13.05 -11.22
C4 FAD K . -8.05 -13.02 -10.36
O4 FAD K . -6.91 -13.36 -10.72
C4X FAD K . -8.31 -12.57 -8.97
N5 FAD K . -7.32 -12.52 -8.05
C5X FAD K . -7.58 -12.09 -6.79
C6 FAD K . -6.56 -12.05 -5.86
C7 FAD K . -6.80 -11.62 -4.56
C7M FAD K . -5.68 -11.56 -3.55
C8 FAD K . -8.18 -11.23 -4.17
C8M FAD K . -8.45 -10.76 -2.76
C9 FAD K . -9.21 -11.27 -5.09
C9A FAD K . -8.96 -11.69 -6.39
N10 FAD K . -10.01 -11.75 -7.34
C10 FAD K . -9.70 -12.18 -8.64
C1' FAD K . -11.38 -11.36 -7.00
C2' FAD K . -12.14 -12.53 -6.39
O2' FAD K . -11.95 -13.71 -7.16
C3' FAD K . -13.62 -12.20 -6.31
O3' FAD K . -13.78 -10.78 -6.15
C4' FAD K . -14.28 -12.93 -5.14
O4' FAD K . -15.38 -13.70 -5.63
C5' FAD K . -14.79 -11.92 -4.13
O5' FAD K . -15.77 -11.10 -4.75
P FAD K . -16.23 -9.72 -4.07
O1P FAD K . -16.87 -8.84 -5.12
O2P FAD K . -15.10 -9.18 -3.24
O3P FAD K . -17.36 -10.30 -3.08
C1 SIN L . -4.17 -18.82 -5.59
O1 SIN L . -3.37 -19.43 -4.86
O2 SIN L . -3.98 -18.65 -6.82
C2 SIN L . -5.42 -18.26 -4.98
C3 SIN L . -6.37 -17.85 -6.09
C4 SIN L . -7.75 -17.70 -5.51
O3 SIN L . -7.93 -18.05 -4.33
O4 SIN L . -8.66 -17.24 -6.23
S SO4 M . 2.74 2.09 -1.71
O1 SO4 M . 3.57 0.88 -1.55
O2 SO4 M . 3.17 3.08 -0.71
O3 SO4 M . 3.00 2.67 -3.01
O4 SO4 M . 1.35 1.70 -1.44
PA FAD N . 0.78 8.94 -56.28
O1A FAD N . 1.04 8.41 -54.90
O2A FAD N . 1.92 9.38 -57.16
O5B FAD N . -0.13 7.87 -57.06
C5B FAD N . -0.04 7.66 -58.47
C4B FAD N . -1.18 6.76 -58.90
O4B FAD N . -0.97 5.44 -58.40
C3B FAD N . -2.52 7.24 -58.35
O3B FAD N . -3.49 7.21 -59.39
C2B FAD N . -2.90 6.24 -57.29
O2B FAD N . -4.30 5.98 -57.30
C1B FAD N . -2.10 5.00 -57.64
N9A FAD N . -1.64 4.31 -56.42
C8A FAD N . -0.79 4.80 -55.49
N7A FAD N . -0.58 3.90 -54.49
C5A FAD N . -1.33 2.81 -54.78
C6A FAD N . -1.59 1.50 -54.14
N6A FAD N . -0.99 1.15 -52.97
N1A FAD N . -2.43 0.65 -54.78
C2A FAD N . -3.03 0.98 -55.94
N3A FAD N . -2.84 2.15 -56.56
C4A FAD N . -2.02 3.08 -56.04
N1 FAD N . -2.20 17.90 -50.92
C2 FAD N . -2.21 18.57 -49.74
O2 FAD N . -1.54 18.12 -48.78
N3 FAD N . -2.92 19.70 -49.54
C4 FAD N . -3.67 20.24 -50.51
O4 FAD N . -4.32 21.29 -50.32
C4X FAD N . -3.71 19.57 -51.84
N5 FAD N . -4.43 20.06 -52.86
C5X FAD N . -4.46 19.44 -54.06
C6 FAD N . -5.22 19.97 -55.10
C7 FAD N . -5.25 19.33 -56.33
C7M FAD N . -6.07 19.91 -57.45
C8 FAD N . -4.47 18.09 -56.55
C8M FAD N . -4.51 17.40 -57.89
C9 FAD N . -3.71 17.56 -55.52
C9A FAD N . -3.67 18.19 -54.27
N10 FAD N . -2.91 17.65 -53.22
C10 FAD N . -2.91 18.33 -51.98
C1' FAD N . -2.13 16.43 -53.39
C2' FAD N . -3.00 15.19 -53.18
O2' FAD N . -3.85 15.37 -52.04
C3' FAD N . -2.15 13.95 -52.99
O3' FAD N . -0.94 14.09 -53.74
C4' FAD N . -2.89 12.70 -53.43
O4' FAD N . -2.80 11.71 -52.41
C5' FAD N . -2.28 12.18 -54.71
O5' FAD N . -0.94 11.77 -54.45
P FAD N . 0.11 11.59 -55.65
O1P FAD N . 1.50 11.57 -55.08
O2P FAD N . -0.25 12.58 -56.73
O3P FAD N . -0.29 10.12 -56.14
N1A COA O . -9.54 8.67 -41.22
C2A COA O . -9.29 8.18 -39.99
N3A COA O . -8.22 7.42 -39.70
C4A COA O . -7.31 7.11 -40.65
C5A COA O . -7.51 7.61 -42.02
C6A COA O . -8.71 8.44 -42.26
N6A COA O . -8.98 8.94 -43.50
N7A COA O . -6.48 7.16 -42.75
C8A COA O . -5.68 6.44 -41.92
N9A COA O . -6.18 6.40 -40.67
C1B COA O . -5.56 5.71 -39.51
C2B COA O . -5.79 4.21 -39.57
O2B COA O . -6.89 3.83 -38.73
C3B COA O . -4.49 3.62 -39.06
O3B COA O . -4.60 3.44 -37.65
P3B COA O . -3.98 2.15 -36.91
O7A COA O . -4.63 0.97 -37.59
O8A COA O . -4.37 2.34 -35.46
O9A COA O . -2.49 2.29 -37.16
C4B COA O . -3.46 4.69 -39.35
O4B COA O . -4.15 5.91 -39.54
C5B COA O . -2.66 4.39 -40.61
O5B COA O . -2.54 2.99 -40.83
P1A COA O . -2.73 2.40 -42.31
O1A COA O . -3.77 3.24 -43.02
O2A COA O . -2.93 0.90 -42.19
O3A COA O . -1.30 2.69 -42.99
P2A COA O . -1.14 2.65 -44.59
O4A COA O . 0.34 2.54 -44.91
O5A COA O . -2.12 1.65 -45.16
O6A COA O . -1.62 4.13 -44.99
CBP COA O . -2.83 5.76 -46.26
CCP COA O . -2.26 4.35 -46.23
CDP COA O . -3.77 5.94 -45.08
CEP COA O . -1.69 6.76 -46.18
CAP COA O . -3.62 5.90 -47.56
OAP COA O . -4.76 5.03 -47.48
C9P COA O . -4.13 7.29 -47.79
O9P COA O . -5.17 7.67 -47.27
N8P COA O . -3.41 8.07 -48.60
C7P COA O . -3.83 9.42 -48.91
C6P COA O . -3.59 10.38 -47.74
C5P COA O . -4.46 11.60 -47.93
O5P COA O . -5.67 11.51 -47.80
N4P COA O . -3.83 12.73 -48.23
C3P COA O . -4.59 13.90 -48.60
C2P COA O . -3.71 15.12 -48.85
S1P COA O . -4.69 16.35 -49.73
PA FAD P . 7.19 -14.76 25.90
O1A FAD P . 7.42 -14.81 27.39
O2A FAD P . 8.33 -15.01 24.93
O5B FAD P . 6.00 -15.79 25.55
C5B FAD P . 5.99 -16.53 24.33
C4B FAD P . 4.65 -17.25 24.24
O4B FAD P . 4.61 -18.28 25.23
C3B FAD P . 3.50 -16.30 24.53
O3B FAD P . 2.49 -16.45 23.54
C2B FAD P . 2.96 -16.72 25.88
O2B FAD P . 1.53 -16.67 25.87
C1B FAD P . 3.46 -18.14 26.06
N9A FAD P . 3.83 -18.38 27.48
C8A FAD P . 4.75 -17.70 28.18
N7A FAD P . 4.84 -18.16 29.45
C5A FAD P . 3.95 -19.16 29.58
C6A FAD P . 3.53 -20.08 30.66
N6A FAD P . 4.09 -20.01 31.88
N1A FAD P . 2.56 -20.98 30.38
C2A FAD P . 2.00 -21.06 29.15
N3A FAD P . 2.33 -20.25 28.13
C4A FAD P . 3.28 -19.29 28.28
N1 FAD P . 6.63 -3.87 27.31
C2 FAD P . 6.80 -2.82 28.16
O2 FAD P . 7.44 -3.01 29.23
N3 FAD P . 6.32 -1.60 27.92
C4 FAD P . 5.63 -1.31 26.81
O4 FAD P . 5.18 -0.16 26.61
C4X FAD P . 5.39 -2.40 25.82
N5 FAD P . 4.70 -2.19 24.68
C5X FAD P . 4.51 -3.19 23.80
C6 FAD P . 3.80 -2.95 22.62
C7 FAD P . 3.59 -3.97 21.71
C7M FAD P . 2.82 -3.70 20.44
C8 FAD P . 4.13 -5.34 21.97
C8M FAD P . 3.90 -6.44 20.98
C9 FAD P . 4.83 -5.58 23.14
C9A FAD P . 5.05 -4.56 24.06
N10 FAD P . 5.77 -4.80 25.25
C10 FAD P . 5.96 -3.73 26.15
C1' FAD P . 6.31 -6.12 25.57
C2' FAD P . 5.25 -7.04 26.15
O2' FAD P . 4.49 -6.36 27.16
C3' FAD P . 5.89 -8.28 26.74
O3' FAD P . 7.01 -8.66 25.92
C4' FAD P . 4.90 -9.43 26.85
O4' FAD P . 4.17 -9.32 28.06
C5' FAD P . 5.65 -10.76 26.82
O5' FAD P . 6.22 -10.93 25.52
P FAD P . 7.34 -12.04 25.27
O1P FAD P . 8.38 -11.95 26.35
O2P FAD P . 7.73 -12.03 23.80
O3P FAD P . 6.48 -13.37 25.55
N1A COA Q . -1.87 -6.72 39.77
C2A COA Q . -1.65 -6.80 41.09
N3A COA Q . -0.71 -7.59 41.65
C4A COA Q . 0.08 -8.38 40.88
C5A COA Q . -0.10 -8.35 39.42
C6A COA Q . -1.15 -7.45 38.88
N6A COA Q . -1.38 -7.36 37.55
N7A COA Q . 0.80 -9.22 38.90
C8A COA Q . 1.49 -9.75 39.95
N9A COA Q . 1.07 -9.26 41.12
C1B COA Q . 1.58 -9.60 42.46
C2B COA Q . 0.91 -10.82 43.06
O2B COA Q . -0.22 -10.46 43.86
C3B COA Q . 1.97 -11.47 43.91
O3B COA Q . 1.74 -11.19 45.29
P3B COA Q . 2.30 -12.18 46.42
O7A COA Q . 1.99 -13.56 45.89
O8A COA Q . 1.53 -11.80 47.67
O9A COA Q . 3.78 -11.85 46.48
C4B COA Q . 3.29 -10.85 43.46
O4B COA Q . 2.98 -9.91 42.42
C5B COA Q . 4.26 -11.91 42.98
O5B COA Q . 3.88 -12.34 41.68
P1A COA Q . 3.82 -13.91 41.30
O1A COA Q . 2.56 -14.12 40.47
O2A COA Q . 4.05 -14.71 42.56
O3A COA Q . 5.10 -14.05 40.34
P2A COA Q . 5.16 -15.08 39.12
O4A COA Q . 6.58 -15.60 38.99
O5A COA Q . 4.01 -16.05 39.19
O6A COA Q . 4.91 -14.04 37.91
CBP COA Q . 3.50 -13.00 36.31
CCP COA Q . 4.01 -14.34 36.85
CDP COA Q . 2.62 -12.36 37.38
CEP COA Q . 4.68 -12.09 36.01
CAP COA Q . 2.68 -13.27 35.06
OAP COA Q . 1.43 -13.86 35.45
C9P COA Q . 2.41 -11.99 34.31
O9P COA Q . 1.53 -11.23 34.67
N8P COA Q . 3.16 -11.77 33.23
C7P COA Q . 2.99 -10.57 32.42
C6P COA Q . 3.59 -9.35 33.10
C5P COA Q . 3.08 -8.10 32.43
O5P COA Q . 1.88 -7.85 32.41
N4P COA Q . 3.98 -7.32 31.86
C3P COA Q . 3.58 -6.16 31.08
C2P COA Q . 4.74 -5.56 30.31
S1P COA Q . 4.06 -4.49 29.01
PA FAD R . -9.57 -38.72 35.27
O1A FAD R . -8.15 -39.18 35.49
O2A FAD R . -10.56 -38.71 36.41
O5B FAD R . -9.54 -37.27 34.59
C5B FAD R . -10.44 -36.25 34.99
C4B FAD R . -10.24 -35.06 34.07
O4B FAD R . -8.91 -34.55 34.24
C3B FAD R . -10.38 -35.47 32.61
O3B FAD R . -11.24 -34.56 31.93
C2B FAD R . -8.99 -35.37 32.03
O2B FAD R . -9.05 -34.82 30.71
C1B FAD R . -8.25 -34.45 32.98
N9A FAD R . -6.84 -34.87 33.11
C8A FAD R . -6.39 -36.03 33.63
N7A FAD R . -5.03 -36.09 33.59
C5A FAD R . -4.59 -34.95 33.02
C6A FAD R . -3.28 -34.36 32.69
N6A FAD R . -2.13 -35.04 32.95
N1A FAD R . -3.26 -33.14 32.11
C2A FAD R . -4.39 -32.46 31.86
N3A FAD R . -5.63 -32.93 32.14
C4A FAD R . -5.79 -34.15 32.71
N1 FAD R . -12.14 -48.38 30.77
C2 FAD R . -11.69 -49.61 30.41
O2 FAD R . -10.59 -49.99 30.84
N3 FAD R . -12.39 -50.42 29.59
C4 FAD R . -13.57 -50.09 29.07
O4 FAD R . -14.18 -50.87 28.32
C4X FAD R . -14.14 -48.75 29.42
N5 FAD R . -15.33 -48.33 28.95
C5X FAD R . -15.82 -47.12 29.29
C6 FAD R . -17.05 -46.70 28.79
C7 FAD R . -17.56 -45.45 29.13
C7M FAD R . -18.89 -45.01 28.59
C8 FAD R . -16.79 -44.55 30.03
C8M FAD R . -17.34 -43.20 30.40
C9 FAD R . -15.57 -44.96 30.54
C9A FAD R . -15.04 -46.21 30.20
N10 FAD R . -13.79 -46.64 30.70
C10 FAD R . -13.32 -47.91 30.32
C1' FAD R . -13.00 -45.78 31.58
C2' FAD R . -12.18 -44.79 30.75
O2' FAD R . -11.59 -45.45 29.64
C3' FAD R . -11.10 -44.12 31.59
O3' FAD R . -11.62 -43.83 32.90
C4' FAD R . -10.63 -42.84 30.93
O4' FAD R . -9.21 -42.86 30.79
C5' FAD R . -11.06 -41.65 31.77
O5' FAD R . -10.44 -41.79 33.05
P FAD R . -10.96 -40.95 34.31
O1P FAD R . -10.46 -41.61 35.56
O2P FAD R . -12.43 -40.67 34.13
O3P FAD R . -10.16 -39.59 34.06
N1A COA S . 0.11 -46.60 21.54
C2A COA S . 1.38 -47.05 21.54
N3A COA S . 2.22 -46.90 22.57
C4A COA S . 1.82 -46.28 23.71
C5A COA S . 0.45 -45.76 23.79
C6A COA S . -0.42 -45.96 22.61
N6A COA S . -1.70 -45.50 22.59
N7A COA S . 0.33 -45.20 25.01
C8A COA S . 1.52 -45.34 25.65
N9A COA S . 2.41 -45.99 24.87
C1B COA S . 3.80 -46.33 25.23
C2B COA S . 4.72 -45.13 25.06
O2B COA S . 5.38 -45.16 23.80
C3B COA S . 5.72 -45.28 26.19
O3B COA S . 6.77 -46.12 25.72
P3B COA S . 8.23 -45.54 25.37
O7A COA S . 7.94 -44.20 24.75
O8A COA S . 8.79 -46.57 24.41
O9A COA S . 8.93 -45.47 26.70
C4B COA S . 4.95 -46.01 27.27
O4B COA S . 3.89 -46.70 26.62
C5B COA S . 4.34 -45.06 28.28
O5B COA S . 5.21 -43.97 28.54
P1A COA S . 4.68 -42.47 28.28
O1A COA S . 3.32 -42.56 27.66
O2A COA S . 5.78 -41.74 27.55
O3A COA S . 4.62 -41.85 29.78
P2A COA S . 3.33 -41.82 30.75
O4A COA S . 3.52 -42.90 31.79
O5A COA S . 3.12 -40.39 31.18
O6A COA S . 2.04 -42.23 29.87
CBP COA S . -0.35 -42.53 29.51
CCP COA S . 0.75 -41.76 30.23
CDP COA S . 0.22 -43.18 28.25
CEP COA S . -0.92 -43.60 30.42
CAP COA S . -1.45 -41.54 29.13
OAP COA S . -0.93 -40.63 28.14
C9P COA S . -2.67 -42.20 28.58
O9P COA S . -2.71 -42.62 27.43
N8P COA S . -3.71 -42.31 29.41
C7P COA S . -4.92 -43.02 29.04
C6P COA S . -4.71 -44.52 29.01
C5P COA S . -5.82 -45.17 28.23
O5P COA S . -5.83 -45.10 27.00
N4P COA S . -6.76 -45.80 28.91
C3P COA S . -7.89 -46.39 28.22
C2P COA S . -8.86 -47.10 29.15
S1P COA S . -10.40 -47.40 28.26
#